data_1PRW
# 
_entry.id   1PRW 
# 
_audit_conform.dict_name       mmcif_pdbx.dic 
_audit_conform.dict_version    5.403 
_audit_conform.dict_location   http://mmcif.pdb.org/dictionaries/ascii/mmcif_pdbx.dic 
# 
loop_
_database_2.database_id 
_database_2.database_code 
_database_2.pdbx_database_accession 
_database_2.pdbx_DOI 
PDB   1PRW         pdb_00001prw 10.2210/pdb1prw/pdb 
RCSB  RCSB019531   ?            ?                   
WWPDB D_1000019531 ?            ?                   
# 
loop_
_pdbx_audit_revision_history.ordinal 
_pdbx_audit_revision_history.data_content_type 
_pdbx_audit_revision_history.major_revision 
_pdbx_audit_revision_history.minor_revision 
_pdbx_audit_revision_history.revision_date 
_pdbx_audit_revision_history.part_number 
1 'Structure model' 1 0 2003-10-10 ? 
2 'Structure model' 1 1 2008-04-29 ? 
3 'Structure model' 1 2 2011-07-13 ? 
4 'Structure model' 1 3 2025-03-26 ? 
# 
_pdbx_audit_revision_details.ordinal             1 
_pdbx_audit_revision_details.revision_ordinal    1 
_pdbx_audit_revision_details.data_content_type   'Structure model' 
_pdbx_audit_revision_details.provider            repository 
_pdbx_audit_revision_details.type                'Initial release' 
_pdbx_audit_revision_details.description         ? 
_pdbx_audit_revision_details.details             ? 
# 
loop_
_pdbx_audit_revision_group.ordinal 
_pdbx_audit_revision_group.revision_ordinal 
_pdbx_audit_revision_group.data_content_type 
_pdbx_audit_revision_group.group 
1 2 'Structure model' 'Version format compliance' 
2 3 'Structure model' 'Version format compliance' 
3 4 'Structure model' 'Data collection'           
4 4 'Structure model' 'Database references'       
5 4 'Structure model' 'Derived calculations'      
6 4 'Structure model' 'Structure summary'         
# 
loop_
_pdbx_audit_revision_category.ordinal 
_pdbx_audit_revision_category.revision_ordinal 
_pdbx_audit_revision_category.data_content_type 
_pdbx_audit_revision_category.category 
1  4 'Structure model' chem_comp_atom            
2  4 'Structure model' chem_comp_bond            
3  4 'Structure model' database_2                
4  4 'Structure model' pdbx_entry_details        
5  4 'Structure model' pdbx_modification_feature 
6  4 'Structure model' pdbx_struct_conn_angle    
7  4 'Structure model' struct_conn               
8  4 'Structure model' struct_conn_type          
9  4 'Structure model' struct_ref_seq_dif        
10 4 'Structure model' struct_site               
# 
loop_
_pdbx_audit_revision_item.ordinal 
_pdbx_audit_revision_item.revision_ordinal 
_pdbx_audit_revision_item.data_content_type 
_pdbx_audit_revision_item.item 
1  4 'Structure model' '_database_2.pdbx_DOI'                        
2  4 'Structure model' '_database_2.pdbx_database_accession'         
3  4 'Structure model' '_pdbx_struct_conn_angle.ptnr1_auth_comp_id'  
4  4 'Structure model' '_pdbx_struct_conn_angle.ptnr1_auth_seq_id'   
5  4 'Structure model' '_pdbx_struct_conn_angle.ptnr1_label_asym_id' 
6  4 'Structure model' '_pdbx_struct_conn_angle.ptnr1_label_atom_id' 
7  4 'Structure model' '_pdbx_struct_conn_angle.ptnr1_label_comp_id' 
8  4 'Structure model' '_pdbx_struct_conn_angle.ptnr1_label_seq_id'  
9  4 'Structure model' '_pdbx_struct_conn_angle.ptnr2_auth_seq_id'   
10 4 'Structure model' '_pdbx_struct_conn_angle.ptnr2_label_asym_id' 
11 4 'Structure model' '_pdbx_struct_conn_angle.ptnr3_auth_comp_id'  
12 4 'Structure model' '_pdbx_struct_conn_angle.ptnr3_auth_seq_id'   
13 4 'Structure model' '_pdbx_struct_conn_angle.ptnr3_label_asym_id' 
14 4 'Structure model' '_pdbx_struct_conn_angle.ptnr3_label_atom_id' 
15 4 'Structure model' '_pdbx_struct_conn_angle.ptnr3_label_comp_id' 
16 4 'Structure model' '_pdbx_struct_conn_angle.ptnr3_label_seq_id'  
17 4 'Structure model' '_pdbx_struct_conn_angle.value'               
18 4 'Structure model' '_struct_conn.conn_type_id'                   
19 4 'Structure model' '_struct_conn.id'                             
20 4 'Structure model' '_struct_conn.pdbx_dist_value'                
21 4 'Structure model' '_struct_conn.pdbx_leaving_atom_flag'         
22 4 'Structure model' '_struct_conn.ptnr1_auth_comp_id'             
23 4 'Structure model' '_struct_conn.ptnr1_auth_seq_id'              
24 4 'Structure model' '_struct_conn.ptnr1_label_asym_id'            
25 4 'Structure model' '_struct_conn.ptnr1_label_atom_id'            
26 4 'Structure model' '_struct_conn.ptnr1_label_comp_id'            
27 4 'Structure model' '_struct_conn.ptnr1_label_seq_id'             
28 4 'Structure model' '_struct_conn.ptnr2_auth_comp_id'             
29 4 'Structure model' '_struct_conn.ptnr2_auth_seq_id'              
30 4 'Structure model' '_struct_conn.ptnr2_label_asym_id'            
31 4 'Structure model' '_struct_conn.ptnr2_label_atom_id'            
32 4 'Structure model' '_struct_conn.ptnr2_label_comp_id'            
33 4 'Structure model' '_struct_conn.ptnr2_label_seq_id'             
34 4 'Structure model' '_struct_conn_type.id'                        
35 4 'Structure model' '_struct_ref_seq_dif.details'                 
36 4 'Structure model' '_struct_site.pdbx_auth_asym_id'              
37 4 'Structure model' '_struct_site.pdbx_auth_comp_id'              
38 4 'Structure model' '_struct_site.pdbx_auth_seq_id'               
# 
_pdbx_database_status.status_code                     REL 
_pdbx_database_status.entry_id                        1PRW 
_pdbx_database_status.recvd_initial_deposition_date   2003-06-20 
_pdbx_database_status.deposit_site                    RCSB 
_pdbx_database_status.process_site                    RCSB 
_pdbx_database_status.status_code_sf                  REL 
_pdbx_database_status.SG_entry                        . 
_pdbx_database_status.pdb_format_compatible           Y 
_pdbx_database_status.status_code_mr                  ? 
_pdbx_database_status.status_code_cs                  ? 
_pdbx_database_status.status_code_nmr_data            ? 
_pdbx_database_status.methods_development_category    ? 
# 
loop_
_pdbx_database_related.db_name 
_pdbx_database_related.db_id 
_pdbx_database_related.details 
_pdbx_database_related.content_type 
PDB 1CLN 'Ca++ calmodulin, extended form'        unspecified 
PDB 1CDL 'Ca++ calmodulin smMLCK target complex' unspecified 
PDB 1CDM 'Ca++ calmodulin CaM-KII target comlex' unspecified 
# 
loop_
_audit_author.name 
_audit_author.pdbx_ordinal 
'Fallon, J.L.'  1 
'Quiocho, F.A.' 2 
# 
loop_
_citation.id 
_citation.title 
_citation.journal_abbrev 
_citation.journal_volume 
_citation.page_first 
_citation.page_last 
_citation.year 
_citation.journal_id_ASTM 
_citation.country 
_citation.journal_id_ISSN 
_citation.journal_id_CSD 
_citation.book_publisher 
_citation.pdbx_database_id_PubMed 
_citation.pdbx_database_id_DOI 
primary 'A closed compact structure of native ca(2+)-calmodulin.'                                         Structure        11  
1303 1307 2003 STRUE6 UK 0969-2126 2005 ? 14527397 10.1016/j.str.2003.09.004 
1       'Man bites dog'                                                                                   Nat.Struct.Biol. 9   156 
158  2002 NSBIEW US 1072-8368 2024 ? ?        10.1038/nsb0302-156       
2       'X-ray analysis reveals conformational adaptation of the linker in functional calmodulin mutants' Nat.Struct.Biol. 2   943 
945  1995 NSBIEW US 1072-8368 2024 ? ?        ?                         
3       'Modulation of calmodulin plasticity in molecular recognition on the basis of x-ray structures'   Science          262 
1718 1721 1993 SCIEAS US 0036-8075 0038 ? ?        ?                         
4       'Target enzyme recognition by calmodulin: 2.4 A structure of a calmodulin-peptide complex'        Science          257 
1251 1255 1992 SCIEAS US 0036-8075 0038 ? ?        ?                         
5       'Calmodulin structure refined at 1.7 A resolution'                                                J.Mol.Biol.      228 
1177 1192 1992 JMOBAK UK 0022-2836 0070 ? ?        ?                         
# 
loop_
_citation_author.citation_id 
_citation_author.name 
_citation_author.ordinal 
_citation_author.identifier_ORCID 
primary 'Fallon, J.L.'       1  ? 
primary 'Quiocho, F.A.'      2  ? 
1       'Meador, W.E.'       3  ? 
1       'Quiocho, F.A.'      4  ? 
2       'Meador, W.E.'       5  ? 
2       'George, S.E.'       6  ? 
2       'Means, A.R.'        7  ? 
2       'Quiocho, F.A.'      8  ? 
3       'Meador, W.E.'       9  ? 
3       'Means, A.R.'        10 ? 
3       'Quiocho, F.A.'      11 ? 
4       'Meador, W.E.'       12 ? 
4       'Means, A.R.'        13 ? 
4       'Quiocho, F.A.'      14 ? 
5       'Chattopadhyaya, R.' 15 ? 
5       'Meador, W.E.'       16 ? 
5       'Means, A.R.'        17 ? 
5       'Quiocho, F.A.'      18 ? 
# 
loop_
_entity.id 
_entity.type 
_entity.src_method 
_entity.pdbx_description 
_entity.formula_weight 
_entity.pdbx_number_of_molecules 
_entity.pdbx_ec 
_entity.pdbx_mutation 
_entity.pdbx_fragment 
_entity.details 
1 polymer     nat Calmodulin    16789.467 1   ? ? ? ? 
2 non-polymer syn 'CALCIUM ION' 40.078    4   ? ? ? ? 
3 water       nat water         18.015    172 ? ? ? ? 
# 
_entity_poly.entity_id                      1 
_entity_poly.type                           'polypeptide(L)' 
_entity_poly.nstd_linkage                   no 
_entity_poly.nstd_monomer                   yes 
_entity_poly.pdbx_seq_one_letter_code       
;(ACE)ADQLTEEQIAEFKEAFSLFDKDGDGTITTKELGTVMRSLGQNPTEAELQDMINEVDADGNGTIDFPEFLTMMARK
MKDTDSEEEIREAFRVFDKDGNGYISAAELRHVMTNLGE(M3L)LTDEEVDEMIREADIDGDGQVNYEEFVQMMTAK
;
_entity_poly.pdbx_seq_one_letter_code_can   
;XADQLTEEQIAEFKEAFSLFDKDGDGTITTKELGTVMRSLGQNPTEAELQDMINEVDADGNGTIDFPEFLTMMARKMKDT
DSEEEIREAFRVFDKDGNGYISAAELRHVMTNLGEKLTDEEVDEMIREADIDGDGQVNYEEFVQMMTAK
;
_entity_poly.pdbx_strand_id                 A 
_entity_poly.pdbx_target_identifier         ? 
# 
loop_
_pdbx_entity_nonpoly.entity_id 
_pdbx_entity_nonpoly.name 
_pdbx_entity_nonpoly.comp_id 
2 'CALCIUM ION' CA  
3 water         HOH 
# 
loop_
_entity_poly_seq.entity_id 
_entity_poly_seq.num 
_entity_poly_seq.mon_id 
_entity_poly_seq.hetero 
1 1   ACE n 
1 2   ALA n 
1 3   ASP n 
1 4   GLN n 
1 5   LEU n 
1 6   THR n 
1 7   GLU n 
1 8   GLU n 
1 9   GLN n 
1 10  ILE n 
1 11  ALA n 
1 12  GLU n 
1 13  PHE n 
1 14  LYS n 
1 15  GLU n 
1 16  ALA n 
1 17  PHE n 
1 18  SER n 
1 19  LEU n 
1 20  PHE n 
1 21  ASP n 
1 22  LYS n 
1 23  ASP n 
1 24  GLY n 
1 25  ASP n 
1 26  GLY n 
1 27  THR n 
1 28  ILE n 
1 29  THR n 
1 30  THR n 
1 31  LYS n 
1 32  GLU n 
1 33  LEU n 
1 34  GLY n 
1 35  THR n 
1 36  VAL n 
1 37  MET n 
1 38  ARG n 
1 39  SER n 
1 40  LEU n 
1 41  GLY n 
1 42  GLN n 
1 43  ASN n 
1 44  PRO n 
1 45  THR n 
1 46  GLU n 
1 47  ALA n 
1 48  GLU n 
1 49  LEU n 
1 50  GLN n 
1 51  ASP n 
1 52  MET n 
1 53  ILE n 
1 54  ASN n 
1 55  GLU n 
1 56  VAL n 
1 57  ASP n 
1 58  ALA n 
1 59  ASP n 
1 60  GLY n 
1 61  ASN n 
1 62  GLY n 
1 63  THR n 
1 64  ILE n 
1 65  ASP n 
1 66  PHE n 
1 67  PRO n 
1 68  GLU n 
1 69  PHE n 
1 70  LEU n 
1 71  THR n 
1 72  MET n 
1 73  MET n 
1 74  ALA n 
1 75  ARG n 
1 76  LYS n 
1 77  MET n 
1 78  LYS n 
1 79  ASP n 
1 80  THR n 
1 81  ASP n 
1 82  SER n 
1 83  GLU n 
1 84  GLU n 
1 85  GLU n 
1 86  ILE n 
1 87  ARG n 
1 88  GLU n 
1 89  ALA n 
1 90  PHE n 
1 91  ARG n 
1 92  VAL n 
1 93  PHE n 
1 94  ASP n 
1 95  LYS n 
1 96  ASP n 
1 97  GLY n 
1 98  ASN n 
1 99  GLY n 
1 100 TYR n 
1 101 ILE n 
1 102 SER n 
1 103 ALA n 
1 104 ALA n 
1 105 GLU n 
1 106 LEU n 
1 107 ARG n 
1 108 HIS n 
1 109 VAL n 
1 110 MET n 
1 111 THR n 
1 112 ASN n 
1 113 LEU n 
1 114 GLY n 
1 115 GLU n 
1 116 M3L n 
1 117 LEU n 
1 118 THR n 
1 119 ASP n 
1 120 GLU n 
1 121 GLU n 
1 122 VAL n 
1 123 ASP n 
1 124 GLU n 
1 125 MET n 
1 126 ILE n 
1 127 ARG n 
1 128 GLU n 
1 129 ALA n 
1 130 ASP n 
1 131 ILE n 
1 132 ASP n 
1 133 GLY n 
1 134 ASP n 
1 135 GLY n 
1 136 GLN n 
1 137 VAL n 
1 138 ASN n 
1 139 TYR n 
1 140 GLU n 
1 141 GLU n 
1 142 PHE n 
1 143 VAL n 
1 144 GLN n 
1 145 MET n 
1 146 MET n 
1 147 THR n 
1 148 ALA n 
1 149 LYS n 
# 
_entity_src_nat.entity_id                  1 
_entity_src_nat.pdbx_src_id                1 
_entity_src_nat.pdbx_alt_source_flag       sample 
_entity_src_nat.pdbx_beg_seq_num           ? 
_entity_src_nat.pdbx_end_seq_num           ? 
_entity_src_nat.common_name                cattle 
_entity_src_nat.pdbx_organism_scientific   'Bos taurus' 
_entity_src_nat.pdbx_ncbi_taxonomy_id      9913 
_entity_src_nat.genus                      Bos 
_entity_src_nat.species                    ? 
_entity_src_nat.strain                     ? 
_entity_src_nat.tissue                     ? 
_entity_src_nat.tissue_fraction            ? 
_entity_src_nat.pdbx_secretion             ? 
_entity_src_nat.pdbx_fragment              ? 
_entity_src_nat.pdbx_variant               ? 
_entity_src_nat.pdbx_cell_line             ? 
_entity_src_nat.pdbx_atcc                  ? 
_entity_src_nat.pdbx_cellular_location     ? 
_entity_src_nat.pdbx_organ                 ? 
_entity_src_nat.pdbx_organelle             ? 
_entity_src_nat.pdbx_cell                  ? 
_entity_src_nat.pdbx_plasmid_name          ? 
_entity_src_nat.pdbx_plasmid_details       ? 
_entity_src_nat.details                    ? 
# 
loop_
_chem_comp.id 
_chem_comp.type 
_chem_comp.mon_nstd_flag 
_chem_comp.name 
_chem_comp.pdbx_synonyms 
_chem_comp.formula 
_chem_comp.formula_weight 
ACE non-polymer         . 'ACETYL GROUP'    ? 'C2 H4 O'        44.053  
ALA 'L-peptide linking' y ALANINE           ? 'C3 H7 N O2'     89.093  
ARG 'L-peptide linking' y ARGININE          ? 'C6 H15 N4 O2 1' 175.209 
ASN 'L-peptide linking' y ASPARAGINE        ? 'C4 H8 N2 O3'    132.118 
ASP 'L-peptide linking' y 'ASPARTIC ACID'   ? 'C4 H7 N O4'     133.103 
CA  non-polymer         . 'CALCIUM ION'     ? 'Ca 2'           40.078  
GLN 'L-peptide linking' y GLUTAMINE         ? 'C5 H10 N2 O3'   146.144 
GLU 'L-peptide linking' y 'GLUTAMIC ACID'   ? 'C5 H9 N O4'     147.129 
GLY 'peptide linking'   y GLYCINE           ? 'C2 H5 N O2'     75.067  
HIS 'L-peptide linking' y HISTIDINE         ? 'C6 H10 N3 O2 1' 156.162 
HOH non-polymer         . WATER             ? 'H2 O'           18.015  
ILE 'L-peptide linking' y ISOLEUCINE        ? 'C6 H13 N O2'    131.173 
LEU 'L-peptide linking' y LEUCINE           ? 'C6 H13 N O2'    131.173 
LYS 'L-peptide linking' y LYSINE            ? 'C6 H15 N2 O2 1' 147.195 
M3L 'L-peptide linking' n N-TRIMETHYLLYSINE ? 'C9 H21 N2 O2 1' 189.275 
MET 'L-peptide linking' y METHIONINE        ? 'C5 H11 N O2 S'  149.211 
PHE 'L-peptide linking' y PHENYLALANINE     ? 'C9 H11 N O2'    165.189 
PRO 'L-peptide linking' y PROLINE           ? 'C5 H9 N O2'     115.130 
SER 'L-peptide linking' y SERINE            ? 'C3 H7 N O3'     105.093 
THR 'L-peptide linking' y THREONINE         ? 'C4 H9 N O3'     119.119 
TYR 'L-peptide linking' y TYROSINE          ? 'C9 H11 N O3'    181.189 
VAL 'L-peptide linking' y VALINE            ? 'C5 H11 N O2'    117.146 
# 
loop_
_pdbx_poly_seq_scheme.asym_id 
_pdbx_poly_seq_scheme.entity_id 
_pdbx_poly_seq_scheme.seq_id 
_pdbx_poly_seq_scheme.mon_id 
_pdbx_poly_seq_scheme.ndb_seq_num 
_pdbx_poly_seq_scheme.pdb_seq_num 
_pdbx_poly_seq_scheme.auth_seq_num 
_pdbx_poly_seq_scheme.pdb_mon_id 
_pdbx_poly_seq_scheme.auth_mon_id 
_pdbx_poly_seq_scheme.pdb_strand_id 
_pdbx_poly_seq_scheme.pdb_ins_code 
_pdbx_poly_seq_scheme.hetero 
A 1 1   ACE 1   0   1   ACE ACE A . n 
A 1 2   ALA 2   1   1   ALA ACE A . n 
A 1 3   ASP 3   2   2   ASP ASP A . n 
A 1 4   GLN 4   3   3   GLN GLN A . n 
A 1 5   LEU 5   4   4   LEU LEU A . n 
A 1 6   THR 6   5   5   THR THR A . n 
A 1 7   GLU 7   6   6   GLU GLU A . n 
A 1 8   GLU 8   7   7   GLU GLU A . n 
A 1 9   GLN 9   8   8   GLN GLN A . n 
A 1 10  ILE 10  9   9   ILE ILE A . n 
A 1 11  ALA 11  10  10  ALA ALA A . n 
A 1 12  GLU 12  11  11  GLU GLU A . n 
A 1 13  PHE 13  12  12  PHE PHE A . n 
A 1 14  LYS 14  13  13  LYS LYS A . n 
A 1 15  GLU 15  14  14  GLU GLU A . n 
A 1 16  ALA 16  15  15  ALA ALA A . n 
A 1 17  PHE 17  16  16  PHE PHE A . n 
A 1 18  SER 18  17  17  SER SER A . n 
A 1 19  LEU 19  18  18  LEU LEU A . n 
A 1 20  PHE 20  19  19  PHE PHE A . n 
A 1 21  ASP 21  20  20  ASP ASP A . n 
A 1 22  LYS 22  21  21  LYS LYS A . n 
A 1 23  ASP 23  22  22  ASP ASP A . n 
A 1 24  GLY 24  23  23  GLY GLY A . n 
A 1 25  ASP 25  24  24  ASP ASP A . n 
A 1 26  GLY 26  25  25  GLY GLY A . n 
A 1 27  THR 27  26  26  THR THR A . n 
A 1 28  ILE 28  27  27  ILE ILE A . n 
A 1 29  THR 29  28  28  THR THR A . n 
A 1 30  THR 30  29  29  THR THR A . n 
A 1 31  LYS 31  30  30  LYS LYS A . n 
A 1 32  GLU 32  31  31  GLU GLU A . n 
A 1 33  LEU 33  32  32  LEU LEU A . n 
A 1 34  GLY 34  33  33  GLY GLY A . n 
A 1 35  THR 35  34  34  THR THR A . n 
A 1 36  VAL 36  35  35  VAL VAL A . n 
A 1 37  MET 37  36  36  MET MET A . n 
A 1 38  ARG 38  37  37  ARG ARG A . n 
A 1 39  SER 39  38  38  SER SER A . n 
A 1 40  LEU 40  39  39  LEU LEU A . n 
A 1 41  GLY 41  40  40  GLY GLY A . n 
A 1 42  GLN 42  41  41  GLN GLN A . n 
A 1 43  ASN 43  42  42  ASN ASN A . n 
A 1 44  PRO 44  43  43  PRO PRO A . n 
A 1 45  THR 45  44  44  THR THR A . n 
A 1 46  GLU 46  45  45  GLU GLU A . n 
A 1 47  ALA 47  46  46  ALA ALA A . n 
A 1 48  GLU 48  47  47  GLU GLU A . n 
A 1 49  LEU 49  48  48  LEU LEU A . n 
A 1 50  GLN 50  49  49  GLN GLN A . n 
A 1 51  ASP 51  50  50  ASP ASP A . n 
A 1 52  MET 52  51  51  MET MET A . n 
A 1 53  ILE 53  52  52  ILE ILE A . n 
A 1 54  ASN 54  53  53  ASN ASN A . n 
A 1 55  GLU 55  54  54  GLU GLU A . n 
A 1 56  VAL 56  55  55  VAL VAL A . n 
A 1 57  ASP 57  56  56  ASP ASP A . n 
A 1 58  ALA 58  57  57  ALA ALA A . n 
A 1 59  ASP 59  58  58  ASP ASP A . n 
A 1 60  GLY 60  59  59  GLY GLY A . n 
A 1 61  ASN 61  60  60  ASN ASN A . n 
A 1 62  GLY 62  61  61  GLY GLY A . n 
A 1 63  THR 63  62  62  THR THR A . n 
A 1 64  ILE 64  63  63  ILE ILE A . n 
A 1 65  ASP 65  64  64  ASP ASP A . n 
A 1 66  PHE 66  65  65  PHE PHE A . n 
A 1 67  PRO 67  66  66  PRO PRO A . n 
A 1 68  GLU 68  67  67  GLU GLU A . n 
A 1 69  PHE 69  68  68  PHE PHE A . n 
A 1 70  LEU 70  69  69  LEU LEU A . n 
A 1 71  THR 71  70  70  THR THR A . n 
A 1 72  MET 72  71  71  MET MET A . n 
A 1 73  MET 73  72  72  MET MET A . n 
A 1 74  ALA 74  73  73  ALA ALA A . n 
A 1 75  ARG 75  74  74  ARG ARG A . n 
A 1 76  LYS 76  75  75  LYS LYS A . n 
A 1 77  MET 77  76  76  MET MET A . n 
A 1 78  LYS 78  77  77  LYS LYS A . n 
A 1 79  ASP 79  78  78  ASP ASP A . n 
A 1 80  THR 80  79  79  THR THR A . n 
A 1 81  ASP 81  80  80  ASP ASP A . n 
A 1 82  SER 82  81  81  SER SER A . n 
A 1 83  GLU 83  82  82  GLU GLU A . n 
A 1 84  GLU 84  83  83  GLU GLU A . n 
A 1 85  GLU 85  84  84  GLU GLU A . n 
A 1 86  ILE 86  85  85  ILE ILE A . n 
A 1 87  ARG 87  86  86  ARG ARG A . n 
A 1 88  GLU 88  87  87  GLU GLU A . n 
A 1 89  ALA 89  88  88  ALA ALA A . n 
A 1 90  PHE 90  89  89  PHE PHE A . n 
A 1 91  ARG 91  90  90  ARG ARG A . n 
A 1 92  VAL 92  91  91  VAL VAL A . n 
A 1 93  PHE 93  92  92  PHE PHE A . n 
A 1 94  ASP 94  93  93  ASP ASP A . n 
A 1 95  LYS 95  94  94  LYS LYS A . n 
A 1 96  ASP 96  95  95  ASP ASP A . n 
A 1 97  GLY 97  96  96  GLY GLY A . n 
A 1 98  ASN 98  97  97  ASN ASN A . n 
A 1 99  GLY 99  98  98  GLY GLY A . n 
A 1 100 TYR 100 99  99  TYR TYR A . n 
A 1 101 ILE 101 100 100 ILE ILE A . n 
A 1 102 SER 102 101 101 SER SER A . n 
A 1 103 ALA 103 102 102 ALA ALA A . n 
A 1 104 ALA 104 103 103 ALA ALA A . n 
A 1 105 GLU 105 104 104 GLU GLU A . n 
A 1 106 LEU 106 105 105 LEU LEU A . n 
A 1 107 ARG 107 106 106 ARG ARG A . n 
A 1 108 HIS 108 107 107 HIS HIS A . n 
A 1 109 VAL 109 108 108 VAL VAL A . n 
A 1 110 MET 110 109 109 MET MET A . n 
A 1 111 THR 111 110 110 THR THR A . n 
A 1 112 ASN 112 111 111 ASN ASN A . n 
A 1 113 LEU 113 112 112 LEU LEU A . n 
A 1 114 GLY 114 113 113 GLY GLY A . n 
A 1 115 GLU 115 114 114 GLU GLU A . n 
A 1 116 M3L 116 115 115 M3L TML A . n 
A 1 117 LEU 117 116 116 LEU LEU A . n 
A 1 118 THR 118 117 117 THR THR A . n 
A 1 119 ASP 119 118 118 ASP ASP A . n 
A 1 120 GLU 120 119 119 GLU GLU A . n 
A 1 121 GLU 121 120 120 GLU GLU A . n 
A 1 122 VAL 122 121 121 VAL VAL A . n 
A 1 123 ASP 123 122 122 ASP ASP A . n 
A 1 124 GLU 124 123 123 GLU GLU A . n 
A 1 125 MET 125 124 124 MET MET A . n 
A 1 126 ILE 126 125 125 ILE ILE A . n 
A 1 127 ARG 127 126 126 ARG ARG A . n 
A 1 128 GLU 128 127 127 GLU GLU A . n 
A 1 129 ALA 129 128 128 ALA ALA A . n 
A 1 130 ASP 130 129 129 ASP ASP A . n 
A 1 131 ILE 131 130 130 ILE ILE A . n 
A 1 132 ASP 132 131 131 ASP ASP A . n 
A 1 133 GLY 133 132 132 GLY GLY A . n 
A 1 134 ASP 134 133 133 ASP ASP A . n 
A 1 135 GLY 135 134 134 GLY GLY A . n 
A 1 136 GLN 136 135 135 GLN GLN A . n 
A 1 137 VAL 137 136 136 VAL VAL A . n 
A 1 138 ASN 138 137 137 ASN ASN A . n 
A 1 139 TYR 139 138 138 TYR TYR A . n 
A 1 140 GLU 140 139 139 GLU GLU A . n 
A 1 141 GLU 141 140 140 GLU GLU A . n 
A 1 142 PHE 142 141 141 PHE PHE A . n 
A 1 143 VAL 143 142 142 VAL VAL A . n 
A 1 144 GLN 144 143 143 GLN GLN A . n 
A 1 145 MET 145 144 144 MET MET A . n 
A 1 146 MET 146 145 145 MET MET A . n 
A 1 147 THR 147 146 146 THR THR A . n 
A 1 148 ALA 148 147 147 ALA ALA A . n 
A 1 149 LYS 149 148 148 LYS LYS A . n 
# 
loop_
_pdbx_nonpoly_scheme.asym_id 
_pdbx_nonpoly_scheme.entity_id 
_pdbx_nonpoly_scheme.mon_id 
_pdbx_nonpoly_scheme.ndb_seq_num 
_pdbx_nonpoly_scheme.pdb_seq_num 
_pdbx_nonpoly_scheme.auth_seq_num 
_pdbx_nonpoly_scheme.pdb_mon_id 
_pdbx_nonpoly_scheme.auth_mon_id 
_pdbx_nonpoly_scheme.pdb_strand_id 
_pdbx_nonpoly_scheme.pdb_ins_code 
B 2 CA  1   377 377 CA  CA2 A . 
C 2 CA  1   378 378 CA  CA2 A . 
D 2 CA  1   379 379 CA  CA2 A . 
E 2 CA  1   380 380 CA  CA2 A . 
F 3 HOH 1   150 150 HOH TIP A . 
F 3 HOH 2   151 151 HOH HOH A . 
F 3 HOH 3   152 152 HOH HOH A . 
F 3 HOH 4   153 153 HOH HOH A . 
F 3 HOH 5   154 154 HOH HOH A . 
F 3 HOH 6   155 155 HOH HOH A . 
F 3 HOH 7   156 156 HOH HOH A . 
F 3 HOH 8   157 157 HOH HOH A . 
F 3 HOH 9   158 158 HOH HOH A . 
F 3 HOH 10  159 159 HOH HOH A . 
F 3 HOH 11  160 160 HOH HOH A . 
F 3 HOH 12  161 161 HOH HOH A . 
F 3 HOH 13  162 162 HOH HOH A . 
F 3 HOH 14  164 164 HOH HOH A . 
F 3 HOH 15  165 165 HOH HOH A . 
F 3 HOH 16  166 166 HOH HOH A . 
F 3 HOH 17  167 167 HOH HOH A . 
F 3 HOH 18  168 168 HOH HOH A . 
F 3 HOH 19  169 169 HOH HOH A . 
F 3 HOH 20  170 170 HOH HOH A . 
F 3 HOH 21  172 172 HOH HOH A . 
F 3 HOH 22  173 173 HOH HOH A . 
F 3 HOH 23  174 174 HOH HOH A . 
F 3 HOH 24  175 175 HOH HOH A . 
F 3 HOH 25  176 176 HOH HOH A . 
F 3 HOH 26  178 178 HOH HOH A . 
F 3 HOH 27  179 179 HOH HOH A . 
F 3 HOH 28  180 180 HOH HOH A . 
F 3 HOH 29  181 181 HOH HOH A . 
F 3 HOH 30  182 182 HOH HOH A . 
F 3 HOH 31  183 183 HOH HOH A . 
F 3 HOH 32  184 184 HOH HOH A . 
F 3 HOH 33  185 185 HOH HOH A . 
F 3 HOH 34  186 186 HOH HOH A . 
F 3 HOH 35  187 187 HOH HOH A . 
F 3 HOH 36  188 188 HOH HOH A . 
F 3 HOH 37  189 189 HOH HOH A . 
F 3 HOH 38  190 190 HOH HOH A . 
F 3 HOH 39  191 191 HOH HOH A . 
F 3 HOH 40  192 192 HOH HOH A . 
F 3 HOH 41  193 193 HOH HOH A . 
F 3 HOH 42  194 194 HOH HOH A . 
F 3 HOH 43  195 195 HOH HOH A . 
F 3 HOH 44  196 196 HOH HOH A . 
F 3 HOH 45  197 197 HOH HOH A . 
F 3 HOH 46  198 198 HOH HOH A . 
F 3 HOH 47  199 199 HOH HOH A . 
F 3 HOH 48  200 200 HOH HOH A . 
F 3 HOH 49  202 202 HOH HOH A . 
F 3 HOH 50  203 203 HOH HOH A . 
F 3 HOH 51  205 205 HOH HOH A . 
F 3 HOH 52  207 207 HOH HOH A . 
F 3 HOH 53  208 208 HOH HOH A . 
F 3 HOH 54  209 209 HOH HOH A . 
F 3 HOH 55  210 210 HOH HOH A . 
F 3 HOH 56  211 211 HOH HOH A . 
F 3 HOH 57  214 214 HOH HOH A . 
F 3 HOH 58  218 218 HOH HOH A . 
F 3 HOH 59  219 219 HOH HOH A . 
F 3 HOH 60  220 220 HOH HOH A . 
F 3 HOH 61  221 221 HOH HOH A . 
F 3 HOH 62  223 223 HOH HOH A . 
F 3 HOH 63  224 224 HOH HOH A . 
F 3 HOH 64  225 225 HOH HOH A . 
F 3 HOH 65  226 226 HOH HOH A . 
F 3 HOH 66  227 227 HOH HOH A . 
F 3 HOH 67  228 228 HOH HOH A . 
F 3 HOH 68  229 229 HOH HOH A . 
F 3 HOH 69  230 230 HOH HOH A . 
F 3 HOH 70  232 232 HOH HOH A . 
F 3 HOH 71  233 233 HOH HOH A . 
F 3 HOH 72  234 234 HOH HOH A . 
F 3 HOH 73  235 235 HOH HOH A . 
F 3 HOH 74  236 236 HOH HOH A . 
F 3 HOH 75  237 237 HOH HOH A . 
F 3 HOH 76  239 239 HOH HOH A . 
F 3 HOH 77  240 240 HOH HOH A . 
F 3 HOH 78  241 241 HOH HOH A . 
F 3 HOH 79  242 242 HOH HOH A . 
F 3 HOH 80  243 243 HOH HOH A . 
F 3 HOH 81  244 244 HOH HOH A . 
F 3 HOH 82  246 246 HOH HOH A . 
F 3 HOH 83  247 247 HOH HOH A . 
F 3 HOH 84  248 248 HOH HOH A . 
F 3 HOH 85  249 249 HOH HOH A . 
F 3 HOH 86  250 250 HOH HOH A . 
F 3 HOH 87  251 251 HOH HOH A . 
F 3 HOH 88  252 252 HOH HOH A . 
F 3 HOH 89  253 253 HOH HOH A . 
F 3 HOH 90  254 254 HOH HOH A . 
F 3 HOH 91  256 256 HOH HOH A . 
F 3 HOH 92  257 257 HOH HOH A . 
F 3 HOH 93  258 258 HOH HOH A . 
F 3 HOH 94  259 259 HOH HOH A . 
F 3 HOH 95  260 260 HOH HOH A . 
F 3 HOH 96  262 262 HOH HOH A . 
F 3 HOH 97  263 263 HOH HOH A . 
F 3 HOH 98  264 264 HOH HOH A . 
F 3 HOH 99  267 267 HOH HOH A . 
F 3 HOH 100 268 268 HOH HOH A . 
F 3 HOH 101 270 270 HOH HOH A . 
F 3 HOH 102 272 272 HOH HOH A . 
F 3 HOH 103 273 273 HOH HOH A . 
F 3 HOH 104 274 274 HOH HOH A . 
F 3 HOH 105 275 275 HOH HOH A . 
F 3 HOH 106 276 276 HOH HOH A . 
F 3 HOH 107 277 277 HOH HOH A . 
F 3 HOH 108 279 279 HOH HOH A . 
F 3 HOH 109 280 280 HOH HOH A . 
F 3 HOH 110 281 281 HOH HOH A . 
F 3 HOH 111 282 282 HOH HOH A . 
F 3 HOH 112 283 283 HOH HOH A . 
F 3 HOH 113 284 284 HOH HOH A . 
F 3 HOH 114 285 285 HOH HOH A . 
F 3 HOH 115 286 286 HOH HOH A . 
F 3 HOH 116 287 287 HOH HOH A . 
F 3 HOH 117 288 288 HOH HOH A . 
F 3 HOH 118 289 289 HOH HOH A . 
F 3 HOH 119 291 291 HOH HOH A . 
F 3 HOH 120 293 293 HOH HOH A . 
F 3 HOH 121 295 295 HOH HOH A . 
F 3 HOH 122 296 296 HOH HOH A . 
F 3 HOH 123 297 297 HOH HOH A . 
F 3 HOH 124 298 298 HOH HOH A . 
F 3 HOH 125 300 300 HOH HOH A . 
F 3 HOH 126 302 302 HOH HOH A . 
F 3 HOH 127 303 303 HOH HOH A . 
F 3 HOH 128 305 305 HOH HOH A . 
F 3 HOH 129 306 306 HOH HOH A . 
F 3 HOH 130 307 307 HOH HOH A . 
F 3 HOH 131 310 310 HOH HOH A . 
F 3 HOH 132 311 311 HOH HOH A . 
F 3 HOH 133 312 312 HOH HOH A . 
F 3 HOH 134 313 313 HOH HOH A . 
F 3 HOH 135 314 314 HOH HOH A . 
F 3 HOH 136 316 316 HOH HOH A . 
F 3 HOH 137 317 317 HOH HOH A . 
F 3 HOH 138 320 320 HOH HOH A . 
F 3 HOH 139 321 321 HOH HOH A . 
F 3 HOH 140 323 323 HOH HOH A . 
F 3 HOH 141 325 325 HOH HOH A . 
F 3 HOH 142 327 327 HOH HOH A . 
F 3 HOH 143 328 328 HOH HOH A . 
F 3 HOH 144 329 329 HOH HOH A . 
F 3 HOH 145 330 330 HOH HOH A . 
F 3 HOH 146 333 333 HOH HOH A . 
F 3 HOH 147 334 334 HOH HOH A . 
F 3 HOH 148 336 336 HOH HOH A . 
F 3 HOH 149 337 337 HOH HOH A . 
F 3 HOH 150 339 339 HOH HOH A . 
F 3 HOH 151 340 340 HOH HOH A . 
F 3 HOH 152 342 342 HOH HOH A . 
F 3 HOH 153 343 343 HOH HOH A . 
F 3 HOH 154 344 344 HOH HOH A . 
F 3 HOH 155 348 348 HOH HOH A . 
F 3 HOH 156 350 350 HOH HOH A . 
F 3 HOH 157 357 357 HOH HOH A . 
F 3 HOH 158 359 359 HOH HOH A . 
F 3 HOH 159 361 361 HOH HOH A . 
F 3 HOH 160 362 362 HOH HOH A . 
F 3 HOH 161 364 364 HOH HOH A . 
F 3 HOH 162 366 366 HOH HOH A . 
F 3 HOH 163 367 367 HOH HOH A . 
F 3 HOH 164 368 368 HOH HOH A . 
F 3 HOH 165 369 369 HOH HOH A . 
F 3 HOH 166 370 370 HOH HOH A . 
F 3 HOH 167 371 371 HOH HOH A . 
F 3 HOH 168 372 372 HOH HOH A . 
F 3 HOH 169 373 373 HOH HOH A . 
F 3 HOH 170 374 374 HOH HOH A . 
F 3 HOH 171 375 375 HOH HOH A . 
F 3 HOH 172 376 376 HOH HOH A . 
# 
loop_
_software.name 
_software.classification 
_software.version 
_software.citation_id 
_software.pdbx_ordinal 
CNS       refinement       1.0 ? 1 
DENZO     'data reduction' .   ? 2 
SCALEPACK 'data scaling'   .   ? 3 
PHASES    phasing          .   ? 4 
# 
_cell.entry_id           1PRW 
_cell.length_a           63.320 
_cell.length_b           35.750 
_cell.length_c           68.030 
_cell.angle_alpha        90.00 
_cell.angle_beta         117.19 
_cell.angle_gamma        90.00 
_cell.Z_PDB              4 
_cell.pdbx_unique_axis   ? 
# 
_symmetry.entry_id                         1PRW 
_symmetry.space_group_name_H-M             'C 1 2 1' 
_symmetry.pdbx_full_space_group_name_H-M   ? 
_symmetry.cell_setting                     ? 
_symmetry.Int_Tables_number                5 
# 
_exptl.entry_id          1PRW 
_exptl.method            'X-RAY DIFFRACTION' 
_exptl.crystals_number   1 
# 
_exptl_crystal.id                    1 
_exptl_crystal.density_meas          ? 
_exptl_crystal.density_Matthews      2.04 
_exptl_crystal.density_percent_sol   39.69 
_exptl_crystal.description           ? 
# 
_exptl_crystal_grow.crystal_id      1 
_exptl_crystal_grow.method          'VAPOR DIFFUSION, HANGING DROP' 
_exptl_crystal_grow.temp            296 
_exptl_crystal_grow.temp_details    ? 
_exptl_crystal_grow.pH              5.4 
_exptl_crystal_grow.pdbx_details    'PEG 6000, sodium acetate, glycerol, pH 5.4, VAPOR DIFFUSION, HANGING DROP, temperature 296K' 
_exptl_crystal_grow.pdbx_pH_range   . 
# 
_diffrn.id                     1 
_diffrn.ambient_temp           100 
_diffrn.ambient_temp_details   ? 
_diffrn.crystal_id             1 
# 
_diffrn_detector.diffrn_id              1 
_diffrn_detector.detector               CCD 
_diffrn_detector.type                   'ADSC QUANTUM 4' 
_diffrn_detector.pdbx_collection_date   ? 
_diffrn_detector.details                ? 
# 
_diffrn_radiation.diffrn_id                        1 
_diffrn_radiation.wavelength_id                    1 
_diffrn_radiation.pdbx_monochromatic_or_laue_m_l   M 
_diffrn_radiation.monochromator                    ? 
_diffrn_radiation.pdbx_diffrn_protocol             'SINGLE WAVELENGTH' 
_diffrn_radiation.pdbx_scattering_type             x-ray 
# 
_diffrn_radiation_wavelength.id           1 
_diffrn_radiation_wavelength.wavelength   0.9793 
_diffrn_radiation_wavelength.wt           1.0 
# 
_diffrn_source.diffrn_id                   1 
_diffrn_source.source                      SYNCHROTRON 
_diffrn_source.type                        'NSLS BEAMLINE X4A' 
_diffrn_source.pdbx_synchrotron_site       NSLS 
_diffrn_source.pdbx_synchrotron_beamline   X4A 
_diffrn_source.pdbx_wavelength             ? 
_diffrn_source.pdbx_wavelength_list        0.9793 
# 
_reflns.entry_id                     1PRW 
_reflns.observed_criterion_sigma_I   1.0 
_reflns.observed_criterion_sigma_F   3.0 
_reflns.d_resolution_low             14. 
_reflns.d_resolution_high            1.7 
_reflns.number_obs                   13383 
_reflns.number_all                   15132 
_reflns.percent_possible_obs         88.4 
_reflns.pdbx_Rmerge_I_obs            0.056 
_reflns.pdbx_Rsym_value              0.056 
_reflns.pdbx_netI_over_sigmaI        14.8 
_reflns.B_iso_Wilson_estimate        15.1 
_reflns.pdbx_redundancy              3.6 
_reflns.R_free_details               ? 
_reflns.limit_h_max                  ? 
_reflns.limit_h_min                  ? 
_reflns.limit_k_max                  ? 
_reflns.limit_k_min                  ? 
_reflns.limit_l_max                  ? 
_reflns.limit_l_min                  ? 
_reflns.observed_criterion_F_max     ? 
_reflns.observed_criterion_F_min     ? 
_reflns.pdbx_diffrn_id               1 
_reflns.pdbx_ordinal                 1 
# 
_reflns_shell.d_res_high             1.70 
_reflns_shell.d_res_low              1.76 
_reflns_shell.percent_possible_all   90.7 
_reflns_shell.Rmerge_I_obs           0.38 
_reflns_shell.pdbx_Rsym_value        0.42 
_reflns_shell.meanI_over_sigI_obs    4.28 
_reflns_shell.pdbx_redundancy        2.96 
_reflns_shell.percent_possible_obs   ? 
_reflns_shell.number_unique_all      1377 
_reflns_shell.pdbx_diffrn_id         ? 
_reflns_shell.pdbx_ordinal           1 
# 
_refine.entry_id                                 1PRW 
_refine.ls_number_reflns_obs                     12598 
_refine.ls_number_reflns_all                     15132 
_refine.pdbx_ls_sigma_I                          1.0 
_refine.pdbx_ls_sigma_F                          3.0 
_refine.pdbx_data_cutoff_high_absF               533665.65 
_refine.pdbx_data_cutoff_low_absF                0.000000 
_refine.pdbx_data_cutoff_high_rms_absF           533665.65 
_refine.ls_d_res_low                             14.59 
_refine.ls_d_res_high                            1.70 
_refine.ls_percent_reflns_obs                    83.4 
_refine.ls_R_factor_obs                          0.186 
_refine.ls_R_factor_all                          0.186 
_refine.ls_R_factor_R_work                       0.186 
_refine.ls_R_factor_R_free                       0.23 
_refine.ls_R_factor_R_free_error                 0.006 
_refine.ls_R_factor_R_free_error_details         ? 
_refine.ls_percent_reflns_R_free                 10.2 
_refine.ls_number_reflns_R_free                  1280 
_refine.ls_number_parameters                     ? 
_refine.ls_number_restraints                     ? 
_refine.occupancy_min                            ? 
_refine.occupancy_max                            ? 
_refine.correlation_coeff_Fo_to_Fc               ? 
_refine.correlation_coeff_Fo_to_Fc_free          ? 
_refine.B_iso_mean                               18.1 
_refine.aniso_B[1][1]                            0.57 
_refine.aniso_B[2][2]                            -1.32 
_refine.aniso_B[3][3]                            0.75 
_refine.aniso_B[1][2]                            0.00 
_refine.aniso_B[1][3]                            0.22 
_refine.aniso_B[2][3]                            0.00 
_refine.solvent_model_details                    'FLAT MODEL' 
_refine.solvent_model_param_ksol                 0.462227 
_refine.solvent_model_param_bsol                 83.7254 
_refine.pdbx_solvent_vdw_probe_radii             ? 
_refine.pdbx_solvent_ion_probe_radii             ? 
_refine.pdbx_solvent_shrinkage_radii             ? 
_refine.pdbx_ls_cross_valid_method               THROUGHOUT 
_refine.details                                  
;The atoms CE, NZ of Lys13 and CD, CE, NZ of Lys21 are present in the file even though the electron density for these atoms is missing
;
_refine.pdbx_starting_model                      ? 
_refine.pdbx_method_to_determine_struct          SIRSAS 
_refine.pdbx_isotropic_thermal_model             RESTRAINED 
_refine.pdbx_stereochemistry_target_values       'Engh & Huber' 
_refine.pdbx_stereochem_target_val_spec_case     ? 
_refine.pdbx_R_Free_selection_details            RANDOM 
_refine.pdbx_overall_ESU_R                       ? 
_refine.pdbx_overall_ESU_R_Free                  ? 
_refine.overall_SU_ML                            ? 
_refine.overall_SU_B                             ? 
_refine.ls_redundancy_reflns_obs                 ? 
_refine.B_iso_min                                ? 
_refine.B_iso_max                                ? 
_refine.overall_SU_R_Cruickshank_DPI             ? 
_refine.overall_SU_R_free                        ? 
_refine.pdbx_refine_id                           'X-RAY DIFFRACTION' 
_refine.pdbx_diffrn_id                           1 
_refine.pdbx_TLS_residual_ADP_flag               ? 
_refine.pdbx_overall_phase_error                 ? 
_refine.pdbx_overall_SU_R_free_Cruickshank_DPI   ? 
_refine.pdbx_overall_SU_R_Blow_DPI               ? 
_refine.pdbx_overall_SU_R_free_Blow_DPI          ? 
# 
_refine_analyze.entry_id                        1PRW 
_refine_analyze.Luzzati_coordinate_error_obs    0.18 
_refine_analyze.Luzzati_sigma_a_obs             0.14 
_refine_analyze.Luzzati_d_res_low_obs           5.00 
_refine_analyze.Luzzati_coordinate_error_free   0.23 
_refine_analyze.Luzzati_sigma_a_free            0.16 
_refine_analyze.Luzzati_d_res_low_free          ? 
_refine_analyze.number_disordered_residues      ? 
_refine_analyze.occupancy_sum_hydrogen          ? 
_refine_analyze.occupancy_sum_non_hydrogen      ? 
_refine_analyze.pdbx_Luzzati_d_res_high_obs     ? 
_refine_analyze.pdbx_refine_id                  'X-RAY DIFFRACTION' 
# 
_refine_hist.pdbx_refine_id                   'X-RAY DIFFRACTION' 
_refine_hist.cycle_id                         LAST 
_refine_hist.pdbx_number_atoms_protein        1172 
_refine_hist.pdbx_number_atoms_nucleic_acid   0 
_refine_hist.pdbx_number_atoms_ligand         4 
_refine_hist.number_atoms_solvent             172 
_refine_hist.number_atoms_total               1348 
_refine_hist.d_res_high                       1.70 
_refine_hist.d_res_low                        14.59 
# 
loop_
_refine_ls_restr.type 
_refine_ls_restr.dev_ideal 
_refine_ls_restr.dev_ideal_target 
_refine_ls_restr.weight 
_refine_ls_restr.number 
_refine_ls_restr.pdbx_refine_id 
_refine_ls_restr.pdbx_restraint_function 
c_bond_d           0.005 ?    ? ? 'X-RAY DIFFRACTION' ? 
c_angle_deg        1.0   ?    ? ? 'X-RAY DIFFRACTION' ? 
c_dihedral_angle_d 19.8  ?    ? ? 'X-RAY DIFFRACTION' ? 
c_improper_angle_d 0.70  ?    ? ? 'X-RAY DIFFRACTION' ? 
c_mcbond_it        1.34  1.50 ? ? 'X-RAY DIFFRACTION' ? 
c_mcangle_it       1.90  2.00 ? ? 'X-RAY DIFFRACTION' ? 
c_scbond_it        2.25  2.00 ? ? 'X-RAY DIFFRACTION' ? 
c_scangle_it       3.36  2.50 ? ? 'X-RAY DIFFRACTION' ? 
# 
_refine_ls_shell.pdbx_total_number_of_bins_used   6 
_refine_ls_shell.d_res_high                       1.70 
_refine_ls_shell.d_res_low                        1.81 
_refine_ls_shell.number_reflns_R_work             1505 
_refine_ls_shell.R_factor_R_work                  0.226 
_refine_ls_shell.percent_reflns_obs               67.5 
_refine_ls_shell.R_factor_R_free                  0.28 
_refine_ls_shell.R_factor_R_free_error            0.020 
_refine_ls_shell.percent_reflns_R_free            11.1 
_refine_ls_shell.number_reflns_R_free             188 
_refine_ls_shell.number_reflns_obs                1377 
_refine_ls_shell.redundancy_reflns_obs            ? 
_refine_ls_shell.number_reflns_all                ? 
_refine_ls_shell.pdbx_refine_id                   'X-RAY DIFFRACTION' 
_refine_ls_shell.R_factor_all                     ? 
# 
loop_
_pdbx_xplor_file.serial_no 
_pdbx_xplor_file.param_file 
_pdbx_xplor_file.topol_file 
_pdbx_xplor_file.pdbx_refine_id 
1 PROTEIN_REP.PARAM PROTEIN.TOP 'X-RAY DIFFRACTION' 
2 DNA-RNA_REP.PARAM DNA-RNA.TOP 'X-RAY DIFFRACTION' 
3 WATER_REP.PARAM   WATER.TOP   'X-RAY DIFFRACTION' 
4 ION.PARAM         ION.TOP     'X-RAY DIFFRACTION' 
# 
_struct.entry_id                  1PRW 
_struct.title                     'Crystal structure of bovine brain Ca++ calmodulin in a compact form' 
_struct.pdbx_model_details        ? 
_struct.pdbx_CASP_flag            ? 
_struct.pdbx_model_type_details   ? 
# 
_struct_keywords.entry_id        1PRW 
_struct_keywords.pdbx_keywords   'METAL BINDING PROTEIN' 
_struct_keywords.text            'EF HAND, CALCIUM-BINDING PROTEIN, KINASE ACTIVATOR, METAL BINDING PROTEIN' 
# 
loop_
_struct_asym.id 
_struct_asym.pdbx_blank_PDB_chainid_flag 
_struct_asym.pdbx_modified 
_struct_asym.entity_id 
_struct_asym.details 
A N N 1 ? 
B N N 2 ? 
C N N 2 ? 
D N N 2 ? 
E N N 2 ? 
F N N 3 ? 
# 
_struct_ref.id                         1 
_struct_ref.db_name                    UNP 
_struct_ref.db_code                    CALM_BOVIN 
_struct_ref.pdbx_db_accession          P62157 
_struct_ref.entity_id                  1 
_struct_ref.pdbx_seq_one_letter_code   
;ADQLTEEQIAEFKEAFSLFDKDGDGTITTKELGTVMRSLGQNPTEAELQDMINEVDADGNGTIDFPEFLTMMARKMKDTD
SEEEIREAFRVFDKDGNGYISAAELRHVMTNLGEKLTDEEVDEMIREADIDGDGQVNYEEFVQMMTAK
;
_struct_ref.pdbx_align_begin           1 
_struct_ref.pdbx_db_isoform            ? 
# 
_struct_ref_seq.align_id                      1 
_struct_ref_seq.ref_id                        1 
_struct_ref_seq.pdbx_PDB_id_code              1PRW 
_struct_ref_seq.pdbx_strand_id                A 
_struct_ref_seq.seq_align_beg                 2 
_struct_ref_seq.pdbx_seq_align_beg_ins_code   ? 
_struct_ref_seq.seq_align_end                 149 
_struct_ref_seq.pdbx_seq_align_end_ins_code   ? 
_struct_ref_seq.pdbx_db_accession             P62157 
_struct_ref_seq.db_align_beg                  1 
_struct_ref_seq.pdbx_db_align_beg_ins_code    ? 
_struct_ref_seq.db_align_end                  148 
_struct_ref_seq.pdbx_db_align_end_ins_code    ? 
_struct_ref_seq.pdbx_auth_seq_align_beg       1 
_struct_ref_seq.pdbx_auth_seq_align_end       148 
# 
_struct_ref_seq_dif.align_id                     1 
_struct_ref_seq_dif.pdbx_pdb_id_code             1PRW 
_struct_ref_seq_dif.mon_id                       M3L 
_struct_ref_seq_dif.pdbx_pdb_strand_id           A 
_struct_ref_seq_dif.seq_num                      116 
_struct_ref_seq_dif.pdbx_pdb_ins_code            ? 
_struct_ref_seq_dif.pdbx_seq_db_name             UNP 
_struct_ref_seq_dif.pdbx_seq_db_accession_code   P62157 
_struct_ref_seq_dif.db_mon_id                    LYS 
_struct_ref_seq_dif.pdbx_seq_db_seq_num          115 
_struct_ref_seq_dif.details                      'modified residue' 
_struct_ref_seq_dif.pdbx_auth_seq_num            115 
_struct_ref_seq_dif.pdbx_ordinal                 1 
# 
_pdbx_struct_assembly.id                   1 
_pdbx_struct_assembly.details              author_defined_assembly 
_pdbx_struct_assembly.method_details       ? 
_pdbx_struct_assembly.oligomeric_details   monomeric 
_pdbx_struct_assembly.oligomeric_count     1 
# 
_pdbx_struct_assembly_gen.assembly_id       1 
_pdbx_struct_assembly_gen.oper_expression   1 
_pdbx_struct_assembly_gen.asym_id_list      A,B,C,D,E,F 
# 
_pdbx_struct_oper_list.id                   1 
_pdbx_struct_oper_list.type                 'identity operation' 
_pdbx_struct_oper_list.name                 1_555 
_pdbx_struct_oper_list.symmetry_operation   x,y,z 
_pdbx_struct_oper_list.matrix[1][1]         1.0000000000 
_pdbx_struct_oper_list.matrix[1][2]         0.0000000000 
_pdbx_struct_oper_list.matrix[1][3]         0.0000000000 
_pdbx_struct_oper_list.vector[1]            0.0000000000 
_pdbx_struct_oper_list.matrix[2][1]         0.0000000000 
_pdbx_struct_oper_list.matrix[2][2]         1.0000000000 
_pdbx_struct_oper_list.matrix[2][3]         0.0000000000 
_pdbx_struct_oper_list.vector[2]            0.0000000000 
_pdbx_struct_oper_list.matrix[3][1]         0.0000000000 
_pdbx_struct_oper_list.matrix[3][2]         0.0000000000 
_pdbx_struct_oper_list.matrix[3][3]         1.0000000000 
_pdbx_struct_oper_list.vector[3]            0.0000000000 
# 
_struct_biol.id                    1 
_struct_biol.pdbx_parent_biol_id   ? 
_struct_biol.details               ? 
# 
loop_
_struct_conf.conf_type_id 
_struct_conf.id 
_struct_conf.pdbx_PDB_helix_id 
_struct_conf.beg_label_comp_id 
_struct_conf.beg_label_asym_id 
_struct_conf.beg_label_seq_id 
_struct_conf.pdbx_beg_PDB_ins_code 
_struct_conf.end_label_comp_id 
_struct_conf.end_label_asym_id 
_struct_conf.end_label_seq_id 
_struct_conf.pdbx_end_PDB_ins_code 
_struct_conf.beg_auth_comp_id 
_struct_conf.beg_auth_asym_id 
_struct_conf.beg_auth_seq_id 
_struct_conf.end_auth_comp_id 
_struct_conf.end_auth_asym_id 
_struct_conf.end_auth_seq_id 
_struct_conf.pdbx_PDB_helix_class 
_struct_conf.details 
_struct_conf.pdbx_PDB_helix_length 
HELX_P HELX_P1 1 THR A 6   ? ASP A 21  ? THR A 5   ASP A 20  1 ? 16 
HELX_P HELX_P2 2 THR A 29  ? LEU A 40  ? THR A 28  LEU A 39  1 ? 12 
HELX_P HELX_P3 3 THR A 45  ? ASP A 57  ? THR A 44  ASP A 56  1 ? 13 
HELX_P HELX_P4 4 ASP A 65  ? MET A 77  ? ASP A 64  MET A 76  1 ? 13 
HELX_P HELX_P5 5 ASP A 81  ? ASP A 94  ? ASP A 80  ASP A 93  1 ? 14 
HELX_P HELX_P6 6 SER A 102 ? LEU A 113 ? SER A 101 LEU A 112 1 ? 12 
HELX_P HELX_P7 7 THR A 118 ? ASP A 130 ? THR A 117 ASP A 129 1 ? 13 
HELX_P HELX_P8 8 TYR A 139 ? MET A 146 ? TYR A 138 MET A 145 1 ? 8  
# 
_struct_conf_type.id          HELX_P 
_struct_conf_type.criteria    ? 
_struct_conf_type.reference   ? 
# 
loop_
_struct_conn.id 
_struct_conn.conn_type_id 
_struct_conn.pdbx_leaving_atom_flag 
_struct_conn.pdbx_PDB_id 
_struct_conn.ptnr1_label_asym_id 
_struct_conn.ptnr1_label_comp_id 
_struct_conn.ptnr1_label_seq_id 
_struct_conn.ptnr1_label_atom_id 
_struct_conn.pdbx_ptnr1_label_alt_id 
_struct_conn.pdbx_ptnr1_PDB_ins_code 
_struct_conn.pdbx_ptnr1_standard_comp_id 
_struct_conn.ptnr1_symmetry 
_struct_conn.ptnr2_label_asym_id 
_struct_conn.ptnr2_label_comp_id 
_struct_conn.ptnr2_label_seq_id 
_struct_conn.ptnr2_label_atom_id 
_struct_conn.pdbx_ptnr2_label_alt_id 
_struct_conn.pdbx_ptnr2_PDB_ins_code 
_struct_conn.ptnr1_auth_asym_id 
_struct_conn.ptnr1_auth_comp_id 
_struct_conn.ptnr1_auth_seq_id 
_struct_conn.ptnr2_auth_asym_id 
_struct_conn.ptnr2_auth_comp_id 
_struct_conn.ptnr2_auth_seq_id 
_struct_conn.ptnr2_symmetry 
_struct_conn.pdbx_ptnr3_label_atom_id 
_struct_conn.pdbx_ptnr3_label_seq_id 
_struct_conn.pdbx_ptnr3_label_comp_id 
_struct_conn.pdbx_ptnr3_label_asym_id 
_struct_conn.pdbx_ptnr3_label_alt_id 
_struct_conn.pdbx_ptnr3_PDB_ins_code 
_struct_conn.details 
_struct_conn.pdbx_dist_value 
_struct_conn.pdbx_value_order 
_struct_conn.pdbx_role 
covale1  covale both ? A ACE 1   C   ? ? ? 1_555 A ALA 2   N  ? ? A ACE 0   A ALA 1   1_555 ? ? ? ? ? ? ? 1.328 ? ? 
covale2  covale both ? A GLU 115 C   ? ? ? 1_555 A M3L 116 N  ? ? A GLU 114 A M3L 115 1_555 ? ? ? ? ? ? ? 1.329 ? ? 
covale3  covale both ? A M3L 116 C   ? ? ? 1_555 A LEU 117 N  ? ? A M3L 115 A LEU 116 1_555 ? ? ? ? ? ? ? 1.327 ? ? 
metalc1  metalc ?    ? A ASP 21  OD1 ? ? ? 1_555 B CA  .   CA ? ? A ASP 20  A CA  377 1_555 ? ? ? ? ? ? ? 2.244 ? ? 
metalc2  metalc ?    ? A ASP 23  OD1 ? ? ? 1_555 B CA  .   CA ? ? A ASP 22  A CA  377 1_555 ? ? ? ? ? ? ? 2.433 ? ? 
metalc3  metalc ?    ? A ASP 23  OD2 ? ? ? 1_555 B CA  .   CA ? ? A ASP 22  A CA  377 1_555 ? ? ? ? ? ? ? 3.398 ? ? 
metalc4  metalc ?    ? A ASP 25  OD1 ? ? ? 1_555 B CA  .   CA ? ? A ASP 24  A CA  377 1_555 ? ? ? ? ? ? ? 2.302 ? ? 
metalc5  metalc ?    ? A THR 27  O   ? ? ? 1_555 B CA  .   CA ? ? A THR 26  A CA  377 1_555 ? ? ? ? ? ? ? 2.418 ? ? 
metalc6  metalc ?    ? A GLU 32  OE2 ? ? ? 1_555 B CA  .   CA ? ? A GLU 31  A CA  377 1_555 ? ? ? ? ? ? ? 2.491 ? ? 
metalc7  metalc ?    ? A GLU 32  OE1 ? ? ? 1_555 B CA  .   CA ? ? A GLU 31  A CA  377 1_555 ? ? ? ? ? ? ? 2.500 ? ? 
metalc8  metalc ?    ? A ASP 57  OD1 ? ? ? 1_555 C CA  .   CA ? ? A ASP 56  A CA  378 1_555 ? ? ? ? ? ? ? 2.253 ? ? 
metalc9  metalc ?    ? A ASP 59  OD1 ? ? ? 1_555 C CA  .   CA ? ? A ASP 58  A CA  378 1_555 ? ? ? ? ? ? ? 2.381 ? ? 
metalc10 metalc ?    ? A ASN 61  OD1 ? ? ? 1_555 C CA  .   CA ? ? A ASN 60  A CA  378 1_555 ? ? ? ? ? ? ? 2.196 ? ? 
metalc11 metalc ?    ? A THR 63  O   ? ? ? 1_555 C CA  .   CA ? ? A THR 62  A CA  378 1_555 ? ? ? ? ? ? ? 2.374 ? ? 
metalc12 metalc ?    ? A GLU 68  OE1 ? ? ? 1_555 C CA  .   CA ? ? A GLU 67  A CA  378 1_555 ? ? ? ? ? ? ? 2.425 ? ? 
metalc13 metalc ?    ? A GLU 68  OE2 ? ? ? 1_555 C CA  .   CA ? ? A GLU 67  A CA  378 1_555 ? ? ? ? ? ? ? 2.544 ? ? 
metalc14 metalc ?    ? A ASP 94  OD1 ? ? ? 1_555 E CA  .   CA ? ? A ASP 93  A CA  380 1_555 ? ? ? ? ? ? ? 2.311 ? ? 
metalc15 metalc ?    ? A ASP 96  OD1 ? ? ? 1_555 E CA  .   CA ? ? A ASP 95  A CA  380 1_555 ? ? ? ? ? ? ? 2.355 ? ? 
metalc16 metalc ?    ? A ASN 98  OD1 ? ? ? 1_555 E CA  .   CA ? ? A ASN 97  A CA  380 1_555 ? ? ? ? ? ? ? 2.411 ? ? 
metalc17 metalc ?    ? A TYR 100 O   ? ? ? 1_555 E CA  .   CA ? ? A TYR 99  A CA  380 1_555 ? ? ? ? ? ? ? 2.272 ? ? 
metalc18 metalc ?    ? A GLU 105 OE2 ? ? ? 1_555 E CA  .   CA ? ? A GLU 104 A CA  380 1_555 ? ? ? ? ? ? ? 2.470 ? ? 
metalc19 metalc ?    ? A GLU 105 OE1 ? ? ? 1_555 E CA  .   CA ? ? A GLU 104 A CA  380 1_555 ? ? ? ? ? ? ? 2.470 ? ? 
metalc20 metalc ?    ? A ASP 130 OD1 ? ? ? 1_555 D CA  .   CA ? ? A ASP 129 A CA  379 1_555 ? ? ? ? ? ? ? 2.299 ? ? 
metalc21 metalc ?    ? A ASP 132 OD1 ? ? ? 1_555 D CA  .   CA ? ? A ASP 131 A CA  379 1_555 ? ? ? ? ? ? ? 2.419 ? ? 
metalc22 metalc ?    ? A ASP 134 OD1 ? ? ? 1_555 D CA  .   CA ? ? A ASP 133 A CA  379 1_555 ? ? ? ? ? ? ? 2.400 ? ? 
metalc23 metalc ?    ? A GLN 136 O   ? ? ? 1_555 D CA  .   CA ? ? A GLN 135 A CA  379 1_555 ? ? ? ? ? ? ? 2.295 ? ? 
metalc24 metalc ?    ? A GLU 141 OE1 ? ? ? 1_555 D CA  .   CA ? ? A GLU 140 A CA  379 1_555 ? ? ? ? ? ? ? 2.385 ? ? 
metalc25 metalc ?    ? A GLU 141 OE2 ? ? ? 1_555 D CA  .   CA ? ? A GLU 140 A CA  379 1_555 ? ? ? ? ? ? ? 2.605 ? ? 
metalc26 metalc ?    ? F HOH .   O   ? ? ? 1_555 C CA  .   CA ? ? A HOH 178 A CA  378 1_555 ? ? ? ? ? ? ? 2.430 ? ? 
metalc27 metalc ?    ? F HOH .   O   ? ? ? 1_555 B CA  .   CA ? ? A HOH 200 A CA  377 1_555 ? ? ? ? ? ? ? 2.541 ? ? 
metalc28 metalc ?    ? F HOH .   O   ? ? ? 1_555 E CA  .   CA ? ? A HOH 203 A CA  380 1_555 ? ? ? ? ? ? ? 2.228 ? ? 
metalc29 metalc ?    ? F HOH .   O   ? ? ? 1_555 D CA  .   CA ? ? A HOH 291 A CA  379 1_555 ? ? ? ? ? ? ? 2.391 ? ? 
# 
loop_
_struct_conn_type.id 
_struct_conn_type.criteria 
_struct_conn_type.reference 
covale ? ? 
metalc ? ? 
# 
loop_
_pdbx_struct_conn_angle.id 
_pdbx_struct_conn_angle.ptnr1_label_atom_id 
_pdbx_struct_conn_angle.ptnr1_label_alt_id 
_pdbx_struct_conn_angle.ptnr1_label_asym_id 
_pdbx_struct_conn_angle.ptnr1_label_comp_id 
_pdbx_struct_conn_angle.ptnr1_label_seq_id 
_pdbx_struct_conn_angle.ptnr1_auth_atom_id 
_pdbx_struct_conn_angle.ptnr1_auth_asym_id 
_pdbx_struct_conn_angle.ptnr1_auth_comp_id 
_pdbx_struct_conn_angle.ptnr1_auth_seq_id 
_pdbx_struct_conn_angle.ptnr1_PDB_ins_code 
_pdbx_struct_conn_angle.ptnr1_symmetry 
_pdbx_struct_conn_angle.ptnr2_label_atom_id 
_pdbx_struct_conn_angle.ptnr2_label_alt_id 
_pdbx_struct_conn_angle.ptnr2_label_asym_id 
_pdbx_struct_conn_angle.ptnr2_label_comp_id 
_pdbx_struct_conn_angle.ptnr2_label_seq_id 
_pdbx_struct_conn_angle.ptnr2_auth_atom_id 
_pdbx_struct_conn_angle.ptnr2_auth_asym_id 
_pdbx_struct_conn_angle.ptnr2_auth_comp_id 
_pdbx_struct_conn_angle.ptnr2_auth_seq_id 
_pdbx_struct_conn_angle.ptnr2_PDB_ins_code 
_pdbx_struct_conn_angle.ptnr2_symmetry 
_pdbx_struct_conn_angle.ptnr3_label_atom_id 
_pdbx_struct_conn_angle.ptnr3_label_alt_id 
_pdbx_struct_conn_angle.ptnr3_label_asym_id 
_pdbx_struct_conn_angle.ptnr3_label_comp_id 
_pdbx_struct_conn_angle.ptnr3_label_seq_id 
_pdbx_struct_conn_angle.ptnr3_auth_atom_id 
_pdbx_struct_conn_angle.ptnr3_auth_asym_id 
_pdbx_struct_conn_angle.ptnr3_auth_comp_id 
_pdbx_struct_conn_angle.ptnr3_auth_seq_id 
_pdbx_struct_conn_angle.ptnr3_PDB_ins_code 
_pdbx_struct_conn_angle.ptnr3_symmetry 
_pdbx_struct_conn_angle.value 
_pdbx_struct_conn_angle.value_esd 
1  OD1 ? A ASP 21  ? A ASP 20  ? 1_555 CA ? B CA . ? A CA 377 ? 1_555 OD1 ? A ASP 23  ? A ASP 22  ? 1_555 75.4  ? 
2  OD1 ? A ASP 21  ? A ASP 20  ? 1_555 CA ? B CA . ? A CA 377 ? 1_555 OD2 ? A ASP 23  ? A ASP 22  ? 1_555 115.5 ? 
3  OD1 ? A ASP 23  ? A ASP 22  ? 1_555 CA ? B CA . ? A CA 377 ? 1_555 OD2 ? A ASP 23  ? A ASP 22  ? 1_555 40.0  ? 
4  OD1 ? A ASP 21  ? A ASP 20  ? 1_555 CA ? B CA . ? A CA 377 ? 1_555 OD1 ? A ASP 25  ? A ASP 24  ? 1_555 83.8  ? 
5  OD1 ? A ASP 23  ? A ASP 22  ? 1_555 CA ? B CA . ? A CA 377 ? 1_555 OD1 ? A ASP 25  ? A ASP 24  ? 1_555 76.6  ? 
6  OD2 ? A ASP 23  ? A ASP 22  ? 1_555 CA ? B CA . ? A CA 377 ? 1_555 OD1 ? A ASP 25  ? A ASP 24  ? 1_555 81.0  ? 
7  OD1 ? A ASP 21  ? A ASP 20  ? 1_555 CA ? B CA . ? A CA 377 ? 1_555 O   ? A THR 27  ? A THR 26  ? 1_555 79.6  ? 
8  OD1 ? A ASP 23  ? A ASP 22  ? 1_555 CA ? B CA . ? A CA 377 ? 1_555 O   ? A THR 27  ? A THR 26  ? 1_555 145.3 ? 
9  OD2 ? A ASP 23  ? A ASP 22  ? 1_555 CA ? B CA . ? A CA 377 ? 1_555 O   ? A THR 27  ? A THR 26  ? 1_555 151.9 ? 
10 OD1 ? A ASP 25  ? A ASP 24  ? 1_555 CA ? B CA . ? A CA 377 ? 1_555 O   ? A THR 27  ? A THR 26  ? 1_555 77.1  ? 
11 OD1 ? A ASP 21  ? A ASP 20  ? 1_555 CA ? B CA . ? A CA 377 ? 1_555 OE2 ? A GLU 32  ? A GLU 31  ? 1_555 101.1 ? 
12 OD1 ? A ASP 23  ? A ASP 22  ? 1_555 CA ? B CA . ? A CA 377 ? 1_555 OE2 ? A GLU 32  ? A GLU 31  ? 1_555 83.2  ? 
13 OD2 ? A ASP 23  ? A ASP 22  ? 1_555 CA ? B CA . ? A CA 377 ? 1_555 OE2 ? A GLU 32  ? A GLU 31  ? 1_555 76.9  ? 
14 OD1 ? A ASP 25  ? A ASP 24  ? 1_555 CA ? B CA . ? A CA 377 ? 1_555 OE2 ? A GLU 32  ? A GLU 31  ? 1_555 157.3 ? 
15 O   ? A THR 27  ? A THR 26  ? 1_555 CA ? B CA . ? A CA 377 ? 1_555 OE2 ? A GLU 32  ? A GLU 31  ? 1_555 125.5 ? 
16 OD1 ? A ASP 21  ? A ASP 20  ? 1_555 CA ? B CA . ? A CA 377 ? 1_555 OE1 ? A GLU 32  ? A GLU 31  ? 1_555 110.4 ? 
17 OD1 ? A ASP 23  ? A ASP 22  ? 1_555 CA ? B CA . ? A CA 377 ? 1_555 OE1 ? A GLU 32  ? A GLU 31  ? 1_555 135.4 ? 
18 OD2 ? A ASP 23  ? A ASP 22  ? 1_555 CA ? B CA . ? A CA 377 ? 1_555 OE1 ? A GLU 32  ? A GLU 31  ? 1_555 116.2 ? 
19 OD1 ? A ASP 25  ? A ASP 24  ? 1_555 CA ? B CA . ? A CA 377 ? 1_555 OE1 ? A GLU 32  ? A GLU 31  ? 1_555 146.6 ? 
20 O   ? A THR 27  ? A THR 26  ? 1_555 CA ? B CA . ? A CA 377 ? 1_555 OE1 ? A GLU 32  ? A GLU 31  ? 1_555 76.1  ? 
21 OE2 ? A GLU 32  ? A GLU 31  ? 1_555 CA ? B CA . ? A CA 377 ? 1_555 OE1 ? A GLU 32  ? A GLU 31  ? 1_555 52.2  ? 
22 OD1 ? A ASP 21  ? A ASP 20  ? 1_555 CA ? B CA . ? A CA 377 ? 1_555 O   ? F HOH .   ? A HOH 200 ? 1_555 162.3 ? 
23 OD1 ? A ASP 23  ? A ASP 22  ? 1_555 CA ? B CA . ? A CA 377 ? 1_555 O   ? F HOH .   ? A HOH 200 ? 1_555 94.0  ? 
24 OD2 ? A ASP 23  ? A ASP 22  ? 1_555 CA ? B CA . ? A CA 377 ? 1_555 O   ? F HOH .   ? A HOH 200 ? 1_555 55.1  ? 
25 OD1 ? A ASP 25  ? A ASP 24  ? 1_555 CA ? B CA . ? A CA 377 ? 1_555 O   ? F HOH .   ? A HOH 200 ? 1_555 79.9  ? 
26 O   ? A THR 27  ? A THR 26  ? 1_555 CA ? B CA . ? A CA 377 ? 1_555 O   ? F HOH .   ? A HOH 200 ? 1_555 103.2 ? 
27 OE2 ? A GLU 32  ? A GLU 31  ? 1_555 CA ? B CA . ? A CA 377 ? 1_555 O   ? F HOH .   ? A HOH 200 ? 1_555 91.5  ? 
28 OE1 ? A GLU 32  ? A GLU 31  ? 1_555 CA ? B CA . ? A CA 377 ? 1_555 O   ? F HOH .   ? A HOH 200 ? 1_555 87.2  ? 
29 OD1 ? A ASP 57  ? A ASP 56  ? 1_555 CA ? C CA . ? A CA 378 ? 1_555 OD1 ? A ASP 59  ? A ASP 58  ? 1_555 85.0  ? 
30 OD1 ? A ASP 57  ? A ASP 56  ? 1_555 CA ? C CA . ? A CA 378 ? 1_555 OD1 ? A ASN 61  ? A ASN 60  ? 1_555 83.0  ? 
31 OD1 ? A ASP 59  ? A ASP 58  ? 1_555 CA ? C CA . ? A CA 378 ? 1_555 OD1 ? A ASN 61  ? A ASN 60  ? 1_555 76.2  ? 
32 OD1 ? A ASP 57  ? A ASP 56  ? 1_555 CA ? C CA . ? A CA 378 ? 1_555 O   ? A THR 63  ? A THR 62  ? 1_555 77.1  ? 
33 OD1 ? A ASP 59  ? A ASP 58  ? 1_555 CA ? C CA . ? A CA 378 ? 1_555 O   ? A THR 63  ? A THR 62  ? 1_555 152.0 ? 
34 OD1 ? A ASN 61  ? A ASN 60  ? 1_555 CA ? C CA . ? A CA 378 ? 1_555 O   ? A THR 63  ? A THR 62  ? 1_555 80.3  ? 
35 OD1 ? A ASP 57  ? A ASP 56  ? 1_555 CA ? C CA . ? A CA 378 ? 1_555 OE1 ? A GLU 68  ? A GLU 67  ? 1_555 105.1 ? 
36 OD1 ? A ASP 59  ? A ASP 58  ? 1_555 CA ? C CA . ? A CA 378 ? 1_555 OE1 ? A GLU 68  ? A GLU 67  ? 1_555 129.8 ? 
37 OD1 ? A ASN 61  ? A ASN 60  ? 1_555 CA ? C CA . ? A CA 378 ? 1_555 OE1 ? A GLU 68  ? A GLU 67  ? 1_555 152.6 ? 
38 O   ? A THR 63  ? A THR 62  ? 1_555 CA ? C CA . ? A CA 378 ? 1_555 OE1 ? A GLU 68  ? A GLU 67  ? 1_555 76.3  ? 
39 OD1 ? A ASP 57  ? A ASP 56  ? 1_555 CA ? C CA . ? A CA 378 ? 1_555 OE2 ? A GLU 68  ? A GLU 67  ? 1_555 91.2  ? 
40 OD1 ? A ASP 59  ? A ASP 58  ? 1_555 CA ? C CA . ? A CA 378 ? 1_555 OE2 ? A GLU 68  ? A GLU 67  ? 1_555 78.8  ? 
41 OD1 ? A ASN 61  ? A ASN 60  ? 1_555 CA ? C CA . ? A CA 378 ? 1_555 OE2 ? A GLU 68  ? A GLU 67  ? 1_555 154.8 ? 
42 O   ? A THR 63  ? A THR 62  ? 1_555 CA ? C CA . ? A CA 378 ? 1_555 OE2 ? A GLU 68  ? A GLU 67  ? 1_555 122.4 ? 
43 OE1 ? A GLU 68  ? A GLU 67  ? 1_555 CA ? C CA . ? A CA 378 ? 1_555 OE2 ? A GLU 68  ? A GLU 67  ? 1_555 52.5  ? 
44 OD1 ? A ASP 57  ? A ASP 56  ? 1_555 CA ? C CA . ? A CA 378 ? 1_555 O   ? F HOH .   ? A HOH 178 ? 1_555 166.3 ? 
45 OD1 ? A ASP 59  ? A ASP 58  ? 1_555 CA ? C CA . ? A CA 378 ? 1_555 O   ? F HOH .   ? A HOH 178 ? 1_555 82.0  ? 
46 OD1 ? A ASN 61  ? A ASN 60  ? 1_555 CA ? C CA . ? A CA 378 ? 1_555 O   ? F HOH .   ? A HOH 178 ? 1_555 89.5  ? 
47 O   ? A THR 63  ? A THR 62  ? 1_555 CA ? C CA . ? A CA 378 ? 1_555 O   ? F HOH .   ? A HOH 178 ? 1_555 113.0 ? 
48 OE1 ? A GLU 68  ? A GLU 67  ? 1_555 CA ? C CA . ? A CA 378 ? 1_555 O   ? F HOH .   ? A HOH 178 ? 1_555 86.8  ? 
49 OE2 ? A GLU 68  ? A GLU 67  ? 1_555 CA ? C CA . ? A CA 378 ? 1_555 O   ? F HOH .   ? A HOH 178 ? 1_555 90.8  ? 
50 OD1 ? A ASP 94  ? A ASP 93  ? 1_555 CA ? E CA . ? A CA 380 ? 1_555 OD1 ? A ASP 96  ? A ASP 95  ? 1_555 86.0  ? 
51 OD1 ? A ASP 94  ? A ASP 93  ? 1_555 CA ? E CA . ? A CA 380 ? 1_555 OD1 ? A ASN 98  ? A ASN 97  ? 1_555 84.3  ? 
52 OD1 ? A ASP 96  ? A ASP 95  ? 1_555 CA ? E CA . ? A CA 380 ? 1_555 OD1 ? A ASN 98  ? A ASN 97  ? 1_555 74.9  ? 
53 OD1 ? A ASP 94  ? A ASP 93  ? 1_555 CA ? E CA . ? A CA 380 ? 1_555 O   ? A TYR 100 ? A TYR 99  ? 1_555 82.7  ? 
54 OD1 ? A ASP 96  ? A ASP 95  ? 1_555 CA ? E CA . ? A CA 380 ? 1_555 O   ? A TYR 100 ? A TYR 99  ? 1_555 155.4 ? 
55 OD1 ? A ASN 98  ? A ASN 97  ? 1_555 CA ? E CA . ? A CA 380 ? 1_555 O   ? A TYR 100 ? A TYR 99  ? 1_555 82.3  ? 
56 OD1 ? A ASP 94  ? A ASP 93  ? 1_555 CA ? E CA . ? A CA 380 ? 1_555 OE2 ? A GLU 105 ? A GLU 104 ? 1_555 96.9  ? 
57 OD1 ? A ASP 96  ? A ASP 95  ? 1_555 CA ? E CA . ? A CA 380 ? 1_555 OE2 ? A GLU 105 ? A GLU 104 ? 1_555 79.3  ? 
58 OD1 ? A ASN 98  ? A ASN 97  ? 1_555 CA ? E CA . ? A CA 380 ? 1_555 OE2 ? A GLU 105 ? A GLU 104 ? 1_555 154.0 ? 
59 O   ? A TYR 100 ? A TYR 99  ? 1_555 CA ? E CA . ? A CA 380 ? 1_555 OE2 ? A GLU 105 ? A GLU 104 ? 1_555 123.7 ? 
60 OD1 ? A ASP 94  ? A ASP 93  ? 1_555 CA ? E CA . ? A CA 380 ? 1_555 OE1 ? A GLU 105 ? A GLU 104 ? 1_555 102.4 ? 
61 OD1 ? A ASP 96  ? A ASP 95  ? 1_555 CA ? E CA . ? A CA 380 ? 1_555 OE1 ? A GLU 105 ? A GLU 104 ? 1_555 131.7 ? 
62 OD1 ? A ASN 98  ? A ASN 97  ? 1_555 CA ? E CA . ? A CA 380 ? 1_555 OE1 ? A GLU 105 ? A GLU 104 ? 1_555 152.4 ? 
63 O   ? A TYR 100 ? A TYR 99  ? 1_555 CA ? E CA . ? A CA 380 ? 1_555 OE1 ? A GLU 105 ? A GLU 104 ? 1_555 72.3  ? 
64 OE2 ? A GLU 105 ? A GLU 104 ? 1_555 CA ? E CA . ? A CA 380 ? 1_555 OE1 ? A GLU 105 ? A GLU 104 ? 1_555 52.6  ? 
65 OD1 ? A ASP 94  ? A ASP 93  ? 1_555 CA ? E CA . ? A CA 380 ? 1_555 O   ? F HOH .   ? A HOH 203 ? 1_555 154.4 ? 
66 OD1 ? A ASP 96  ? A ASP 95  ? 1_555 CA ? E CA . ? A CA 380 ? 1_555 O   ? F HOH .   ? A HOH 203 ? 1_555 106.3 ? 
67 OD1 ? A ASN 98  ? A ASN 97  ? 1_555 CA ? E CA . ? A CA 380 ? 1_555 O   ? F HOH .   ? A HOH 203 ? 1_555 77.6  ? 
68 O   ? A TYR 100 ? A TYR 99  ? 1_555 CA ? E CA . ? A CA 380 ? 1_555 O   ? F HOH .   ? A HOH 203 ? 1_555 77.0  ? 
69 OE2 ? A GLU 105 ? A GLU 104 ? 1_555 CA ? E CA . ? A CA 380 ? 1_555 O   ? F HOH .   ? A HOH 203 ? 1_555 107.3 ? 
70 OE1 ? A GLU 105 ? A GLU 104 ? 1_555 CA ? E CA . ? A CA 380 ? 1_555 O   ? F HOH .   ? A HOH 203 ? 1_555 86.3  ? 
71 OD1 ? A ASP 130 ? A ASP 129 ? 1_555 CA ? D CA . ? A CA 379 ? 1_555 OD1 ? A ASP 132 ? A ASP 131 ? 1_555 82.5  ? 
72 OD1 ? A ASP 130 ? A ASP 129 ? 1_555 CA ? D CA . ? A CA 379 ? 1_555 OD1 ? A ASP 134 ? A ASP 133 ? 1_555 89.0  ? 
73 OD1 ? A ASP 132 ? A ASP 131 ? 1_555 CA ? D CA . ? A CA 379 ? 1_555 OD1 ? A ASP 134 ? A ASP 133 ? 1_555 77.8  ? 
74 OD1 ? A ASP 130 ? A ASP 129 ? 1_555 CA ? D CA . ? A CA 379 ? 1_555 O   ? A GLN 136 ? A GLN 135 ? 1_555 86.7  ? 
75 OD1 ? A ASP 132 ? A ASP 131 ? 1_555 CA ? D CA . ? A CA 379 ? 1_555 O   ? A GLN 136 ? A GLN 135 ? 1_555 151.8 ? 
76 OD1 ? A ASP 134 ? A ASP 133 ? 1_555 CA ? D CA . ? A CA 379 ? 1_555 O   ? A GLN 136 ? A GLN 135 ? 1_555 76.1  ? 
77 OD1 ? A ASP 130 ? A ASP 129 ? 1_555 CA ? D CA . ? A CA 379 ? 1_555 OE1 ? A GLU 141 ? A GLU 140 ? 1_555 107.5 ? 
78 OD1 ? A ASP 132 ? A ASP 131 ? 1_555 CA ? D CA . ? A CA 379 ? 1_555 OE1 ? A GLU 141 ? A GLU 140 ? 1_555 126.7 ? 
79 OD1 ? A ASP 134 ? A ASP 133 ? 1_555 CA ? D CA . ? A CA 379 ? 1_555 OE1 ? A GLU 141 ? A GLU 140 ? 1_555 151.2 ? 
80 O   ? A GLN 136 ? A GLN 135 ? 1_555 CA ? D CA . ? A CA 379 ? 1_555 OE1 ? A GLU 141 ? A GLU 140 ? 1_555 81.4  ? 
81 OD1 ? A ASP 130 ? A ASP 129 ? 1_555 CA ? D CA . ? A CA 379 ? 1_555 OE2 ? A GLU 141 ? A GLU 140 ? 1_555 89.9  ? 
82 OD1 ? A ASP 132 ? A ASP 131 ? 1_555 CA ? D CA . ? A CA 379 ? 1_555 OE2 ? A GLU 141 ? A GLU 140 ? 1_555 76.6  ? 
83 OD1 ? A ASP 134 ? A ASP 133 ? 1_555 CA ? D CA . ? A CA 379 ? 1_555 OE2 ? A GLU 141 ? A GLU 140 ? 1_555 154.3 ? 
84 O   ? A GLN 136 ? A GLN 135 ? 1_555 CA ? D CA . ? A CA 379 ? 1_555 OE2 ? A GLU 141 ? A GLU 140 ? 1_555 129.5 ? 
85 OE1 ? A GLU 141 ? A GLU 140 ? 1_555 CA ? D CA . ? A CA 379 ? 1_555 OE2 ? A GLU 141 ? A GLU 140 ? 1_555 51.9  ? 
86 OD1 ? A ASP 130 ? A ASP 129 ? 1_555 CA ? D CA . ? A CA 379 ? 1_555 O   ? F HOH .   ? A HOH 291 ? 1_555 163.1 ? 
87 OD1 ? A ASP 132 ? A ASP 131 ? 1_555 CA ? D CA . ? A CA 379 ? 1_555 O   ? F HOH .   ? A HOH 291 ? 1_555 83.1  ? 
88 OD1 ? A ASP 134 ? A ASP 133 ? 1_555 CA ? D CA . ? A CA 379 ? 1_555 O   ? F HOH .   ? A HOH 291 ? 1_555 79.3  ? 
89 O   ? A GLN 136 ? A GLN 135 ? 1_555 CA ? D CA . ? A CA 379 ? 1_555 O   ? F HOH .   ? A HOH 291 ? 1_555 102.1 ? 
90 OE1 ? A GLU 141 ? A GLU 140 ? 1_555 CA ? D CA . ? A CA 379 ? 1_555 O   ? F HOH .   ? A HOH 291 ? 1_555 88.3  ? 
91 OE2 ? A GLU 141 ? A GLU 140 ? 1_555 CA ? D CA . ? A CA 379 ? 1_555 O   ? F HOH .   ? A HOH 291 ? 1_555 95.3  ? 
# 
loop_
_pdbx_modification_feature.ordinal 
_pdbx_modification_feature.label_comp_id 
_pdbx_modification_feature.label_asym_id 
_pdbx_modification_feature.label_seq_id 
_pdbx_modification_feature.label_alt_id 
_pdbx_modification_feature.modified_residue_label_comp_id 
_pdbx_modification_feature.modified_residue_label_asym_id 
_pdbx_modification_feature.modified_residue_label_seq_id 
_pdbx_modification_feature.modified_residue_label_alt_id 
_pdbx_modification_feature.auth_comp_id 
_pdbx_modification_feature.auth_asym_id 
_pdbx_modification_feature.auth_seq_id 
_pdbx_modification_feature.PDB_ins_code 
_pdbx_modification_feature.symmetry 
_pdbx_modification_feature.modified_residue_auth_comp_id 
_pdbx_modification_feature.modified_residue_auth_asym_id 
_pdbx_modification_feature.modified_residue_auth_seq_id 
_pdbx_modification_feature.modified_residue_PDB_ins_code 
_pdbx_modification_feature.modified_residue_symmetry 
_pdbx_modification_feature.comp_id_linking_atom 
_pdbx_modification_feature.modified_residue_id_linking_atom 
_pdbx_modification_feature.modified_residue_id 
_pdbx_modification_feature.ref_pcm_id 
_pdbx_modification_feature.ref_comp_id 
_pdbx_modification_feature.type 
_pdbx_modification_feature.category 
1 M3L A 116 ? .   . . . M3L A 115 ? 1_555 .   . . . .     . . LYS 1 M3L Methylation 'Named protein modification' 
2 ACE A 1   ? ALA A 2 ? ACE A 0   ? 1_555 ALA A 1 ? 1_555 . . ALA 1 ACE None        'Terminal acetylation'       
# 
_struct_sheet.id               A 
_struct_sheet.type             ? 
_struct_sheet.number_strands   2 
_struct_sheet.details          ? 
# 
_struct_sheet_order.sheet_id     A 
_struct_sheet_order.range_id_1   1 
_struct_sheet_order.range_id_2   2 
_struct_sheet_order.offset       ? 
_struct_sheet_order.sense        anti-parallel 
# 
loop_
_struct_sheet_range.sheet_id 
_struct_sheet_range.id 
_struct_sheet_range.beg_label_comp_id 
_struct_sheet_range.beg_label_asym_id 
_struct_sheet_range.beg_label_seq_id 
_struct_sheet_range.pdbx_beg_PDB_ins_code 
_struct_sheet_range.end_label_comp_id 
_struct_sheet_range.end_label_asym_id 
_struct_sheet_range.end_label_seq_id 
_struct_sheet_range.pdbx_end_PDB_ins_code 
_struct_sheet_range.beg_auth_comp_id 
_struct_sheet_range.beg_auth_asym_id 
_struct_sheet_range.beg_auth_seq_id 
_struct_sheet_range.end_auth_comp_id 
_struct_sheet_range.end_auth_asym_id 
_struct_sheet_range.end_auth_seq_id 
A 1 TYR A 100 ? ILE A 101 ? TYR A 99  ILE A 100 
A 2 VAL A 137 ? ASN A 138 ? VAL A 136 ASN A 137 
# 
_pdbx_struct_sheet_hbond.sheet_id                A 
_pdbx_struct_sheet_hbond.range_id_1              1 
_pdbx_struct_sheet_hbond.range_id_2              2 
_pdbx_struct_sheet_hbond.range_1_label_atom_id   N 
_pdbx_struct_sheet_hbond.range_1_label_comp_id   ILE 
_pdbx_struct_sheet_hbond.range_1_label_asym_id   A 
_pdbx_struct_sheet_hbond.range_1_label_seq_id    101 
_pdbx_struct_sheet_hbond.range_1_PDB_ins_code    ? 
_pdbx_struct_sheet_hbond.range_1_auth_atom_id    N 
_pdbx_struct_sheet_hbond.range_1_auth_comp_id    ILE 
_pdbx_struct_sheet_hbond.range_1_auth_asym_id    A 
_pdbx_struct_sheet_hbond.range_1_auth_seq_id     100 
_pdbx_struct_sheet_hbond.range_2_label_atom_id   O 
_pdbx_struct_sheet_hbond.range_2_label_comp_id   VAL 
_pdbx_struct_sheet_hbond.range_2_label_asym_id   A 
_pdbx_struct_sheet_hbond.range_2_label_seq_id    137 
_pdbx_struct_sheet_hbond.range_2_PDB_ins_code    ? 
_pdbx_struct_sheet_hbond.range_2_auth_atom_id    O 
_pdbx_struct_sheet_hbond.range_2_auth_comp_id    VAL 
_pdbx_struct_sheet_hbond.range_2_auth_asym_id    A 
_pdbx_struct_sheet_hbond.range_2_auth_seq_id     136 
# 
loop_
_struct_site.id 
_struct_site.pdbx_evidence_code 
_struct_site.pdbx_auth_asym_id 
_struct_site.pdbx_auth_comp_id 
_struct_site.pdbx_auth_seq_id 
_struct_site.pdbx_auth_ins_code 
_struct_site.pdbx_num_residues 
_struct_site.details 
AC1 Software A CA 377 ? 6 'BINDING SITE FOR RESIDUE CA A 377' 
AC2 Software A CA 378 ? 6 'BINDING SITE FOR RESIDUE CA A 378' 
AC3 Software A CA 379 ? 6 'BINDING SITE FOR RESIDUE CA A 379' 
AC4 Software A CA 380 ? 6 'BINDING SITE FOR RESIDUE CA A 380' 
# 
loop_
_struct_site_gen.id 
_struct_site_gen.site_id 
_struct_site_gen.pdbx_num_res 
_struct_site_gen.label_comp_id 
_struct_site_gen.label_asym_id 
_struct_site_gen.label_seq_id 
_struct_site_gen.pdbx_auth_ins_code 
_struct_site_gen.auth_comp_id 
_struct_site_gen.auth_asym_id 
_struct_site_gen.auth_seq_id 
_struct_site_gen.label_atom_id 
_struct_site_gen.label_alt_id 
_struct_site_gen.symmetry 
_struct_site_gen.details 
1  AC1 6 ASP A 21  ? ASP A 20  . ? 1_555 ? 
2  AC1 6 ASP A 23  ? ASP A 22  . ? 1_555 ? 
3  AC1 6 ASP A 25  ? ASP A 24  . ? 1_555 ? 
4  AC1 6 THR A 27  ? THR A 26  . ? 1_555 ? 
5  AC1 6 GLU A 32  ? GLU A 31  . ? 1_555 ? 
6  AC1 6 HOH F .   ? HOH A 200 . ? 1_555 ? 
7  AC2 6 ASP A 57  ? ASP A 56  . ? 1_555 ? 
8  AC2 6 ASP A 59  ? ASP A 58  . ? 1_555 ? 
9  AC2 6 ASN A 61  ? ASN A 60  . ? 1_555 ? 
10 AC2 6 THR A 63  ? THR A 62  . ? 1_555 ? 
11 AC2 6 GLU A 68  ? GLU A 67  . ? 1_555 ? 
12 AC2 6 HOH F .   ? HOH A 178 . ? 1_555 ? 
13 AC3 6 ASP A 130 ? ASP A 129 . ? 1_555 ? 
14 AC3 6 ASP A 132 ? ASP A 131 . ? 1_555 ? 
15 AC3 6 ASP A 134 ? ASP A 133 . ? 1_555 ? 
16 AC3 6 GLN A 136 ? GLN A 135 . ? 1_555 ? 
17 AC3 6 GLU A 141 ? GLU A 140 . ? 1_555 ? 
18 AC3 6 HOH F .   ? HOH A 291 . ? 1_555 ? 
19 AC4 6 ASP A 94  ? ASP A 93  . ? 1_555 ? 
20 AC4 6 ASP A 96  ? ASP A 95  . ? 1_555 ? 
21 AC4 6 ASN A 98  ? ASN A 97  . ? 1_555 ? 
22 AC4 6 TYR A 100 ? TYR A 99  . ? 1_555 ? 
23 AC4 6 GLU A 105 ? GLU A 104 . ? 1_555 ? 
24 AC4 6 HOH F .   ? HOH A 203 . ? 1_555 ? 
# 
_pdbx_entry_details.entry_id                   1PRW 
_pdbx_entry_details.compound_details           ? 
_pdbx_entry_details.source_details             ? 
_pdbx_entry_details.nonpolymer_details         ? 
_pdbx_entry_details.sequence_details           ? 
_pdbx_entry_details.has_ligand_of_interest     ? 
_pdbx_entry_details.has_protein_modification   Y 
# 
loop_
_pdbx_validate_torsion.id 
_pdbx_validate_torsion.PDB_model_num 
_pdbx_validate_torsion.auth_comp_id 
_pdbx_validate_torsion.auth_asym_id 
_pdbx_validate_torsion.auth_seq_id 
_pdbx_validate_torsion.PDB_ins_code 
_pdbx_validate_torsion.label_alt_id 
_pdbx_validate_torsion.phi 
_pdbx_validate_torsion.psi 
1 1 LEU A 39 ? ? -98.57  30.93 
2 1 ASN A 42 ? ? -145.69 49.75 
# 
_pdbx_struct_mod_residue.id               1 
_pdbx_struct_mod_residue.label_asym_id    A 
_pdbx_struct_mod_residue.label_comp_id    M3L 
_pdbx_struct_mod_residue.label_seq_id     116 
_pdbx_struct_mod_residue.auth_asym_id     A 
_pdbx_struct_mod_residue.auth_comp_id     M3L 
_pdbx_struct_mod_residue.auth_seq_id      115 
_pdbx_struct_mod_residue.PDB_ins_code     ? 
_pdbx_struct_mod_residue.parent_comp_id   LYS 
_pdbx_struct_mod_residue.details          N-TRIMETHYLLYSINE 
# 
loop_
_chem_comp_atom.comp_id 
_chem_comp_atom.atom_id 
_chem_comp_atom.type_symbol 
_chem_comp_atom.pdbx_aromatic_flag 
_chem_comp_atom.pdbx_stereo_config 
_chem_comp_atom.pdbx_ordinal 
ACE C    C  N N 1   
ACE O    O  N N 2   
ACE CH3  C  N N 3   
ACE H    H  N N 4   
ACE H1   H  N N 5   
ACE H2   H  N N 6   
ACE H3   H  N N 7   
ALA N    N  N N 8   
ALA CA   C  N S 9   
ALA C    C  N N 10  
ALA O    O  N N 11  
ALA CB   C  N N 12  
ALA OXT  O  N N 13  
ALA H    H  N N 14  
ALA H2   H  N N 15  
ALA HA   H  N N 16  
ALA HB1  H  N N 17  
ALA HB2  H  N N 18  
ALA HB3  H  N N 19  
ALA HXT  H  N N 20  
ARG N    N  N N 21  
ARG CA   C  N S 22  
ARG C    C  N N 23  
ARG O    O  N N 24  
ARG CB   C  N N 25  
ARG CG   C  N N 26  
ARG CD   C  N N 27  
ARG NE   N  N N 28  
ARG CZ   C  N N 29  
ARG NH1  N  N N 30  
ARG NH2  N  N N 31  
ARG OXT  O  N N 32  
ARG H    H  N N 33  
ARG H2   H  N N 34  
ARG HA   H  N N 35  
ARG HB2  H  N N 36  
ARG HB3  H  N N 37  
ARG HG2  H  N N 38  
ARG HG3  H  N N 39  
ARG HD2  H  N N 40  
ARG HD3  H  N N 41  
ARG HE   H  N N 42  
ARG HH11 H  N N 43  
ARG HH12 H  N N 44  
ARG HH21 H  N N 45  
ARG HH22 H  N N 46  
ARG HXT  H  N N 47  
ASN N    N  N N 48  
ASN CA   C  N S 49  
ASN C    C  N N 50  
ASN O    O  N N 51  
ASN CB   C  N N 52  
ASN CG   C  N N 53  
ASN OD1  O  N N 54  
ASN ND2  N  N N 55  
ASN OXT  O  N N 56  
ASN H    H  N N 57  
ASN H2   H  N N 58  
ASN HA   H  N N 59  
ASN HB2  H  N N 60  
ASN HB3  H  N N 61  
ASN HD21 H  N N 62  
ASN HD22 H  N N 63  
ASN HXT  H  N N 64  
ASP N    N  N N 65  
ASP CA   C  N S 66  
ASP C    C  N N 67  
ASP O    O  N N 68  
ASP CB   C  N N 69  
ASP CG   C  N N 70  
ASP OD1  O  N N 71  
ASP OD2  O  N N 72  
ASP OXT  O  N N 73  
ASP H    H  N N 74  
ASP H2   H  N N 75  
ASP HA   H  N N 76  
ASP HB2  H  N N 77  
ASP HB3  H  N N 78  
ASP HD2  H  N N 79  
ASP HXT  H  N N 80  
CA  CA   CA N N 81  
GLN N    N  N N 82  
GLN CA   C  N S 83  
GLN C    C  N N 84  
GLN O    O  N N 85  
GLN CB   C  N N 86  
GLN CG   C  N N 87  
GLN CD   C  N N 88  
GLN OE1  O  N N 89  
GLN NE2  N  N N 90  
GLN OXT  O  N N 91  
GLN H    H  N N 92  
GLN H2   H  N N 93  
GLN HA   H  N N 94  
GLN HB2  H  N N 95  
GLN HB3  H  N N 96  
GLN HG2  H  N N 97  
GLN HG3  H  N N 98  
GLN HE21 H  N N 99  
GLN HE22 H  N N 100 
GLN HXT  H  N N 101 
GLU N    N  N N 102 
GLU CA   C  N S 103 
GLU C    C  N N 104 
GLU O    O  N N 105 
GLU CB   C  N N 106 
GLU CG   C  N N 107 
GLU CD   C  N N 108 
GLU OE1  O  N N 109 
GLU OE2  O  N N 110 
GLU OXT  O  N N 111 
GLU H    H  N N 112 
GLU H2   H  N N 113 
GLU HA   H  N N 114 
GLU HB2  H  N N 115 
GLU HB3  H  N N 116 
GLU HG2  H  N N 117 
GLU HG3  H  N N 118 
GLU HE2  H  N N 119 
GLU HXT  H  N N 120 
GLY N    N  N N 121 
GLY CA   C  N N 122 
GLY C    C  N N 123 
GLY O    O  N N 124 
GLY OXT  O  N N 125 
GLY H    H  N N 126 
GLY H2   H  N N 127 
GLY HA2  H  N N 128 
GLY HA3  H  N N 129 
GLY HXT  H  N N 130 
HIS N    N  N N 131 
HIS CA   C  N S 132 
HIS C    C  N N 133 
HIS O    O  N N 134 
HIS CB   C  N N 135 
HIS CG   C  Y N 136 
HIS ND1  N  Y N 137 
HIS CD2  C  Y N 138 
HIS CE1  C  Y N 139 
HIS NE2  N  Y N 140 
HIS OXT  O  N N 141 
HIS H    H  N N 142 
HIS H2   H  N N 143 
HIS HA   H  N N 144 
HIS HB2  H  N N 145 
HIS HB3  H  N N 146 
HIS HD1  H  N N 147 
HIS HD2  H  N N 148 
HIS HE1  H  N N 149 
HIS HE2  H  N N 150 
HIS HXT  H  N N 151 
HOH O    O  N N 152 
HOH H1   H  N N 153 
HOH H2   H  N N 154 
ILE N    N  N N 155 
ILE CA   C  N S 156 
ILE C    C  N N 157 
ILE O    O  N N 158 
ILE CB   C  N S 159 
ILE CG1  C  N N 160 
ILE CG2  C  N N 161 
ILE CD1  C  N N 162 
ILE OXT  O  N N 163 
ILE H    H  N N 164 
ILE H2   H  N N 165 
ILE HA   H  N N 166 
ILE HB   H  N N 167 
ILE HG12 H  N N 168 
ILE HG13 H  N N 169 
ILE HG21 H  N N 170 
ILE HG22 H  N N 171 
ILE HG23 H  N N 172 
ILE HD11 H  N N 173 
ILE HD12 H  N N 174 
ILE HD13 H  N N 175 
ILE HXT  H  N N 176 
LEU N    N  N N 177 
LEU CA   C  N S 178 
LEU C    C  N N 179 
LEU O    O  N N 180 
LEU CB   C  N N 181 
LEU CG   C  N N 182 
LEU CD1  C  N N 183 
LEU CD2  C  N N 184 
LEU OXT  O  N N 185 
LEU H    H  N N 186 
LEU H2   H  N N 187 
LEU HA   H  N N 188 
LEU HB2  H  N N 189 
LEU HB3  H  N N 190 
LEU HG   H  N N 191 
LEU HD11 H  N N 192 
LEU HD12 H  N N 193 
LEU HD13 H  N N 194 
LEU HD21 H  N N 195 
LEU HD22 H  N N 196 
LEU HD23 H  N N 197 
LEU HXT  H  N N 198 
LYS N    N  N N 199 
LYS CA   C  N S 200 
LYS C    C  N N 201 
LYS O    O  N N 202 
LYS CB   C  N N 203 
LYS CG   C  N N 204 
LYS CD   C  N N 205 
LYS CE   C  N N 206 
LYS NZ   N  N N 207 
LYS OXT  O  N N 208 
LYS H    H  N N 209 
LYS H2   H  N N 210 
LYS HA   H  N N 211 
LYS HB2  H  N N 212 
LYS HB3  H  N N 213 
LYS HG2  H  N N 214 
LYS HG3  H  N N 215 
LYS HD2  H  N N 216 
LYS HD3  H  N N 217 
LYS HE2  H  N N 218 
LYS HE3  H  N N 219 
LYS HZ1  H  N N 220 
LYS HZ2  H  N N 221 
LYS HZ3  H  N N 222 
LYS HXT  H  N N 223 
M3L N    N  N N 224 
M3L CA   C  N S 225 
M3L CB   C  N N 226 
M3L CG   C  N N 227 
M3L CD   C  N N 228 
M3L CE   C  N N 229 
M3L NZ   N  N N 230 
M3L C    C  N N 231 
M3L O    O  N N 232 
M3L OXT  O  N N 233 
M3L CM1  C  N N 234 
M3L CM2  C  N N 235 
M3L CM3  C  N N 236 
M3L H    H  N N 237 
M3L H2   H  N N 238 
M3L HA   H  N N 239 
M3L HB2  H  N N 240 
M3L HB3  H  N N 241 
M3L HG2  H  N N 242 
M3L HG3  H  N N 243 
M3L HD2  H  N N 244 
M3L HD3  H  N N 245 
M3L HE2  H  N N 246 
M3L HE3  H  N N 247 
M3L HXT  H  N N 248 
M3L HM11 H  N N 249 
M3L HM12 H  N N 250 
M3L HM13 H  N N 251 
M3L HM21 H  N N 252 
M3L HM22 H  N N 253 
M3L HM23 H  N N 254 
M3L HM31 H  N N 255 
M3L HM32 H  N N 256 
M3L HM33 H  N N 257 
MET N    N  N N 258 
MET CA   C  N S 259 
MET C    C  N N 260 
MET O    O  N N 261 
MET CB   C  N N 262 
MET CG   C  N N 263 
MET SD   S  N N 264 
MET CE   C  N N 265 
MET OXT  O  N N 266 
MET H    H  N N 267 
MET H2   H  N N 268 
MET HA   H  N N 269 
MET HB2  H  N N 270 
MET HB3  H  N N 271 
MET HG2  H  N N 272 
MET HG3  H  N N 273 
MET HE1  H  N N 274 
MET HE2  H  N N 275 
MET HE3  H  N N 276 
MET HXT  H  N N 277 
PHE N    N  N N 278 
PHE CA   C  N S 279 
PHE C    C  N N 280 
PHE O    O  N N 281 
PHE CB   C  N N 282 
PHE CG   C  Y N 283 
PHE CD1  C  Y N 284 
PHE CD2  C  Y N 285 
PHE CE1  C  Y N 286 
PHE CE2  C  Y N 287 
PHE CZ   C  Y N 288 
PHE OXT  O  N N 289 
PHE H    H  N N 290 
PHE H2   H  N N 291 
PHE HA   H  N N 292 
PHE HB2  H  N N 293 
PHE HB3  H  N N 294 
PHE HD1  H  N N 295 
PHE HD2  H  N N 296 
PHE HE1  H  N N 297 
PHE HE2  H  N N 298 
PHE HZ   H  N N 299 
PHE HXT  H  N N 300 
PRO N    N  N N 301 
PRO CA   C  N S 302 
PRO C    C  N N 303 
PRO O    O  N N 304 
PRO CB   C  N N 305 
PRO CG   C  N N 306 
PRO CD   C  N N 307 
PRO OXT  O  N N 308 
PRO H    H  N N 309 
PRO HA   H  N N 310 
PRO HB2  H  N N 311 
PRO HB3  H  N N 312 
PRO HG2  H  N N 313 
PRO HG3  H  N N 314 
PRO HD2  H  N N 315 
PRO HD3  H  N N 316 
PRO HXT  H  N N 317 
SER N    N  N N 318 
SER CA   C  N S 319 
SER C    C  N N 320 
SER O    O  N N 321 
SER CB   C  N N 322 
SER OG   O  N N 323 
SER OXT  O  N N 324 
SER H    H  N N 325 
SER H2   H  N N 326 
SER HA   H  N N 327 
SER HB2  H  N N 328 
SER HB3  H  N N 329 
SER HG   H  N N 330 
SER HXT  H  N N 331 
THR N    N  N N 332 
THR CA   C  N S 333 
THR C    C  N N 334 
THR O    O  N N 335 
THR CB   C  N R 336 
THR OG1  O  N N 337 
THR CG2  C  N N 338 
THR OXT  O  N N 339 
THR H    H  N N 340 
THR H2   H  N N 341 
THR HA   H  N N 342 
THR HB   H  N N 343 
THR HG1  H  N N 344 
THR HG21 H  N N 345 
THR HG22 H  N N 346 
THR HG23 H  N N 347 
THR HXT  H  N N 348 
TYR N    N  N N 349 
TYR CA   C  N S 350 
TYR C    C  N N 351 
TYR O    O  N N 352 
TYR CB   C  N N 353 
TYR CG   C  Y N 354 
TYR CD1  C  Y N 355 
TYR CD2  C  Y N 356 
TYR CE1  C  Y N 357 
TYR CE2  C  Y N 358 
TYR CZ   C  Y N 359 
TYR OH   O  N N 360 
TYR OXT  O  N N 361 
TYR H    H  N N 362 
TYR H2   H  N N 363 
TYR HA   H  N N 364 
TYR HB2  H  N N 365 
TYR HB3  H  N N 366 
TYR HD1  H  N N 367 
TYR HD2  H  N N 368 
TYR HE1  H  N N 369 
TYR HE2  H  N N 370 
TYR HH   H  N N 371 
TYR HXT  H  N N 372 
VAL N    N  N N 373 
VAL CA   C  N S 374 
VAL C    C  N N 375 
VAL O    O  N N 376 
VAL CB   C  N N 377 
VAL CG1  C  N N 378 
VAL CG2  C  N N 379 
VAL OXT  O  N N 380 
VAL H    H  N N 381 
VAL H2   H  N N 382 
VAL HA   H  N N 383 
VAL HB   H  N N 384 
VAL HG11 H  N N 385 
VAL HG12 H  N N 386 
VAL HG13 H  N N 387 
VAL HG21 H  N N 388 
VAL HG22 H  N N 389 
VAL HG23 H  N N 390 
VAL HXT  H  N N 391 
# 
loop_
_chem_comp_bond.comp_id 
_chem_comp_bond.atom_id_1 
_chem_comp_bond.atom_id_2 
_chem_comp_bond.value_order 
_chem_comp_bond.pdbx_aromatic_flag 
_chem_comp_bond.pdbx_stereo_config 
_chem_comp_bond.pdbx_ordinal 
ACE C   O    doub N N 1   
ACE C   CH3  sing N N 2   
ACE C   H    sing N N 3   
ACE CH3 H1   sing N N 4   
ACE CH3 H2   sing N N 5   
ACE CH3 H3   sing N N 6   
ALA N   CA   sing N N 7   
ALA N   H    sing N N 8   
ALA N   H2   sing N N 9   
ALA CA  C    sing N N 10  
ALA CA  CB   sing N N 11  
ALA CA  HA   sing N N 12  
ALA C   O    doub N N 13  
ALA C   OXT  sing N N 14  
ALA CB  HB1  sing N N 15  
ALA CB  HB2  sing N N 16  
ALA CB  HB3  sing N N 17  
ALA OXT HXT  sing N N 18  
ARG N   CA   sing N N 19  
ARG N   H    sing N N 20  
ARG N   H2   sing N N 21  
ARG CA  C    sing N N 22  
ARG CA  CB   sing N N 23  
ARG CA  HA   sing N N 24  
ARG C   O    doub N N 25  
ARG C   OXT  sing N N 26  
ARG CB  CG   sing N N 27  
ARG CB  HB2  sing N N 28  
ARG CB  HB3  sing N N 29  
ARG CG  CD   sing N N 30  
ARG CG  HG2  sing N N 31  
ARG CG  HG3  sing N N 32  
ARG CD  NE   sing N N 33  
ARG CD  HD2  sing N N 34  
ARG CD  HD3  sing N N 35  
ARG NE  CZ   sing N N 36  
ARG NE  HE   sing N N 37  
ARG CZ  NH1  sing N N 38  
ARG CZ  NH2  doub N N 39  
ARG NH1 HH11 sing N N 40  
ARG NH1 HH12 sing N N 41  
ARG NH2 HH21 sing N N 42  
ARG NH2 HH22 sing N N 43  
ARG OXT HXT  sing N N 44  
ASN N   CA   sing N N 45  
ASN N   H    sing N N 46  
ASN N   H2   sing N N 47  
ASN CA  C    sing N N 48  
ASN CA  CB   sing N N 49  
ASN CA  HA   sing N N 50  
ASN C   O    doub N N 51  
ASN C   OXT  sing N N 52  
ASN CB  CG   sing N N 53  
ASN CB  HB2  sing N N 54  
ASN CB  HB3  sing N N 55  
ASN CG  OD1  doub N N 56  
ASN CG  ND2  sing N N 57  
ASN ND2 HD21 sing N N 58  
ASN ND2 HD22 sing N N 59  
ASN OXT HXT  sing N N 60  
ASP N   CA   sing N N 61  
ASP N   H    sing N N 62  
ASP N   H2   sing N N 63  
ASP CA  C    sing N N 64  
ASP CA  CB   sing N N 65  
ASP CA  HA   sing N N 66  
ASP C   O    doub N N 67  
ASP C   OXT  sing N N 68  
ASP CB  CG   sing N N 69  
ASP CB  HB2  sing N N 70  
ASP CB  HB3  sing N N 71  
ASP CG  OD1  doub N N 72  
ASP CG  OD2  sing N N 73  
ASP OD2 HD2  sing N N 74  
ASP OXT HXT  sing N N 75  
GLN N   CA   sing N N 76  
GLN N   H    sing N N 77  
GLN N   H2   sing N N 78  
GLN CA  C    sing N N 79  
GLN CA  CB   sing N N 80  
GLN CA  HA   sing N N 81  
GLN C   O    doub N N 82  
GLN C   OXT  sing N N 83  
GLN CB  CG   sing N N 84  
GLN CB  HB2  sing N N 85  
GLN CB  HB3  sing N N 86  
GLN CG  CD   sing N N 87  
GLN CG  HG2  sing N N 88  
GLN CG  HG3  sing N N 89  
GLN CD  OE1  doub N N 90  
GLN CD  NE2  sing N N 91  
GLN NE2 HE21 sing N N 92  
GLN NE2 HE22 sing N N 93  
GLN OXT HXT  sing N N 94  
GLU N   CA   sing N N 95  
GLU N   H    sing N N 96  
GLU N   H2   sing N N 97  
GLU CA  C    sing N N 98  
GLU CA  CB   sing N N 99  
GLU CA  HA   sing N N 100 
GLU C   O    doub N N 101 
GLU C   OXT  sing N N 102 
GLU CB  CG   sing N N 103 
GLU CB  HB2  sing N N 104 
GLU CB  HB3  sing N N 105 
GLU CG  CD   sing N N 106 
GLU CG  HG2  sing N N 107 
GLU CG  HG3  sing N N 108 
GLU CD  OE1  doub N N 109 
GLU CD  OE2  sing N N 110 
GLU OE2 HE2  sing N N 111 
GLU OXT HXT  sing N N 112 
GLY N   CA   sing N N 113 
GLY N   H    sing N N 114 
GLY N   H2   sing N N 115 
GLY CA  C    sing N N 116 
GLY CA  HA2  sing N N 117 
GLY CA  HA3  sing N N 118 
GLY C   O    doub N N 119 
GLY C   OXT  sing N N 120 
GLY OXT HXT  sing N N 121 
HIS N   CA   sing N N 122 
HIS N   H    sing N N 123 
HIS N   H2   sing N N 124 
HIS CA  C    sing N N 125 
HIS CA  CB   sing N N 126 
HIS CA  HA   sing N N 127 
HIS C   O    doub N N 128 
HIS C   OXT  sing N N 129 
HIS CB  CG   sing N N 130 
HIS CB  HB2  sing N N 131 
HIS CB  HB3  sing N N 132 
HIS CG  ND1  sing Y N 133 
HIS CG  CD2  doub Y N 134 
HIS ND1 CE1  doub Y N 135 
HIS ND1 HD1  sing N N 136 
HIS CD2 NE2  sing Y N 137 
HIS CD2 HD2  sing N N 138 
HIS CE1 NE2  sing Y N 139 
HIS CE1 HE1  sing N N 140 
HIS NE2 HE2  sing N N 141 
HIS OXT HXT  sing N N 142 
HOH O   H1   sing N N 143 
HOH O   H2   sing N N 144 
ILE N   CA   sing N N 145 
ILE N   H    sing N N 146 
ILE N   H2   sing N N 147 
ILE CA  C    sing N N 148 
ILE CA  CB   sing N N 149 
ILE CA  HA   sing N N 150 
ILE C   O    doub N N 151 
ILE C   OXT  sing N N 152 
ILE CB  CG1  sing N N 153 
ILE CB  CG2  sing N N 154 
ILE CB  HB   sing N N 155 
ILE CG1 CD1  sing N N 156 
ILE CG1 HG12 sing N N 157 
ILE CG1 HG13 sing N N 158 
ILE CG2 HG21 sing N N 159 
ILE CG2 HG22 sing N N 160 
ILE CG2 HG23 sing N N 161 
ILE CD1 HD11 sing N N 162 
ILE CD1 HD12 sing N N 163 
ILE CD1 HD13 sing N N 164 
ILE OXT HXT  sing N N 165 
LEU N   CA   sing N N 166 
LEU N   H    sing N N 167 
LEU N   H2   sing N N 168 
LEU CA  C    sing N N 169 
LEU CA  CB   sing N N 170 
LEU CA  HA   sing N N 171 
LEU C   O    doub N N 172 
LEU C   OXT  sing N N 173 
LEU CB  CG   sing N N 174 
LEU CB  HB2  sing N N 175 
LEU CB  HB3  sing N N 176 
LEU CG  CD1  sing N N 177 
LEU CG  CD2  sing N N 178 
LEU CG  HG   sing N N 179 
LEU CD1 HD11 sing N N 180 
LEU CD1 HD12 sing N N 181 
LEU CD1 HD13 sing N N 182 
LEU CD2 HD21 sing N N 183 
LEU CD2 HD22 sing N N 184 
LEU CD2 HD23 sing N N 185 
LEU OXT HXT  sing N N 186 
LYS N   CA   sing N N 187 
LYS N   H    sing N N 188 
LYS N   H2   sing N N 189 
LYS CA  C    sing N N 190 
LYS CA  CB   sing N N 191 
LYS CA  HA   sing N N 192 
LYS C   O    doub N N 193 
LYS C   OXT  sing N N 194 
LYS CB  CG   sing N N 195 
LYS CB  HB2  sing N N 196 
LYS CB  HB3  sing N N 197 
LYS CG  CD   sing N N 198 
LYS CG  HG2  sing N N 199 
LYS CG  HG3  sing N N 200 
LYS CD  CE   sing N N 201 
LYS CD  HD2  sing N N 202 
LYS CD  HD3  sing N N 203 
LYS CE  NZ   sing N N 204 
LYS CE  HE2  sing N N 205 
LYS CE  HE3  sing N N 206 
LYS NZ  HZ1  sing N N 207 
LYS NZ  HZ2  sing N N 208 
LYS NZ  HZ3  sing N N 209 
LYS OXT HXT  sing N N 210 
M3L N   CA   sing N N 211 
M3L N   H    sing N N 212 
M3L N   H2   sing N N 213 
M3L CA  CB   sing N N 214 
M3L CA  C    sing N N 215 
M3L CA  HA   sing N N 216 
M3L CB  CG   sing N N 217 
M3L CB  HB2  sing N N 218 
M3L CB  HB3  sing N N 219 
M3L CG  CD   sing N N 220 
M3L CG  HG2  sing N N 221 
M3L CG  HG3  sing N N 222 
M3L CD  CE   sing N N 223 
M3L CD  HD2  sing N N 224 
M3L CD  HD3  sing N N 225 
M3L CE  NZ   sing N N 226 
M3L CE  HE2  sing N N 227 
M3L CE  HE3  sing N N 228 
M3L NZ  CM1  sing N N 229 
M3L NZ  CM2  sing N N 230 
M3L NZ  CM3  sing N N 231 
M3L C   O    doub N N 232 
M3L C   OXT  sing N N 233 
M3L OXT HXT  sing N N 234 
M3L CM1 HM11 sing N N 235 
M3L CM1 HM12 sing N N 236 
M3L CM1 HM13 sing N N 237 
M3L CM2 HM21 sing N N 238 
M3L CM2 HM22 sing N N 239 
M3L CM2 HM23 sing N N 240 
M3L CM3 HM31 sing N N 241 
M3L CM3 HM32 sing N N 242 
M3L CM3 HM33 sing N N 243 
MET N   CA   sing N N 244 
MET N   H    sing N N 245 
MET N   H2   sing N N 246 
MET CA  C    sing N N 247 
MET CA  CB   sing N N 248 
MET CA  HA   sing N N 249 
MET C   O    doub N N 250 
MET C   OXT  sing N N 251 
MET CB  CG   sing N N 252 
MET CB  HB2  sing N N 253 
MET CB  HB3  sing N N 254 
MET CG  SD   sing N N 255 
MET CG  HG2  sing N N 256 
MET CG  HG3  sing N N 257 
MET SD  CE   sing N N 258 
MET CE  HE1  sing N N 259 
MET CE  HE2  sing N N 260 
MET CE  HE3  sing N N 261 
MET OXT HXT  sing N N 262 
PHE N   CA   sing N N 263 
PHE N   H    sing N N 264 
PHE N   H2   sing N N 265 
PHE CA  C    sing N N 266 
PHE CA  CB   sing N N 267 
PHE CA  HA   sing N N 268 
PHE C   O    doub N N 269 
PHE C   OXT  sing N N 270 
PHE CB  CG   sing N N 271 
PHE CB  HB2  sing N N 272 
PHE CB  HB3  sing N N 273 
PHE CG  CD1  doub Y N 274 
PHE CG  CD2  sing Y N 275 
PHE CD1 CE1  sing Y N 276 
PHE CD1 HD1  sing N N 277 
PHE CD2 CE2  doub Y N 278 
PHE CD2 HD2  sing N N 279 
PHE CE1 CZ   doub Y N 280 
PHE CE1 HE1  sing N N 281 
PHE CE2 CZ   sing Y N 282 
PHE CE2 HE2  sing N N 283 
PHE CZ  HZ   sing N N 284 
PHE OXT HXT  sing N N 285 
PRO N   CA   sing N N 286 
PRO N   CD   sing N N 287 
PRO N   H    sing N N 288 
PRO CA  C    sing N N 289 
PRO CA  CB   sing N N 290 
PRO CA  HA   sing N N 291 
PRO C   O    doub N N 292 
PRO C   OXT  sing N N 293 
PRO CB  CG   sing N N 294 
PRO CB  HB2  sing N N 295 
PRO CB  HB3  sing N N 296 
PRO CG  CD   sing N N 297 
PRO CG  HG2  sing N N 298 
PRO CG  HG3  sing N N 299 
PRO CD  HD2  sing N N 300 
PRO CD  HD3  sing N N 301 
PRO OXT HXT  sing N N 302 
SER N   CA   sing N N 303 
SER N   H    sing N N 304 
SER N   H2   sing N N 305 
SER CA  C    sing N N 306 
SER CA  CB   sing N N 307 
SER CA  HA   sing N N 308 
SER C   O    doub N N 309 
SER C   OXT  sing N N 310 
SER CB  OG   sing N N 311 
SER CB  HB2  sing N N 312 
SER CB  HB3  sing N N 313 
SER OG  HG   sing N N 314 
SER OXT HXT  sing N N 315 
THR N   CA   sing N N 316 
THR N   H    sing N N 317 
THR N   H2   sing N N 318 
THR CA  C    sing N N 319 
THR CA  CB   sing N N 320 
THR CA  HA   sing N N 321 
THR C   O    doub N N 322 
THR C   OXT  sing N N 323 
THR CB  OG1  sing N N 324 
THR CB  CG2  sing N N 325 
THR CB  HB   sing N N 326 
THR OG1 HG1  sing N N 327 
THR CG2 HG21 sing N N 328 
THR CG2 HG22 sing N N 329 
THR CG2 HG23 sing N N 330 
THR OXT HXT  sing N N 331 
TYR N   CA   sing N N 332 
TYR N   H    sing N N 333 
TYR N   H2   sing N N 334 
TYR CA  C    sing N N 335 
TYR CA  CB   sing N N 336 
TYR CA  HA   sing N N 337 
TYR C   O    doub N N 338 
TYR C   OXT  sing N N 339 
TYR CB  CG   sing N N 340 
TYR CB  HB2  sing N N 341 
TYR CB  HB3  sing N N 342 
TYR CG  CD1  doub Y N 343 
TYR CG  CD2  sing Y N 344 
TYR CD1 CE1  sing Y N 345 
TYR CD1 HD1  sing N N 346 
TYR CD2 CE2  doub Y N 347 
TYR CD2 HD2  sing N N 348 
TYR CE1 CZ   doub Y N 349 
TYR CE1 HE1  sing N N 350 
TYR CE2 CZ   sing Y N 351 
TYR CE2 HE2  sing N N 352 
TYR CZ  OH   sing N N 353 
TYR OH  HH   sing N N 354 
TYR OXT HXT  sing N N 355 
VAL N   CA   sing N N 356 
VAL N   H    sing N N 357 
VAL N   H2   sing N N 358 
VAL CA  C    sing N N 359 
VAL CA  CB   sing N N 360 
VAL CA  HA   sing N N 361 
VAL C   O    doub N N 362 
VAL C   OXT  sing N N 363 
VAL CB  CG1  sing N N 364 
VAL CB  CG2  sing N N 365 
VAL CB  HB   sing N N 366 
VAL CG1 HG11 sing N N 367 
VAL CG1 HG12 sing N N 368 
VAL CG1 HG13 sing N N 369 
VAL CG2 HG21 sing N N 370 
VAL CG2 HG22 sing N N 371 
VAL CG2 HG23 sing N N 372 
VAL OXT HXT  sing N N 373 
# 
_atom_sites.entry_id                    1PRW 
_atom_sites.fract_transf_matrix[1][1]   -0.01429883 
_atom_sites.fract_transf_matrix[1][2]   -0.01012882 
_atom_sites.fract_transf_matrix[1][3]   -0.00286184 
_atom_sites.fract_transf_matrix[2][1]   -0.00178570 
_atom_sites.fract_transf_matrix[2][2]   -0.00522685 
_atom_sites.fract_transf_matrix[2][3]   0.02742123 
_atom_sites.fract_transf_matrix[3][1]   -0.01474502 
_atom_sites.fract_transf_matrix[3][2]   0.00744862 
_atom_sites.fract_transf_matrix[3][3]   0.00045959 
_atom_sites.fract_transf_vector[1]      0.997220 
_atom_sites.fract_transf_vector[2]      0.592271 
_atom_sites.fract_transf_vector[3]      0.258039 
# 
loop_
_atom_type.symbol 
C  
CA 
N  
O  
S  
# 
loop_
_atom_site.group_PDB 
_atom_site.id 
_atom_site.type_symbol 
_atom_site.label_atom_id 
_atom_site.label_alt_id 
_atom_site.label_comp_id 
_atom_site.label_asym_id 
_atom_site.label_entity_id 
_atom_site.label_seq_id 
_atom_site.pdbx_PDB_ins_code 
_atom_site.Cartn_x 
_atom_site.Cartn_y 
_atom_site.Cartn_z 
_atom_site.occupancy 
_atom_site.B_iso_or_equiv 
_atom_site.pdbx_formal_charge 
_atom_site.auth_seq_id 
_atom_site.auth_comp_id 
_atom_site.auth_asym_id 
_atom_site.auth_atom_id 
_atom_site.pdbx_PDB_model_num 
HETATM 1    C  C   . ACE A 1 1   ? 10.990  -8.271  3.048   1.00 17.88 ? 0   ACE A C   1 
HETATM 2    O  O   . ACE A 1 1   ? 10.543  -8.141  4.185   1.00 15.48 ? 0   ACE A O   1 
HETATM 3    C  CH3 . ACE A 1 1   ? 11.594  -7.082  2.327   1.00 17.05 ? 0   ACE A CH3 1 
ATOM   4    N  N   . ALA A 1 2   ? 10.989  -9.439  2.416   1.00 16.87 ? 1   ALA A N   1 
ATOM   5    C  CA  . ALA A 1 2   ? 10.219  -10.567 2.916   1.00 19.78 ? 1   ALA A CA  1 
ATOM   6    C  C   . ALA A 1 2   ? 10.685  -10.968 4.315   1.00 20.97 ? 1   ALA A C   1 
ATOM   7    O  O   . ALA A 1 2   ? 9.886   -11.382 5.152   1.00 22.44 ? 1   ALA A O   1 
ATOM   8    C  CB  . ALA A 1 2   ? 10.340  -11.748 1.960   1.00 20.74 ? 1   ALA A CB  1 
ATOM   9    N  N   . ASP A 1 3   ? 11.982  -10.830 4.566   1.00 21.27 ? 2   ASP A N   1 
ATOM   10   C  CA  . ASP A 1 3   ? 12.566  -11.186 5.855   1.00 21.02 ? 2   ASP A CA  1 
ATOM   11   C  C   . ASP A 1 3   ? 12.265  -10.180 6.966   1.00 19.81 ? 2   ASP A C   1 
ATOM   12   O  O   . ASP A 1 3   ? 12.673  -10.372 8.113   1.00 19.76 ? 2   ASP A O   1 
ATOM   13   C  CB  . ASP A 1 3   ? 14.082  -11.342 5.701   1.00 24.11 ? 2   ASP A CB  1 
ATOM   14   C  CG  . ASP A 1 3   ? 14.765  -10.046 5.293   1.00 27.71 ? 2   ASP A CG  1 
ATOM   15   O  OD1 . ASP A 1 3   ? 14.249  -9.355  4.387   1.00 28.05 ? 2   ASP A OD1 1 
ATOM   16   O  OD2 . ASP A 1 3   ? 15.825  -9.724  5.870   1.00 30.72 ? 2   ASP A OD2 1 
ATOM   17   N  N   . GLN A 1 4   ? 11.557  -9.108  6.632   1.00 17.76 ? 3   GLN A N   1 
ATOM   18   C  CA  . GLN A 1 4   ? 11.215  -8.079  7.616   1.00 16.79 ? 3   GLN A CA  1 
ATOM   19   C  C   . GLN A 1 4   ? 9.706   -7.965  7.814   1.00 16.06 ? 3   GLN A C   1 
ATOM   20   O  O   . GLN A 1 4   ? 9.240   -7.161  8.620   1.00 17.49 ? 3   GLN A O   1 
ATOM   21   C  CB  . GLN A 1 4   ? 11.736  -6.716  7.152   1.00 15.42 ? 3   GLN A CB  1 
ATOM   22   C  CG  . GLN A 1 4   ? 13.244  -6.579  7.128   1.00 16.59 ? 3   GLN A CG  1 
ATOM   23   C  CD  . GLN A 1 4   ? 13.693  -5.254  6.542   1.00 16.25 ? 3   GLN A CD  1 
ATOM   24   O  OE1 . GLN A 1 4   ? 14.059  -5.168  5.367   1.00 18.09 ? 3   GLN A OE1 1 
ATOM   25   N  NE2 . GLN A 1 4   ? 13.652  -4.209  7.356   1.00 15.21 ? 3   GLN A NE2 1 
ATOM   26   N  N   . LEU A 1 5   ? 8.948   -8.775  7.086   1.00 14.93 ? 4   LEU A N   1 
ATOM   27   C  CA  . LEU A 1 5   ? 7.495   -8.699  7.159   1.00 14.00 ? 4   LEU A CA  1 
ATOM   28   C  C   . LEU A 1 5   ? 6.809   -9.993  7.586   1.00 13.81 ? 4   LEU A C   1 
ATOM   29   O  O   . LEU A 1 5   ? 7.348   -11.083 7.419   1.00 12.46 ? 4   LEU A O   1 
ATOM   30   C  CB  . LEU A 1 5   ? 6.955   -8.276  5.791   1.00 12.16 ? 4   LEU A CB  1 
ATOM   31   C  CG  . LEU A 1 5   ? 7.515   -6.983  5.202   1.00 11.59 ? 4   LEU A CG  1 
ATOM   32   C  CD1 . LEU A 1 5   ? 7.069   -6.840  3.746   1.00 12.45 ? 4   LEU A CD1 1 
ATOM   33   C  CD2 . LEU A 1 5   ? 7.045   -5.801  6.037   1.00 11.11 ? 4   LEU A CD2 1 
ATOM   34   N  N   . THR A 1 6   ? 5.608   -9.860  8.137   1.00 12.38 ? 5   THR A N   1 
ATOM   35   C  CA  . THR A 1 6   ? 4.838   -11.024 8.548   1.00 14.93 ? 5   THR A CA  1 
ATOM   36   C  C   . THR A 1 6   ? 4.175   -11.571 7.287   1.00 15.23 ? 5   THR A C   1 
ATOM   37   O  O   . THR A 1 6   ? 4.105   -10.882 6.269   1.00 13.76 ? 5   THR A O   1 
ATOM   38   C  CB  . THR A 1 6   ? 3.743   -10.646 9.563   1.00 16.87 ? 5   THR A CB  1 
ATOM   39   O  OG1 . THR A 1 6   ? 2.705   -9.914  8.898   1.00 14.77 ? 5   THR A OG1 1 
ATOM   40   C  CG2 . THR A 1 6   ? 4.328   -9.785  10.671  1.00 16.96 ? 5   THR A CG2 1 
ATOM   41   N  N   . GLU A 1 7   ? 3.683   -12.801 7.349   1.00 15.88 ? 6   GLU A N   1 
ATOM   42   C  CA  . GLU A 1 7   ? 3.037   -13.392 6.186   1.00 15.16 ? 6   GLU A CA  1 
ATOM   43   C  C   . GLU A 1 7   ? 1.797   -12.607 5.780   1.00 13.91 ? 6   GLU A C   1 
ATOM   44   O  O   . GLU A 1 7   ? 1.440   -12.575 4.604   1.00 13.41 ? 6   GLU A O   1 
ATOM   45   C  CB  . GLU A 1 7   ? 2.640   -14.841 6.463   1.00 19.40 ? 6   GLU A CB  1 
ATOM   46   C  CG  . GLU A 1 7   ? 3.783   -15.741 6.885   1.00 24.05 ? 6   GLU A CG  1 
ATOM   47   C  CD  . GLU A 1 7   ? 3.394   -17.208 6.874   1.00 27.98 ? 6   GLU A CD  1 
ATOM   48   O  OE1 . GLU A 1 7   ? 2.220   -17.518 7.187   1.00 27.14 ? 6   GLU A OE1 1 
ATOM   49   O  OE2 . GLU A 1 7   ? 4.264   -18.050 6.561   1.00 30.04 ? 6   GLU A OE2 1 
ATOM   50   N  N   . GLU A 1 8   ? 1.138   -11.983 6.752   1.00 13.21 ? 7   GLU A N   1 
ATOM   51   C  CA  . GLU A 1 8   ? -0.063  -11.214 6.454   1.00 13.57 ? 7   GLU A CA  1 
ATOM   52   C  C   . GLU A 1 8   ? 0.302   -9.926  5.725   1.00 11.90 ? 7   GLU A C   1 
ATOM   53   O  O   . GLU A 1 8   ? -0.393  -9.520  4.800   1.00 11.43 ? 7   GLU A O   1 
ATOM   54   C  CB  . GLU A 1 8   ? -0.840  -10.884 7.732   1.00 15.27 ? 7   GLU A CB  1 
ATOM   55   C  CG  . GLU A 1 8   ? -1.367  -12.093 8.505   1.00 17.55 ? 7   GLU A CG  1 
ATOM   56   C  CD  . GLU A 1 8   ? -2.205  -13.047 7.655   1.00 17.34 ? 7   GLU A CD  1 
ATOM   57   O  OE1 . GLU A 1 8   ? -2.704  -12.633 6.589   1.00 14.45 ? 7   GLU A OE1 1 
ATOM   58   O  OE2 . GLU A 1 8   ? -2.379  -14.214 8.066   1.00 16.77 ? 7   GLU A OE2 1 
ATOM   59   N  N   . GLN A 1 9   ? 1.390   -9.284  6.143   1.00 11.79 ? 8   GLN A N   1 
ATOM   60   C  CA  . GLN A 1 9   ? 1.821   -8.050  5.503   1.00 11.40 ? 8   GLN A CA  1 
ATOM   61   C  C   . GLN A 1 9   ? 2.215   -8.364  4.069   1.00 11.03 ? 8   GLN A C   1 
ATOM   62   O  O   . GLN A 1 9   ? 1.868   -7.636  3.136   1.00 10.55 ? 8   GLN A O   1 
ATOM   63   C  CB  . GLN A 1 9   ? 3.006   -7.434  6.262   1.00 12.46 ? 8   GLN A CB  1 
ATOM   64   C  CG  . GLN A 1 9   ? 2.640   -6.933  7.663   1.00 12.78 ? 8   GLN A CG  1 
ATOM   65   C  CD  . GLN A 1 9   ? 3.816   -6.313  8.397   1.00 14.06 ? 8   GLN A CD  1 
ATOM   66   O  OE1 . GLN A 1 9   ? 4.872   -6.930  8.525   1.00 13.46 ? 8   GLN A OE1 1 
ATOM   67   N  NE2 . GLN A 1 9   ? 3.634   -5.089  8.887   1.00 15.15 ? 8   GLN A NE2 1 
ATOM   68   N  N   . ILE A 1 10  ? 2.937   -9.464  3.895   1.00 11.80 ? 9   ILE A N   1 
ATOM   69   C  CA  . ILE A 1 10  ? 3.366   -9.868  2.568   1.00 12.67 ? 9   ILE A CA  1 
ATOM   70   C  C   . ILE A 1 10  ? 2.145   -10.110 1.684   1.00 12.18 ? 9   ILE A C   1 
ATOM   71   O  O   . ILE A 1 10  ? 2.120   -9.703  0.528   1.00 12.12 ? 9   ILE A O   1 
ATOM   72   C  CB  . ILE A 1 10  ? 4.234   -11.142 2.633   1.00 11.03 ? 9   ILE A CB  1 
ATOM   73   C  CG1 . ILE A 1 10  ? 5.556   -10.827 3.340   1.00 13.60 ? 9   ILE A CG1 1 
ATOM   74   C  CG2 . ILE A 1 10  ? 4.488   -11.668 1.232   1.00 11.63 ? 9   ILE A CG2 1 
ATOM   75   C  CD1 . ILE A 1 10  ? 6.448   -12.035 3.575   1.00 14.33 ? 9   ILE A CD1 1 
ATOM   76   N  N   . ALA A 1 11  ? 1.130   -10.763 2.242   1.00 12.20 ? 10  ALA A N   1 
ATOM   77   C  CA  . ALA A 1 11  ? -0.092  -11.044 1.498   1.00 12.01 ? 10  ALA A CA  1 
ATOM   78   C  C   . ALA A 1 11  ? -0.759  -9.741  1.047   1.00 11.79 ? 10  ALA A C   1 
ATOM   79   O  O   . ALA A 1 11  ? -1.161  -9.606  -0.115  1.00 10.91 ? 10  ALA A O   1 
ATOM   80   C  CB  . ALA A 1 11  ? -1.054  -11.857 2.366   1.00 12.71 ? 10  ALA A CB  1 
ATOM   81   N  N   . GLU A 1 12  ? -0.873  -8.785  1.967   1.00 11.46 ? 11  GLU A N   1 
ATOM   82   C  CA  . GLU A 1 12  ? -1.487  -7.495  1.652   1.00 11.95 ? 11  GLU A CA  1 
ATOM   83   C  C   . GLU A 1 12  ? -0.702  -6.758  0.572   1.00 12.26 ? 11  GLU A C   1 
ATOM   84   O  O   . GLU A 1 12  ? -1.281  -6.215  -0.369  1.00 11.48 ? 11  GLU A O   1 
ATOM   85   C  CB  . GLU A 1 12  ? -1.558  -6.601  2.897   1.00 11.72 ? 11  GLU A CB  1 
ATOM   86   C  CG  . GLU A 1 12  ? -2.510  -7.053  4.009   1.00 11.15 ? 11  GLU A CG  1 
ATOM   87   C  CD  . GLU A 1 12  ? -3.977  -6.786  3.702   1.00 12.84 ? 11  GLU A CD  1 
ATOM   88   O  OE1 . GLU A 1 12  ? -4.781  -6.774  4.658   1.00 10.45 ? 11  GLU A OE1 1 
ATOM   89   O  OE2 . GLU A 1 12  ? -4.335  -6.600  2.516   1.00 13.75 ? 11  GLU A OE2 1 
ATOM   90   N  N   . PHE A 1 13  ? 0.621   -6.736  0.705   1.00 11.97 ? 12  PHE A N   1 
ATOM   91   C  CA  . PHE A 1 13  ? 1.445   -6.033  -0.268  1.00 13.57 ? 12  PHE A CA  1 
ATOM   92   C  C   . PHE A 1 13  ? 1.458   -6.665  -1.654  1.00 15.03 ? 12  PHE A C   1 
ATOM   93   O  O   . PHE A 1 13  ? 1.782   -5.995  -2.636  1.00 16.05 ? 12  PHE A O   1 
ATOM   94   C  CB  . PHE A 1 13  ? 2.866   -5.862  0.271   1.00 13.41 ? 12  PHE A CB  1 
ATOM   95   C  CG  . PHE A 1 13  ? 2.922   -5.074  1.551   1.00 13.47 ? 12  PHE A CG  1 
ATOM   96   C  CD1 . PHE A 1 13  ? 1.920   -4.159  1.858   1.00 15.22 ? 12  PHE A CD1 1 
ATOM   97   C  CD2 . PHE A 1 13  ? 3.961   -5.254  2.456   1.00 16.17 ? 12  PHE A CD2 1 
ATOM   98   C  CE1 . PHE A 1 13  ? 1.948   -3.437  3.050   1.00 17.70 ? 12  PHE A CE1 1 
ATOM   99   C  CE2 . PHE A 1 13  ? 3.998   -4.536  3.647   1.00 13.66 ? 12  PHE A CE2 1 
ATOM   100  C  CZ  . PHE A 1 13  ? 2.990   -3.627  3.947   1.00 15.57 ? 12  PHE A CZ  1 
ATOM   101  N  N   . LYS A 1 14  ? 1.111   -7.946  -1.740  1.00 16.57 ? 13  LYS A N   1 
ATOM   102  C  CA  . LYS A 1 14  ? 1.050   -8.609  -3.038  1.00 20.29 ? 13  LYS A CA  1 
ATOM   103  C  C   . LYS A 1 14  ? -0.040  -7.893  -3.825  1.00 21.17 ? 13  LYS A C   1 
ATOM   104  O  O   . LYS A 1 14  ? 0.110   -7.608  -5.014  1.00 21.96 ? 13  LYS A O   1 
ATOM   105  C  CB  . LYS A 1 14  ? 0.667   -10.083 -2.888  1.00 22.17 ? 13  LYS A CB  1 
ATOM   106  C  CG  . LYS A 1 14  ? 1.703   -10.943 -2.200  1.00 27.44 ? 13  LYS A CG  1 
ATOM   107  C  CD  . LYS A 1 14  ? 1.277   -12.402 -2.163  1.00 31.48 ? 13  LYS A CD  1 
ATOM   108  C  CE  . LYS A 1 14  ? 2.305   -13.254 -1.430  1.00 34.34 ? 13  LYS A CE  1 
ATOM   109  N  NZ  . LYS A 1 14  ? 1.898   -14.686 -1.357  1.00 37.60 ? 13  LYS A NZ  1 
ATOM   110  N  N   . GLU A 1 15  ? -1.141  -7.597  -3.145  1.00 21.95 ? 14  GLU A N   1 
ATOM   111  C  CA  . GLU A 1 15  ? -2.256  -6.910  -3.777  1.00 23.20 ? 14  GLU A CA  1 
ATOM   112  C  C   . GLU A 1 15  ? -1.910  -5.442  -4.018  1.00 22.67 ? 14  GLU A C   1 
ATOM   113  O  O   . GLU A 1 15  ? -2.331  -4.853  -5.014  1.00 21.64 ? 14  GLU A O   1 
ATOM   114  C  CB  . GLU A 1 15  ? -3.507  -7.020  -2.902  1.00 26.92 ? 14  GLU A CB  1 
ATOM   115  C  CG  . GLU A 1 15  ? -4.774  -6.581  -3.603  1.00 32.66 ? 14  GLU A CG  1 
ATOM   116  C  CD  . GLU A 1 15  ? -4.990  -7.331  -4.902  1.00 35.14 ? 14  GLU A CD  1 
ATOM   117  O  OE1 . GLU A 1 15  ? -5.075  -8.578  -4.861  1.00 37.07 ? 14  GLU A OE1 1 
ATOM   118  O  OE2 . GLU A 1 15  ? -5.067  -6.675  -5.962  1.00 37.88 ? 14  GLU A OE2 1 
ATOM   119  N  N   . ALA A 1 16  ? -1.148  -4.852  -3.103  1.00 21.52 ? 15  ALA A N   1 
ATOM   120  C  CA  . ALA A 1 16  ? -0.753  -3.454  -3.242  1.00 20.36 ? 15  ALA A CA  1 
ATOM   121  C  C   . ALA A 1 16  ? 0.150   -3.292  -4.463  1.00 19.11 ? 15  ALA A C   1 
ATOM   122  O  O   . ALA A 1 16  ? 0.093   -2.281  -5.165  1.00 19.20 ? 15  ALA A O   1 
ATOM   123  C  CB  . ALA A 1 16  ? -0.029  -2.984  -1.984  1.00 20.71 ? 15  ALA A CB  1 
ATOM   124  N  N   . PHE A 1 17  ? 0.985   -4.292  -4.715  1.00 18.84 ? 16  PHE A N   1 
ATOM   125  C  CA  . PHE A 1 17  ? 1.885   -4.249  -5.861  1.00 19.82 ? 16  PHE A CA  1 
ATOM   126  C  C   . PHE A 1 17  ? 1.062   -4.119  -7.136  1.00 22.30 ? 16  PHE A C   1 
ATOM   127  O  O   . PHE A 1 17  ? 1.443   -3.403  -8.064  1.00 22.25 ? 16  PHE A O   1 
ATOM   128  C  CB  . PHE A 1 17  ? 2.743   -5.519  -5.909  1.00 20.48 ? 16  PHE A CB  1 
ATOM   129  C  CG  . PHE A 1 17  ? 3.756   -5.528  -7.022  1.00 20.29 ? 16  PHE A CG  1 
ATOM   130  C  CD1 . PHE A 1 17  ? 3.435   -6.045  -8.273  1.00 20.29 ? 16  PHE A CD1 1 
ATOM   131  C  CD2 . PHE A 1 17  ? 5.028   -4.999  -6.822  1.00 20.62 ? 16  PHE A CD2 1 
ATOM   132  C  CE1 . PHE A 1 17  ? 4.364   -6.034  -9.310  1.00 21.47 ? 16  PHE A CE1 1 
ATOM   133  C  CE2 . PHE A 1 17  ? 5.965   -4.983  -7.852  1.00 20.02 ? 16  PHE A CE2 1 
ATOM   134  C  CZ  . PHE A 1 17  ? 5.633   -5.503  -9.099  1.00 21.87 ? 16  PHE A CZ  1 
ATOM   135  N  N   . SER A 1 18  ? -0.074  -4.809  -7.170  1.00 23.06 ? 17  SER A N   1 
ATOM   136  C  CA  . SER A 1 18  ? -0.954  -4.772  -8.329  1.00 24.86 ? 17  SER A CA  1 
ATOM   137  C  C   . SER A 1 18  ? -1.538  -3.379  -8.527  1.00 24.50 ? 17  SER A C   1 
ATOM   138  O  O   . SER A 1 18  ? -1.755  -2.945  -9.654  1.00 25.62 ? 17  SER A O   1 
ATOM   139  C  CB  . SER A 1 18  ? -2.088  -5.783  -8.166  1.00 25.46 ? 17  SER A CB  1 
ATOM   140  O  OG  . SER A 1 18  ? -2.969  -5.726  -9.276  1.00 27.19 ? 17  SER A OG  1 
ATOM   141  N  N   . LEU A 1 19  ? -1.799  -2.680  -7.428  1.00 26.99 ? 18  LEU A N   1 
ATOM   142  C  CA  . LEU A 1 19  ? -2.346  -1.334  -7.511  1.00 26.93 ? 18  LEU A CA  1 
ATOM   143  C  C   . LEU A 1 19  ? -1.334  -0.389  -8.157  1.00 26.71 ? 18  LEU A C   1 
ATOM   144  O  O   . LEU A 1 19  ? -1.699  0.448   -8.980  1.00 27.52 ? 18  LEU A O   1 
ATOM   145  C  CB  . LEU A 1 19  ? -2.716  -0.815  -6.116  1.00 29.08 ? 18  LEU A CB  1 
ATOM   146  C  CG  . LEU A 1 19  ? -3.833  -1.536  -5.353  1.00 29.98 ? 18  LEU A CG  1 
ATOM   147  C  CD1 . LEU A 1 19  ? -4.056  -0.849  -4.017  1.00 31.88 ? 18  LEU A CD1 1 
ATOM   148  C  CD2 . LEU A 1 19  ? -5.118  -1.528  -6.170  1.00 31.00 ? 18  LEU A CD2 1 
ATOM   149  N  N   . PHE A 1 20  ? -0.062  -0.527  -7.792  1.00 25.29 ? 19  PHE A N   1 
ATOM   150  C  CA  . PHE A 1 20  ? 0.982   0.338   -8.343  1.00 25.38 ? 19  PHE A CA  1 
ATOM   151  C  C   . PHE A 1 20  ? 1.327   0.021   -9.792  1.00 25.83 ? 19  PHE A C   1 
ATOM   152  O  O   . PHE A 1 20  ? 1.675   0.915   -10.564 1.00 24.64 ? 19  PHE A O   1 
ATOM   153  C  CB  . PHE A 1 20  ? 2.260   0.255   -7.497  1.00 25.44 ? 19  PHE A CB  1 
ATOM   154  C  CG  . PHE A 1 20  ? 2.164   0.964   -6.176  1.00 24.86 ? 19  PHE A CG  1 
ATOM   155  C  CD1 . PHE A 1 20  ? 1.534   0.364   -5.092  1.00 25.07 ? 19  PHE A CD1 1 
ATOM   156  C  CD2 . PHE A 1 20  ? 2.690   2.244   -6.022  1.00 25.68 ? 19  PHE A CD2 1 
ATOM   157  C  CE1 . PHE A 1 20  ? 1.427   1.027   -3.872  1.00 25.79 ? 19  PHE A CE1 1 
ATOM   158  C  CE2 . PHE A 1 20  ? 2.589   2.919   -4.805  1.00 23.83 ? 19  PHE A CE2 1 
ATOM   159  C  CZ  . PHE A 1 20  ? 1.956   2.309   -3.727  1.00 25.79 ? 19  PHE A CZ  1 
ATOM   160  N  N   . ASP A 1 21  ? 1.226   -1.253  -10.156 1.00 26.41 ? 20  ASP A N   1 
ATOM   161  C  CA  . ASP A 1 21  ? 1.538   -1.692  -11.506 1.00 29.56 ? 20  ASP A CA  1 
ATOM   162  C  C   . ASP A 1 21  ? 0.353   -1.442  -12.444 1.00 31.52 ? 20  ASP A C   1 
ATOM   163  O  O   . ASP A 1 21  ? -0.414  -2.353  -12.761 1.00 31.28 ? 20  ASP A O   1 
ATOM   164  C  CB  . ASP A 1 21  ? 1.913   -3.178  -11.490 1.00 29.66 ? 20  ASP A CB  1 
ATOM   165  C  CG  . ASP A 1 21  ? 2.422   -3.668  -12.828 1.00 30.07 ? 20  ASP A CG  1 
ATOM   166  O  OD1 . ASP A 1 21  ? 2.852   -2.836  -13.653 1.00 31.40 ? 20  ASP A OD1 1 
ATOM   167  O  OD2 . ASP A 1 21  ? 2.408   -4.894  -13.052 1.00 30.99 ? 20  ASP A OD2 1 
ATOM   168  N  N   . LYS A 1 22  ? 0.223   -0.191  -12.883 1.00 34.19 ? 21  LYS A N   1 
ATOM   169  C  CA  . LYS A 1 22  ? -0.856  0.225   -13.781 1.00 37.05 ? 21  LYS A CA  1 
ATOM   170  C  C   . LYS A 1 22  ? -1.020  -0.647  -15.018 1.00 37.68 ? 21  LYS A C   1 
ATOM   171  O  O   . LYS A 1 22  ? -2.047  -1.297  -15.190 1.00 38.54 ? 21  LYS A O   1 
ATOM   172  C  CB  . LYS A 1 22  ? -0.638  1.663   -14.245 1.00 39.54 ? 21  LYS A CB  1 
ATOM   173  C  CG  . LYS A 1 22  ? -0.731  2.713   -13.164 1.00 42.25 ? 21  LYS A CG  1 
ATOM   174  C  CD  . LYS A 1 22  ? -0.544  4.077   -13.798 1.00 45.85 ? 21  LYS A CD  1 
ATOM   175  C  CE  . LYS A 1 22  ? -0.707  5.214   -12.816 1.00 48.45 ? 21  LYS A CE  1 
ATOM   176  N  NZ  . LYS A 1 22  ? -0.561  6.516   -13.538 1.00 50.08 ? 21  LYS A NZ  1 
ATOM   177  N  N   . ASP A 1 23  ? -0.011  -0.647  -15.885 1.00 37.74 ? 22  ASP A N   1 
ATOM   178  C  CA  . ASP A 1 23  ? -0.057  -1.432  -17.113 1.00 37.74 ? 22  ASP A CA  1 
ATOM   179  C  C   . ASP A 1 23  ? -0.027  -2.940  -16.861 1.00 37.62 ? 22  ASP A C   1 
ATOM   180  O  O   . ASP A 1 23  ? -0.321  -3.734  -17.754 1.00 38.16 ? 22  ASP A O   1 
ATOM   181  C  CB  . ASP A 1 23  ? 1.104   -1.042  -18.033 1.00 38.20 ? 22  ASP A CB  1 
ATOM   182  C  CG  . ASP A 1 23  ? 2.460   -1.203  -17.372 1.00 39.66 ? 22  ASP A CG  1 
ATOM   183  O  OD1 . ASP A 1 23  ? 2.553   -1.916  -16.350 1.00 40.75 ? 22  ASP A OD1 1 
ATOM   184  O  OD2 . ASP A 1 23  ? 3.440   -0.626  -17.885 1.00 39.53 ? 22  ASP A OD2 1 
ATOM   185  N  N   . GLY A 1 24  ? 0.331   -3.328  -15.641 1.00 37.13 ? 23  GLY A N   1 
ATOM   186  C  CA  . GLY A 1 24  ? 0.387   -4.738  -15.301 1.00 36.29 ? 23  GLY A CA  1 
ATOM   187  C  C   . GLY A 1 24  ? 1.480   -5.479  -16.044 1.00 36.11 ? 23  GLY A C   1 
ATOM   188  O  O   . GLY A 1 24  ? 1.278   -6.609  -16.488 1.00 37.26 ? 23  GLY A O   1 
ATOM   189  N  N   . ASP A 1 25  ? 2.644   -4.852  -16.177 1.00 35.13 ? 24  ASP A N   1 
ATOM   190  C  CA  . ASP A 1 25  ? 3.758   -5.477  -16.884 1.00 34.17 ? 24  ASP A CA  1 
ATOM   191  C  C   . ASP A 1 25  ? 4.682   -6.233  -15.932 1.00 32.32 ? 24  ASP A C   1 
ATOM   192  O  O   . ASP A 1 25  ? 5.711   -6.762  -16.349 1.00 33.27 ? 24  ASP A O   1 
ATOM   193  C  CB  . ASP A 1 25  ? 4.555   -4.418  -17.654 1.00 34.77 ? 24  ASP A CB  1 
ATOM   194  C  CG  . ASP A 1 25  ? 5.509   -3.646  -16.766 1.00 36.34 ? 24  ASP A CG  1 
ATOM   195  O  OD1 . ASP A 1 25  ? 5.091   -3.226  -15.666 1.00 34.65 ? 24  ASP A OD1 1 
ATOM   196  O  OD2 . ASP A 1 25  ? 6.675   -3.456  -17.175 1.00 35.92 ? 24  ASP A OD2 1 
ATOM   197  N  N   . GLY A 1 26  ? 4.318   -6.275  -14.654 1.00 30.55 ? 25  GLY A N   1 
ATOM   198  C  CA  . GLY A 1 26  ? 5.129   -6.989  -13.685 1.00 27.34 ? 25  GLY A CA  1 
ATOM   199  C  C   . GLY A 1 26  ? 6.164   -6.168  -12.934 1.00 25.63 ? 25  GLY A C   1 
ATOM   200  O  O   . GLY A 1 26  ? 6.874   -6.699  -12.078 1.00 24.61 ? 25  GLY A O   1 
ATOM   201  N  N   . THR A 1 27  ? 6.269   -4.881  -13.249 1.00 23.17 ? 26  THR A N   1 
ATOM   202  C  CA  . THR A 1 27  ? 7.232   -4.027  -12.563 1.00 22.16 ? 26  THR A CA  1 
ATOM   203  C  C   . THR A 1 27  ? 6.645   -2.649  -12.303 1.00 20.71 ? 26  THR A C   1 
ATOM   204  O  O   . THR A 1 27  ? 5.696   -2.233  -12.964 1.00 20.39 ? 26  THR A O   1 
ATOM   205  C  CB  . THR A 1 27  ? 8.531   -3.853  -13.381 1.00 23.91 ? 26  THR A CB  1 
ATOM   206  O  OG1 . THR A 1 27  ? 8.251   -3.115  -14.573 1.00 25.34 ? 26  THR A OG1 1 
ATOM   207  C  CG2 . THR A 1 27  ? 9.114   -5.205  -13.754 1.00 24.16 ? 26  THR A CG2 1 
ATOM   208  N  N   . ILE A 1 28  ? 7.211   -1.945  -11.330 1.00 18.50 ? 27  ILE A N   1 
ATOM   209  C  CA  . ILE A 1 28  ? 6.737   -0.606  -11.000 1.00 16.71 ? 27  ILE A CA  1 
ATOM   210  C  C   . ILE A 1 28  ? 7.771   0.421   -11.443 1.00 15.94 ? 27  ILE A C   1 
ATOM   211  O  O   . ILE A 1 28  ? 8.950   0.314   -11.111 1.00 14.27 ? 27  ILE A O   1 
ATOM   212  C  CB  . ILE A 1 28  ? 6.505   -0.439  -9.480  1.00 15.99 ? 27  ILE A CB  1 
ATOM   213  C  CG1 . ILE A 1 28  ? 5.421   -1.408  -9.004  1.00 16.77 ? 27  ILE A CG1 1 
ATOM   214  C  CG2 . ILE A 1 28  ? 6.095   0.989   -9.176  1.00 16.64 ? 27  ILE A CG2 1 
ATOM   215  C  CD1 . ILE A 1 28  ? 5.227   -1.408  -7.492  1.00 16.11 ? 27  ILE A CD1 1 
ATOM   216  N  N   . THR A 1 29  ? 7.327   1.415   -12.199 1.00 15.97 ? 28  THR A N   1 
ATOM   217  C  CA  . THR A 1 29  ? 8.233   2.453   -12.660 1.00 16.34 ? 28  THR A CA  1 
ATOM   218  C  C   . THR A 1 29  ? 8.120   3.665   -11.745 1.00 15.62 ? 28  THR A C   1 
ATOM   219  O  O   . THR A 1 29  ? 7.216   3.749   -10.915 1.00 15.64 ? 28  THR A O   1 
ATOM   220  C  CB  . THR A 1 29  ? 7.899   2.897   -14.095 1.00 17.08 ? 28  THR A CB  1 
ATOM   221  O  OG1 . THR A 1 29  ? 6.563   3.408   -14.131 1.00 18.10 ? 28  THR A OG1 1 
ATOM   222  C  CG2 . THR A 1 29  ? 8.024   1.728   -15.063 1.00 18.52 ? 28  THR A CG2 1 
ATOM   223  N  N   . THR A 1 30  ? 9.051   4.596   -11.896 1.00 16.23 ? 29  THR A N   1 
ATOM   224  C  CA  . THR A 1 30  ? 9.054   5.811   -11.099 1.00 16.94 ? 29  THR A CA  1 
ATOM   225  C  C   . THR A 1 30  ? 7.737   6.563   -11.292 1.00 17.76 ? 29  THR A C   1 
ATOM   226  O  O   . THR A 1 30  ? 7.160   7.075   -10.333 1.00 16.53 ? 29  THR A O   1 
ATOM   227  C  CB  . THR A 1 30  ? 10.223  6.722   -11.506 1.00 17.84 ? 29  THR A CB  1 
ATOM   228  O  OG1 . THR A 1 30  ? 11.450  5.982   -11.419 1.00 19.02 ? 29  THR A OG1 1 
ATOM   229  C  CG2 . THR A 1 30  ? 10.295  7.936   -10.586 1.00 19.74 ? 29  THR A CG2 1 
ATOM   230  N  N   . LYS A 1 31  ? 7.264   6.619   -12.534 1.00 17.57 ? 30  LYS A N   1 
ATOM   231  C  CA  . LYS A 1 31  ? 6.016   7.311   -12.857 1.00 19.31 ? 30  LYS A CA  1 
ATOM   232  C  C   . LYS A 1 31  ? 4.807   6.654   -12.198 1.00 18.22 ? 30  LYS A C   1 
ATOM   233  O  O   . LYS A 1 31  ? 3.950   7.341   -11.639 1.00 18.17 ? 30  LYS A O   1 
ATOM   234  C  CB  . LYS A 1 31  ? 5.817   7.354   -14.377 1.00 20.51 ? 30  LYS A CB  1 
ATOM   235  C  CG  . LYS A 1 31  ? 4.594   8.141   -14.819 1.00 23.50 ? 30  LYS A CG  1 
ATOM   236  C  CD  . LYS A 1 31  ? 4.502   8.213   -16.334 1.00 24.43 ? 30  LYS A CD  1 
ATOM   237  C  CE  . LYS A 1 31  ? 3.289   9.022   -16.774 1.00 28.86 ? 30  LYS A CE  1 
ATOM   238  N  NZ  . LYS A 1 31  ? 3.228   9.168   -18.260 1.00 30.72 ? 30  LYS A NZ  1 
ATOM   239  N  N   . GLU A 1 32  ? 4.738   5.326   -12.271 1.00 17.65 ? 31  GLU A N   1 
ATOM   240  C  CA  . GLU A 1 32  ? 3.637   4.582   -11.667 1.00 16.60 ? 31  GLU A CA  1 
ATOM   241  C  C   . GLU A 1 32  ? 3.650   4.787   -10.158 1.00 15.16 ? 31  GLU A C   1 
ATOM   242  O  O   . GLU A 1 32  ? 2.602   4.969   -9.541  1.00 15.46 ? 31  GLU A O   1 
ATOM   243  C  CB  . GLU A 1 32  ? 3.761   3.086   -11.976 1.00 16.49 ? 31  GLU A CB  1 
ATOM   244  C  CG  . GLU A 1 32  ? 3.650   2.743   -13.452 1.00 21.29 ? 31  GLU A CG  1 
ATOM   245  C  CD  . GLU A 1 32  ? 3.716   1.251   -13.707 1.00 21.66 ? 31  GLU A CD  1 
ATOM   246  O  OE1 . GLU A 1 32  ? 4.626   0.597   -13.154 1.00 20.56 ? 31  GLU A OE1 1 
ATOM   247  O  OE2 . GLU A 1 32  ? 2.865   0.732   -14.461 1.00 22.53 ? 31  GLU A OE2 1 
ATOM   248  N  N   . LEU A 1 33  ? 4.846   4.756   -9.572  1.00 13.51 ? 32  LEU A N   1 
ATOM   249  C  CA  . LEU A 1 33  ? 4.995   4.947   -8.138  1.00 12.43 ? 32  LEU A CA  1 
ATOM   250  C  C   . LEU A 1 33  ? 4.451   6.319   -7.740  1.00 12.60 ? 32  LEU A C   1 
ATOM   251  O  O   . LEU A 1 33  ? 3.747   6.454   -6.740  1.00 12.85 ? 32  LEU A O   1 
ATOM   252  C  CB  . LEU A 1 33  ? 6.474   4.838   -7.739  1.00 13.27 ? 32  LEU A CB  1 
ATOM   253  C  CG  . LEU A 1 33  ? 6.751   4.734   -6.237  1.00 12.16 ? 32  LEU A CG  1 
ATOM   254  C  CD1 . LEU A 1 33  ? 6.166   3.427   -5.725  1.00 14.27 ? 32  LEU A CD1 1 
ATOM   255  C  CD2 . LEU A 1 33  ? 8.251   4.794   -5.966  1.00 9.31  ? 32  LEU A CD2 1 
ATOM   256  N  N   . GLY A 1 34  ? 4.776   7.337   -8.529  1.00 12.60 ? 33  GLY A N   1 
ATOM   257  C  CA  . GLY A 1 34  ? 4.304   8.674   -8.223  1.00 13.83 ? 33  GLY A CA  1 
ATOM   258  C  C   . GLY A 1 34  ? 2.791   8.786   -8.296  1.00 14.77 ? 33  GLY A C   1 
ATOM   259  O  O   . GLY A 1 34  ? 2.140   9.257   -7.360  1.00 13.60 ? 33  GLY A O   1 
ATOM   260  N  N   . THR A 1 35  ? 2.225   8.346   -9.411  1.00 15.18 ? 34  THR A N   1 
ATOM   261  C  CA  . THR A 1 35  ? 0.783   8.416   -9.597  1.00 17.77 ? 34  THR A CA  1 
ATOM   262  C  C   . THR A 1 35  ? 0.004   7.748   -8.470  1.00 17.22 ? 34  THR A C   1 
ATOM   263  O  O   . THR A 1 35  ? -0.917  8.341   -7.901  1.00 17.40 ? 34  THR A O   1 
ATOM   264  C  CB  . THR A 1 35  ? 0.355   7.754   -10.913 1.00 20.30 ? 34  THR A CB  1 
ATOM   265  O  OG1 . THR A 1 35  ? 1.126   8.288   -11.994 1.00 22.48 ? 34  THR A OG1 1 
ATOM   266  C  CG2 . THR A 1 35  ? -1.122  8.015   -11.170 1.00 21.67 ? 34  THR A CG2 1 
ATOM   267  N  N   . VAL A 1 36  ? 0.371   6.512   -8.148  1.00 16.95 ? 35  VAL A N   1 
ATOM   268  C  CA  . VAL A 1 36  ? -0.324  5.774   -7.103  1.00 16.18 ? 35  VAL A CA  1 
ATOM   269  C  C   . VAL A 1 36  ? -0.099  6.365   -5.711  1.00 15.30 ? 35  VAL A C   1 
ATOM   270  O  O   . VAL A 1 36  ? -1.041  6.481   -4.928  1.00 17.46 ? 35  VAL A O   1 
ATOM   271  C  CB  . VAL A 1 36  ? 0.085   4.284   -7.135  1.00 16.87 ? 35  VAL A CB  1 
ATOM   272  C  CG1 . VAL A 1 36  ? -0.702  3.493   -6.104  1.00 16.04 ? 35  VAL A CG1 1 
ATOM   273  C  CG2 . VAL A 1 36  ? -0.170  3.720   -8.528  1.00 19.37 ? 35  VAL A CG2 1 
ATOM   274  N  N   . MET A 1 37  ? 1.133   6.758   -5.398  1.00 15.47 ? 36  MET A N   1 
ATOM   275  C  CA  . MET A 1 37  ? 1.399   7.346   -4.086  1.00 13.60 ? 36  MET A CA  1 
ATOM   276  C  C   . MET A 1 37  ? 0.622   8.648   -3.890  1.00 14.26 ? 36  MET A C   1 
ATOM   277  O  O   . MET A 1 37  ? 0.126   8.927   -2.796  1.00 14.32 ? 36  MET A O   1 
ATOM   278  C  CB  . MET A 1 37  ? 2.900   7.601   -3.896  1.00 15.74 ? 36  MET A CB  1 
ATOM   279  C  CG  . MET A 1 37  ? 3.656   6.418   -3.309  1.00 17.82 ? 36  MET A CG  1 
ATOM   280  S  SD  . MET A 1 37  ? 5.406   6.761   -3.051  1.00 20.80 ? 36  MET A SD  1 
ATOM   281  C  CE  . MET A 1 37  ? 6.050   5.096   -2.807  1.00 22.16 ? 36  MET A CE  1 
ATOM   282  N  N   . ARG A 1 38  ? 0.520   9.450   -4.944  1.00 13.18 ? 37  ARG A N   1 
ATOM   283  C  CA  . ARG A 1 38  ? -0.216  10.702  -4.848  1.00 14.49 ? 37  ARG A CA  1 
ATOM   284  C  C   . ARG A 1 38  ? -1.693  10.388  -4.625  1.00 14.78 ? 37  ARG A C   1 
ATOM   285  O  O   . ARG A 1 38  ? -2.398  11.138  -3.953  1.00 16.55 ? 37  ARG A O   1 
ATOM   286  C  CB  . ARG A 1 38  ? -0.038  11.537  -6.122  1.00 16.12 ? 37  ARG A CB  1 
ATOM   287  C  CG  . ARG A 1 38  ? 1.408   11.915  -6.411  1.00 19.09 ? 37  ARG A CG  1 
ATOM   288  C  CD  . ARG A 1 38  ? 1.522   12.807  -7.645  1.00 24.21 ? 37  ARG A CD  1 
ATOM   289  N  NE  . ARG A 1 38  ? 2.908   12.978  -8.083  1.00 25.03 ? 37  ARG A NE  1 
ATOM   290  C  CZ  . ARG A 1 38  ? 3.893   13.433  -7.312  1.00 24.78 ? 37  ARG A CZ  1 
ATOM   291  N  NH1 . ARG A 1 38  ? 5.120   13.556  -7.807  1.00 24.90 ? 37  ARG A NH1 1 
ATOM   292  N  NH2 . ARG A 1 38  ? 3.657   13.757  -6.047  1.00 23.50 ? 37  ARG A NH2 1 
ATOM   293  N  N   . SER A 1 39  ? -2.152  9.271   -5.181  1.00 12.32 ? 38  SER A N   1 
ATOM   294  C  CA  . SER A 1 39  ? -3.541  8.861   -5.022  1.00 15.72 ? 38  SER A CA  1 
ATOM   295  C  C   . SER A 1 39  ? -3.780  8.328   -3.615  1.00 15.34 ? 38  SER A C   1 
ATOM   296  O  O   . SER A 1 39  ? -4.910  8.317   -3.130  1.00 18.02 ? 38  SER A O   1 
ATOM   297  C  CB  . SER A 1 39  ? -3.904  7.780   -6.040  1.00 17.70 ? 38  SER A CB  1 
ATOM   298  O  OG  . SER A 1 39  ? -3.932  8.312   -7.350  1.00 23.20 ? 38  SER A OG  1 
ATOM   299  N  N   . LEU A 1 40  ? -2.713  7.893   -2.955  1.00 14.03 ? 39  LEU A N   1 
ATOM   300  C  CA  . LEU A 1 40  ? -2.842  7.358   -1.607  1.00 14.49 ? 39  LEU A CA  1 
ATOM   301  C  C   . LEU A 1 40  ? -2.495  8.372   -0.519  1.00 14.48 ? 39  LEU A C   1 
ATOM   302  O  O   . LEU A 1 40  ? -2.008  8.011   0.558   1.00 12.40 ? 39  LEU A O   1 
ATOM   303  C  CB  . LEU A 1 40  ? -1.995  6.092   -1.464  1.00 14.84 ? 39  LEU A CB  1 
ATOM   304  C  CG  . LEU A 1 40  ? -2.444  4.964   -2.400  1.00 18.23 ? 39  LEU A CG  1 
ATOM   305  C  CD1 . LEU A 1 40  ? -1.515  3.772   -2.264  1.00 20.94 ? 39  LEU A CD1 1 
ATOM   306  C  CD2 . LEU A 1 40  ? -3.878  4.565   -2.070  1.00 17.13 ? 39  LEU A CD2 1 
ATOM   307  N  N   . GLY A 1 41  ? -2.751  9.642   -0.814  1.00 14.90 ? 40  GLY A N   1 
ATOM   308  C  CA  . GLY A 1 41  ? -2.512  10.702  0.147   1.00 14.57 ? 40  GLY A CA  1 
ATOM   309  C  C   . GLY A 1 41  ? -1.088  11.178  0.345   1.00 15.43 ? 40  GLY A C   1 
ATOM   310  O  O   . GLY A 1 41  ? -0.837  12.005  1.221   1.00 14.94 ? 40  GLY A O   1 
ATOM   311  N  N   . GLN A 1 42  ? -0.156  10.677  -0.456  1.00 12.15 ? 41  GLN A N   1 
ATOM   312  C  CA  . GLN A 1 42  ? 1.241   11.083  -0.324  1.00 15.89 ? 41  GLN A CA  1 
ATOM   313  C  C   . GLN A 1 42  ? 1.526   12.233  -1.284  1.00 15.58 ? 41  GLN A C   1 
ATOM   314  O  O   . GLN A 1 42  ? 0.731   12.508  -2.182  1.00 16.49 ? 41  GLN A O   1 
ATOM   315  C  CB  . GLN A 1 42  ? 2.164   9.902   -0.633  1.00 12.87 ? 41  GLN A CB  1 
ATOM   316  C  CG  . GLN A 1 42  ? 1.721   8.593   -0.005  1.00 15.70 ? 41  GLN A CG  1 
ATOM   317  C  CD  . GLN A 1 42  ? 1.544   8.685   1.500   1.00 16.08 ? 41  GLN A CD  1 
ATOM   318  O  OE1 . GLN A 1 42  ? 2.484   9.001   2.230   1.00 17.86 ? 41  GLN A OE1 1 
ATOM   319  N  NE2 . GLN A 1 42  ? 0.334   8.401   1.972   1.00 13.85 ? 41  GLN A NE2 1 
ATOM   320  N  N   . ASN A 1 43  ? 2.655   12.909  -1.098  1.00 16.52 ? 42  ASN A N   1 
ATOM   321  C  CA  . ASN A 1 43  ? 2.997   14.019  -1.979  1.00 15.95 ? 42  ASN A CA  1 
ATOM   322  C  C   . ASN A 1 43  ? 4.505   14.120  -2.210  1.00 14.40 ? 42  ASN A C   1 
ATOM   323  O  O   . ASN A 1 43  ? 5.095   15.193  -2.080  1.00 15.09 ? 42  ASN A O   1 
ATOM   324  C  CB  . ASN A 1 43  ? 2.448   15.326  -1.390  1.00 18.09 ? 42  ASN A CB  1 
ATOM   325  C  CG  . ASN A 1 43  ? 2.347   16.439  -2.423  1.00 20.91 ? 42  ASN A CG  1 
ATOM   326  O  OD1 . ASN A 1 43  ? 1.954   16.208  -3.564  1.00 23.28 ? 42  ASN A OD1 1 
ATOM   327  N  ND2 . ASN A 1 43  ? 2.689   17.656  -2.017  1.00 23.55 ? 42  ASN A ND2 1 
ATOM   328  N  N   . PRO A 1 44  ? 5.147   12.993  -2.571  1.00 12.01 ? 43  PRO A N   1 
ATOM   329  C  CA  . PRO A 1 44  ? 6.592   12.969  -2.819  1.00 11.27 ? 43  PRO A CA  1 
ATOM   330  C  C   . PRO A 1 44  ? 6.982   13.731  -4.074  1.00 10.30 ? 43  PRO A C   1 
ATOM   331  O  O   . PRO A 1 44  ? 6.236   13.752  -5.057  1.00 9.51  ? 43  PRO A O   1 
ATOM   332  C  CB  . PRO A 1 44  ? 6.889   11.482  -2.959  1.00 12.61 ? 43  PRO A CB  1 
ATOM   333  C  CG  . PRO A 1 44  ? 5.647   10.979  -3.645  1.00 11.44 ? 43  PRO A CG  1 
ATOM   334  C  CD  . PRO A 1 44  ? 4.544   11.682  -2.875  1.00 11.35 ? 43  PRO A CD  1 
ATOM   335  N  N   . THR A 1 45  ? 8.156   14.352  -4.035  1.00 12.13 ? 44  THR A N   1 
ATOM   336  C  CA  . THR A 1 45  ? 8.672   15.095  -5.180  1.00 9.66  ? 44  THR A CA  1 
ATOM   337  C  C   . THR A 1 45  ? 9.276   14.074  -6.142  1.00 10.20 ? 44  THR A C   1 
ATOM   338  O  O   . THR A 1 45  ? 9.417   12.903  -5.802  1.00 9.97  ? 44  THR A O   1 
ATOM   339  C  CB  . THR A 1 45  ? 9.791   16.069  -4.763  1.00 12.12 ? 44  THR A CB  1 
ATOM   340  O  OG1 . THR A 1 45  ? 10.894  15.322  -4.228  1.00 11.11 ? 44  THR A OG1 1 
ATOM   341  C  CG2 . THR A 1 45  ? 9.290   17.046  -3.708  1.00 12.15 ? 44  THR A CG2 1 
ATOM   342  N  N   . GLU A 1 46  ? 9.639   14.517  -7.339  1.00 11.20 ? 45  GLU A N   1 
ATOM   343  C  CA  . GLU A 1 46  ? 10.234  13.617  -8.321  1.00 10.52 ? 45  GLU A CA  1 
ATOM   344  C  C   . GLU A 1 46  ? 11.568  13.053  -7.822  1.00 9.87  ? 45  GLU A C   1 
ATOM   345  O  O   . GLU A 1 46  ? 11.876  11.882  -8.037  1.00 7.87  ? 45  GLU A O   1 
ATOM   346  C  CB  . GLU A 1 46  ? 10.436  14.351  -9.649  1.00 14.10 ? 45  GLU A CB  1 
ATOM   347  C  CG  . GLU A 1 46  ? 11.125  13.525  -10.719 1.00 21.82 ? 45  GLU A CG  1 
ATOM   348  C  CD  . GLU A 1 46  ? 10.468  12.178  -10.934 1.00 27.03 ? 45  GLU A CD  1 
ATOM   349  O  OE1 . GLU A 1 46  ? 9.236   12.135  -11.150 1.00 30.13 ? 45  GLU A OE1 1 
ATOM   350  O  OE2 . GLU A 1 46  ? 11.187  11.156  -10.892 1.00 29.05 ? 45  GLU A OE2 1 
ATOM   351  N  N   . ALA A 1 47  ? 12.356  13.890  -7.154  1.00 9.92  ? 46  ALA A N   1 
ATOM   352  C  CA  . ALA A 1 47  ? 13.644  13.455  -6.628  1.00 9.29  ? 46  ALA A CA  1 
ATOM   353  C  C   . ALA A 1 47  ? 13.448  12.402  -5.542  1.00 10.71 ? 46  ALA A C   1 
ATOM   354  O  O   . ALA A 1 47  ? 14.223  11.451  -5.444  1.00 11.78 ? 46  ALA A O   1 
ATOM   355  C  CB  . ALA A 1 47  ? 14.416  14.649  -6.069  1.00 9.39  ? 46  ALA A CB  1 
ATOM   356  N  N   . GLU A 1 48  ? 12.409  12.564  -4.728  1.00 8.55  ? 47  GLU A N   1 
ATOM   357  C  CA  . GLU A 1 48  ? 12.149  11.606  -3.662  1.00 10.52 ? 47  GLU A CA  1 
ATOM   358  C  C   . GLU A 1 48  ? 11.686  10.269  -4.232  1.00 9.93  ? 47  GLU A C   1 
ATOM   359  O  O   . GLU A 1 48  ? 12.018  9.209   -3.698  1.00 10.78 ? 47  GLU A O   1 
ATOM   360  C  CB  . GLU A 1 48  ? 11.111  12.175  -2.696  1.00 11.26 ? 47  GLU A CB  1 
ATOM   361  C  CG  . GLU A 1 48  ? 11.567  13.475  -2.048  1.00 15.18 ? 47  GLU A CG  1 
ATOM   362  C  CD  . GLU A 1 48  ? 10.542  14.052  -1.091  1.00 15.54 ? 47  GLU A CD  1 
ATOM   363  O  OE1 . GLU A 1 48  ? 9.354   14.122  -1.459  1.00 15.68 ? 47  GLU A OE1 1 
ATOM   364  O  OE2 . GLU A 1 48  ? 10.930  14.450  0.029   1.00 16.61 ? 47  GLU A OE2 1 
ATOM   365  N  N   . LEU A 1 49  ? 10.931  10.318  -5.325  1.00 9.51  ? 48  LEU A N   1 
ATOM   366  C  CA  . LEU A 1 49  ? 10.451  9.099   -5.963  1.00 10.97 ? 48  LEU A CA  1 
ATOM   367  C  C   . LEU A 1 49  ? 11.631  8.357   -6.565  1.00 11.13 ? 48  LEU A C   1 
ATOM   368  O  O   . LEU A 1 49  ? 11.744  7.136   -6.437  1.00 9.77  ? 48  LEU A O   1 
ATOM   369  C  CB  . LEU A 1 49  ? 9.430   9.427   -7.057  1.00 10.96 ? 48  LEU A CB  1 
ATOM   370  C  CG  . LEU A 1 49  ? 8.051   9.877   -6.575  1.00 12.73 ? 48  LEU A CG  1 
ATOM   371  C  CD1 . LEU A 1 49  ? 7.250   10.429  -7.740  1.00 14.38 ? 48  LEU A CD1 1 
ATOM   372  C  CD2 . LEU A 1 49  ? 7.331   8.688   -5.933  1.00 11.76 ? 48  LEU A CD2 1 
ATOM   373  N  N   . GLN A 1 50  ? 12.519  9.094   -7.219  1.00 12.28 ? 49  GLN A N   1 
ATOM   374  C  CA  . GLN A 1 50  ? 13.688  8.466   -7.827  1.00 15.25 ? 49  GLN A CA  1 
ATOM   375  C  C   . GLN A 1 50  ? 14.583  7.846   -6.753  1.00 14.31 ? 49  GLN A C   1 
ATOM   376  O  O   . GLN A 1 50  ? 15.142  6.768   -6.953  1.00 14.18 ? 49  GLN A O   1 
ATOM   377  C  CB  . GLN A 1 50  ? 14.479  9.491   -8.643  1.00 19.01 ? 49  GLN A CB  1 
ATOM   378  C  CG  . GLN A 1 50  ? 15.458  8.855   -9.617  1.00 24.54 ? 49  GLN A CG  1 
ATOM   379  C  CD  . GLN A 1 50  ? 14.765  7.977   -10.644 1.00 26.71 ? 49  GLN A CD  1 
ATOM   380  O  OE1 . GLN A 1 50  ? 13.945  8.451   -11.432 1.00 29.71 ? 49  GLN A OE1 1 
ATOM   381  N  NE2 . GLN A 1 50  ? 15.090  6.688   -10.637 1.00 29.09 ? 49  GLN A NE2 1 
ATOM   382  N  N   . ASP A 1 51  ? 14.720  8.522   -5.612  1.00 14.42 ? 50  ASP A N   1 
ATOM   383  C  CA  . ASP A 1 51  ? 15.553  7.991   -4.532  1.00 15.10 ? 50  ASP A CA  1 
ATOM   384  C  C   . ASP A 1 51  ? 14.912  6.735   -3.959  1.00 14.81 ? 50  ASP A C   1 
ATOM   385  O  O   . ASP A 1 51  ? 15.604  5.769   -3.642  1.00 13.11 ? 50  ASP A O   1 
ATOM   386  C  CB  . ASP A 1 51  ? 15.740  9.015   -3.406  1.00 16.75 ? 50  ASP A CB  1 
ATOM   387  C  CG  . ASP A 1 51  ? 16.526  10.240  -3.846  1.00 19.25 ? 50  ASP A CG  1 
ATOM   388  O  OD1 . ASP A 1 51  ? 17.309  10.147  -4.815  1.00 18.69 ? 50  ASP A OD1 1 
ATOM   389  O  OD2 . ASP A 1 51  ? 16.372  11.298  -3.202  1.00 20.79 ? 50  ASP A OD2 1 
ATOM   390  N  N   . MET A 1 52  ? 13.586  6.752   -3.819  1.00 13.89 ? 51  MET A N   1 
ATOM   391  C  CA  . MET A 1 52  ? 12.875  5.592   -3.287  1.00 14.90 ? 51  MET A CA  1 
ATOM   392  C  C   . MET A 1 52  ? 13.174  4.371   -4.140  1.00 14.05 ? 51  MET A C   1 
ATOM   393  O  O   . MET A 1 52  ? 13.468  3.292   -3.624  1.00 14.12 ? 51  MET A O   1 
ATOM   394  C  CB  . MET A 1 52  ? 11.365  5.839   -3.268  1.00 16.79 ? 51  MET A CB  1 
ATOM   395  C  CG  . MET A 1 52  ? 10.887  6.703   -2.117  1.00 21.39 ? 51  MET A CG  1 
ATOM   396  S  SD  . MET A 1 52  ? 9.082   6.850   -2.092  1.00 23.82 ? 51  MET A SD  1 
ATOM   397  C  CE  . MET A 1 52  ? 8.873   8.407   -2.922  1.00 25.81 ? 51  MET A CE  1 
ATOM   398  N  N   . ILE A 1 53  ? 13.101  4.554   -5.450  1.00 14.78 ? 52  ILE A N   1 
ATOM   399  C  CA  . ILE A 1 53  ? 13.364  3.480   -6.396  1.00 15.61 ? 52  ILE A CA  1 
ATOM   400  C  C   . ILE A 1 53  ? 14.816  3.014   -6.343  1.00 15.62 ? 52  ILE A C   1 
ATOM   401  O  O   . ILE A 1 53  ? 15.090  1.839   -6.102  1.00 15.08 ? 52  ILE A O   1 
ATOM   402  C  CB  . ILE A 1 53  ? 13.056  3.929   -7.841  1.00 15.81 ? 52  ILE A CB  1 
ATOM   403  C  CG1 . ILE A 1 53  ? 11.567  4.255   -7.986  1.00 18.73 ? 52  ILE A CG1 1 
ATOM   404  C  CG2 . ILE A 1 53  ? 13.495  2.849   -8.825  1.00 14.98 ? 52  ILE A CG2 1 
ATOM   405  C  CD1 . ILE A 1 53  ? 10.650  3.065   -7.829  1.00 21.72 ? 52  ILE A CD1 1 
ATOM   406  N  N   . ASN A 1 54  ? 15.747  3.934   -6.570  1.00 14.76 ? 53  ASN A N   1 
ATOM   407  C  CA  . ASN A 1 54  ? 17.160  3.575   -6.563  1.00 15.26 ? 53  ASN A CA  1 
ATOM   408  C  C   . ASN A 1 54  ? 17.627  2.861   -5.295  1.00 14.74 ? 53  ASN A C   1 
ATOM   409  O  O   . ASN A 1 54  ? 18.421  1.924   -5.367  1.00 11.83 ? 53  ASN A O   1 
ATOM   410  C  CB  . ASN A 1 54  ? 18.029  4.817   -6.794  1.00 14.87 ? 53  ASN A CB  1 
ATOM   411  C  CG  . ASN A 1 54  ? 17.819  5.431   -8.168  1.00 16.12 ? 53  ASN A CG  1 
ATOM   412  O  OD1 . ASN A 1 54  ? 17.509  4.732   -9.132  1.00 19.08 ? 53  ASN A OD1 1 
ATOM   413  N  ND2 . ASN A 1 54  ? 18.003  6.744   -8.265  1.00 14.43 ? 53  ASN A ND2 1 
ATOM   414  N  N   . GLU A 1 55  ? 17.134  3.300   -4.142  1.00 13.96 ? 54  GLU A N   1 
ATOM   415  C  CA  . GLU A 1 55  ? 17.523  2.711   -2.865  1.00 15.88 ? 54  GLU A CA  1 
ATOM   416  C  C   . GLU A 1 55  ? 17.214  1.221   -2.723  1.00 14.49 ? 54  GLU A C   1 
ATOM   417  O  O   . GLU A 1 55  ? 17.956  0.499   -2.061  1.00 16.48 ? 54  GLU A O   1 
ATOM   418  C  CB  . GLU A 1 55  ? 16.884  3.506   -1.713  1.00 21.64 ? 54  GLU A CB  1 
ATOM   419  C  CG  . GLU A 1 55  ? 17.610  4.821   -1.424  1.00 27.26 ? 54  GLU A CG  1 
ATOM   420  C  CD  . GLU A 1 55  ? 16.809  5.791   -0.565  1.00 32.32 ? 54  GLU A CD  1 
ATOM   421  O  OE1 . GLU A 1 55  ? 16.248  5.366   0.467   1.00 33.74 ? 54  GLU A OE1 1 
ATOM   422  O  OE2 . GLU A 1 55  ? 16.752  6.990   -0.921  1.00 34.72 ? 54  GLU A OE2 1 
ATOM   423  N  N   . VAL A 1 56  ? 16.134  0.757   -3.344  1.00 11.74 ? 55  VAL A N   1 
ATOM   424  C  CA  . VAL A 1 56  ? 15.777  -0.654  -3.253  1.00 11.18 ? 55  VAL A CA  1 
ATOM   425  C  C   . VAL A 1 56  ? 15.872  -1.380  -4.589  1.00 11.92 ? 55  VAL A C   1 
ATOM   426  O  O   . VAL A 1 56  ? 15.527  -2.558  -4.683  1.00 11.73 ? 55  VAL A O   1 
ATOM   427  C  CB  . VAL A 1 56  ? 14.349  -0.848  -2.674  1.00 10.25 ? 55  VAL A CB  1 
ATOM   428  C  CG1 . VAL A 1 56  ? 14.289  -0.295  -1.271  1.00 12.85 ? 55  VAL A CG1 1 
ATOM   429  C  CG2 . VAL A 1 56  ? 13.319  -0.168  -3.553  1.00 11.86 ? 55  VAL A CG2 1 
ATOM   430  N  N   . ASP A 1 57  ? 16.335  -0.677  -5.619  1.00 12.45 ? 56  ASP A N   1 
ATOM   431  C  CA  . ASP A 1 57  ? 16.489  -1.284  -6.939  1.00 13.86 ? 56  ASP A CA  1 
ATOM   432  C  C   . ASP A 1 57  ? 17.810  -2.056  -6.924  1.00 14.64 ? 56  ASP A C   1 
ATOM   433  O  O   . ASP A 1 57  ? 18.806  -1.639  -7.518  1.00 13.79 ? 56  ASP A O   1 
ATOM   434  C  CB  . ASP A 1 57  ? 16.500  -0.200  -8.022  1.00 14.85 ? 56  ASP A CB  1 
ATOM   435  C  CG  . ASP A 1 57  ? 16.617  -0.774  -9.420  1.00 15.80 ? 56  ASP A CG  1 
ATOM   436  O  OD1 . ASP A 1 57  ? 16.078  -1.877  -9.654  1.00 14.13 ? 56  ASP A OD1 1 
ATOM   437  O  OD2 . ASP A 1 57  ? 17.233  -0.115  -10.288 1.00 14.96 ? 56  ASP A OD2 1 
ATOM   438  N  N   . ALA A 1 58  ? 17.791  -3.195  -6.241  1.00 14.72 ? 57  ALA A N   1 
ATOM   439  C  CA  . ALA A 1 58  ? 18.967  -4.046  -6.070  1.00 15.39 ? 57  ALA A CA  1 
ATOM   440  C  C   . ALA A 1 58  ? 19.651  -4.580  -7.330  1.00 15.10 ? 57  ALA A C   1 
ATOM   441  O  O   . ALA A 1 58  ? 20.856  -4.810  -7.308  1.00 15.45 ? 57  ALA A O   1 
ATOM   442  C  CB  . ALA A 1 58  ? 18.622  -5.205  -5.132  1.00 14.83 ? 57  ALA A CB  1 
ATOM   443  N  N   . ASP A 1 59  ? 18.908  -4.798  -8.415  1.00 16.07 ? 58  ASP A N   1 
ATOM   444  C  CA  . ASP A 1 59  ? 19.545  -5.293  -9.636  1.00 16.70 ? 58  ASP A CA  1 
ATOM   445  C  C   . ASP A 1 59  ? 19.816  -4.164  -10.624 1.00 15.90 ? 58  ASP A C   1 
ATOM   446  O  O   . ASP A 1 59  ? 20.200  -4.402  -11.770 1.00 16.87 ? 58  ASP A O   1 
ATOM   447  C  CB  . ASP A 1 59  ? 18.706  -6.398  -10.302 1.00 16.73 ? 58  ASP A CB  1 
ATOM   448  C  CG  . ASP A 1 59  ? 17.312  -5.935  -10.701 1.00 18.08 ? 58  ASP A CG  1 
ATOM   449  O  OD1 . ASP A 1 59  ? 16.994  -4.733  -10.562 1.00 16.67 ? 58  ASP A OD1 1 
ATOM   450  O  OD2 . ASP A 1 59  ? 16.532  -6.791  -11.169 1.00 18.15 ? 58  ASP A OD2 1 
ATOM   451  N  N   . GLY A 1 60  ? 19.614  -2.933  -10.158 1.00 16.63 ? 59  GLY A N   1 
ATOM   452  C  CA  . GLY A 1 60  ? 19.852  -1.755  -10.977 1.00 17.74 ? 59  GLY A CA  1 
ATOM   453  C  C   . GLY A 1 60  ? 19.241  -1.727  -12.368 1.00 19.56 ? 59  GLY A C   1 
ATOM   454  O  O   . GLY A 1 60  ? 19.870  -1.230  -13.301 1.00 20.70 ? 59  GLY A O   1 
ATOM   455  N  N   . ASN A 1 61  ? 18.025  -2.244  -12.524 1.00 19.64 ? 60  ASN A N   1 
ATOM   456  C  CA  . ASN A 1 61  ? 17.395  -2.234  -13.838 1.00 20.18 ? 60  ASN A CA  1 
ATOM   457  C  C   . ASN A 1 61  ? 16.440  -1.053  -14.005 1.00 19.94 ? 60  ASN A C   1 
ATOM   458  O  O   . ASN A 1 61  ? 15.735  -0.946  -15.011 1.00 21.11 ? 60  ASN A O   1 
ATOM   459  C  CB  . ASN A 1 61  ? 16.678  -3.567  -14.102 1.00 21.12 ? 60  ASN A CB  1 
ATOM   460  C  CG  . ASN A 1 61  ? 15.431  -3.748  -13.260 1.00 22.16 ? 60  ASN A CG  1 
ATOM   461  O  OD1 . ASN A 1 61  ? 15.296  -3.159  -12.190 1.00 20.83 ? 60  ASN A OD1 1 
ATOM   462  N  ND2 . ASN A 1 61  ? 14.515  -4.584  -13.739 1.00 21.52 ? 60  ASN A ND2 1 
ATOM   463  N  N   . GLY A 1 62  ? 16.421  -0.164  -13.014 1.00 19.77 ? 61  GLY A N   1 
ATOM   464  C  CA  . GLY A 1 62  ? 15.575  1.016   -13.093 1.00 18.85 ? 61  GLY A CA  1 
ATOM   465  C  C   . GLY A 1 62  ? 14.124  0.873   -12.677 1.00 17.44 ? 61  GLY A C   1 
ATOM   466  O  O   . GLY A 1 62  ? 13.414  1.873   -12.560 1.00 17.61 ? 61  GLY A O   1 
ATOM   467  N  N   . THR A 1 63  ? 13.673  -0.357  -12.464 1.00 17.10 ? 62  THR A N   1 
ATOM   468  C  CA  . THR A 1 63  ? 12.298  -0.591  -12.050 1.00 16.50 ? 62  THR A CA  1 
ATOM   469  C  C   . THR A 1 63  ? 12.264  -1.450  -10.793 1.00 16.23 ? 62  THR A C   1 
ATOM   470  O  O   . THR A 1 63  ? 13.285  -1.992  -10.373 1.00 16.37 ? 62  THR A O   1 
ATOM   471  C  CB  . THR A 1 63  ? 11.483  -1.286  -13.159 1.00 17.52 ? 62  THR A CB  1 
ATOM   472  O  OG1 . THR A 1 63  ? 12.127  -2.509  -13.533 1.00 19.79 ? 62  THR A OG1 1 
ATOM   473  C  CG2 . THR A 1 63  ? 11.364  -0.379  -14.378 1.00 19.38 ? 62  THR A CG2 1 
ATOM   474  N  N   . ILE A 1 64  ? 11.081  -1.577  -10.201 1.00 16.69 ? 63  ILE A N   1 
ATOM   475  C  CA  . ILE A 1 64  ? 10.917  -2.351  -8.974  1.00 15.28 ? 63  ILE A CA  1 
ATOM   476  C  C   . ILE A 1 64  ? 10.037  -3.582  -9.143  1.00 15.05 ? 63  ILE A C   1 
ATOM   477  O  O   . ILE A 1 64  ? 8.887   -3.465  -9.560  1.00 15.15 ? 63  ILE A O   1 
ATOM   478  C  CB  . ILE A 1 64  ? 10.287  -1.470  -7.866  1.00 17.40 ? 63  ILE A CB  1 
ATOM   479  C  CG1 . ILE A 1 64  ? 11.235  -0.328  -7.499  1.00 17.34 ? 63  ILE A CG1 1 
ATOM   480  C  CG2 . ILE A 1 64  ? 9.947   -2.318  -6.647  1.00 18.58 ? 63  ILE A CG2 1 
ATOM   481  C  CD1 . ILE A 1 64  ? 12.562  -0.786  -6.960  1.00 20.48 ? 63  ILE A CD1 1 
ATOM   482  N  N   . ASP A 1 65  ? 10.568  -4.763  -8.829  1.00 16.37 ? 64  ASP A N   1 
ATOM   483  C  CA  . ASP A 1 65  ? 9.753   -5.969  -8.918  1.00 15.77 ? 64  ASP A CA  1 
ATOM   484  C  C   . ASP A 1 65  ? 9.138   -6.232  -7.542  1.00 15.47 ? 64  ASP A C   1 
ATOM   485  O  O   . ASP A 1 65  ? 9.282   -5.415  -6.632  1.00 13.28 ? 64  ASP A O   1 
ATOM   486  C  CB  . ASP A 1 65  ? 10.561  -7.186  -9.397  1.00 16.98 ? 64  ASP A CB  1 
ATOM   487  C  CG  . ASP A 1 65  ? 11.820  -7.423  -8.594  1.00 17.68 ? 64  ASP A CG  1 
ATOM   488  O  OD1 . ASP A 1 65  ? 11.829  -7.160  -7.375  1.00 17.67 ? 64  ASP A OD1 1 
ATOM   489  O  OD2 . ASP A 1 65  ? 12.809  -7.899  -9.194  1.00 20.46 ? 64  ASP A OD2 1 
ATOM   490  N  N   . PHE A 1 66  ? 8.455   -7.358  -7.375  1.00 16.38 ? 65  PHE A N   1 
ATOM   491  C  CA  . PHE A 1 66  ? 7.817   -7.629  -6.094  1.00 13.59 ? 65  PHE A CA  1 
ATOM   492  C  C   . PHE A 1 66  ? 8.763   -7.699  -4.900  1.00 13.72 ? 65  PHE A C   1 
ATOM   493  O  O   . PHE A 1 66  ? 8.518   -7.052  -3.883  1.00 11.18 ? 65  PHE A O   1 
ATOM   494  C  CB  . PHE A 1 66  ? 6.980   -8.904  -6.161  1.00 14.17 ? 65  PHE A CB  1 
ATOM   495  C  CG  . PHE A 1 66  ? 6.186   -9.159  -4.916  1.00 14.47 ? 65  PHE A CG  1 
ATOM   496  C  CD1 . PHE A 1 66  ? 5.292   -8.206  -4.441  1.00 12.05 ? 65  PHE A CD1 1 
ATOM   497  C  CD2 . PHE A 1 66  ? 6.327   -10.353 -4.217  1.00 14.21 ? 65  PHE A CD2 1 
ATOM   498  C  CE1 . PHE A 1 66  ? 4.547   -8.437  -3.283  1.00 12.49 ? 65  PHE A CE1 1 
ATOM   499  C  CE2 . PHE A 1 66  ? 5.590   -10.595 -3.062  1.00 14.98 ? 65  PHE A CE2 1 
ATOM   500  C  CZ  . PHE A 1 66  ? 4.698   -9.634  -2.595  1.00 13.49 ? 65  PHE A CZ  1 
ATOM   501  N  N   . PRO A 1 67  ? 9.843   -8.497  -4.993  1.00 13.36 ? 66  PRO A N   1 
ATOM   502  C  CA  . PRO A 1 67  ? 10.778  -8.583  -3.867  1.00 12.70 ? 66  PRO A CA  1 
ATOM   503  C  C   . PRO A 1 67  ? 11.337  -7.209  -3.474  1.00 11.52 ? 66  PRO A C   1 
ATOM   504  O  O   . PRO A 1 67  ? 11.445  -6.898  -2.289  1.00 12.24 ? 66  PRO A O   1 
ATOM   505  C  CB  . PRO A 1 67  ? 11.851  -9.538  -4.385  1.00 13.48 ? 66  PRO A CB  1 
ATOM   506  C  CG  . PRO A 1 67  ? 11.062  -10.459 -5.262  1.00 14.34 ? 66  PRO A CG  1 
ATOM   507  C  CD  . PRO A 1 67  ? 10.185  -9.491  -6.028  1.00 13.61 ? 66  PRO A CD  1 
ATOM   508  N  N   . GLU A 1 68  ? 11.684  -6.389  -4.467  1.00 10.23 ? 67  GLU A N   1 
ATOM   509  C  CA  . GLU A 1 68  ? 12.211  -5.051  -4.194  1.00 9.82  ? 67  GLU A CA  1 
ATOM   510  C  C   . GLU A 1 68  ? 11.115  -4.168  -3.585  1.00 10.50 ? 67  GLU A C   1 
ATOM   511  O  O   . GLU A 1 68  ? 11.397  -3.282  -2.774  1.00 9.12  ? 67  GLU A O   1 
ATOM   512  C  CB  . GLU A 1 68  ? 12.731  -4.410  -5.485  1.00 12.57 ? 67  GLU A CB  1 
ATOM   513  C  CG  . GLU A 1 68  ? 13.791  -5.237  -6.204  1.00 12.59 ? 67  GLU A CG  1 
ATOM   514  C  CD  . GLU A 1 68  ? 14.250  -4.607  -7.508  1.00 13.20 ? 67  GLU A CD  1 
ATOM   515  O  OE1 . GLU A 1 68  ? 13.403  -4.013  -8.209  1.00 10.87 ? 67  GLU A OE1 1 
ATOM   516  O  OE2 . GLU A 1 68  ? 15.453  -4.722  -7.838  1.00 14.35 ? 67  GLU A OE2 1 
ATOM   517  N  N   . PHE A 1 69  ? 9.868   -4.412  -3.983  1.00 8.92  ? 68  PHE A N   1 
ATOM   518  C  CA  . PHE A 1 69  ? 8.723   -3.646  -3.473  1.00 10.21 ? 68  PHE A CA  1 
ATOM   519  C  C   . PHE A 1 69  ? 8.558   -3.930  -1.979  1.00 8.92  ? 68  PHE A C   1 
ATOM   520  O  O   . PHE A 1 69  ? 8.289   -3.032  -1.180  1.00 8.30  ? 68  PHE A O   1 
ATOM   521  C  CB  . PHE A 1 69  ? 7.451   -4.055  -4.227  1.00 9.17  ? 68  PHE A CB  1 
ATOM   522  C  CG  . PHE A 1 69  ? 6.199   -3.349  -3.763  1.00 9.78  ? 68  PHE A CG  1 
ATOM   523  C  CD1 . PHE A 1 69  ? 6.027   -1.984  -3.969  1.00 9.64  ? 68  PHE A CD1 1 
ATOM   524  C  CD2 . PHE A 1 69  ? 5.178   -4.066  -3.145  1.00 8.11  ? 68  PHE A CD2 1 
ATOM   525  C  CE1 . PHE A 1 69  ? 4.855   -1.343  -3.565  1.00 11.95 ? 68  PHE A CE1 1 
ATOM   526  C  CE2 . PHE A 1 69  ? 4.003   -3.438  -2.735  1.00 10.98 ? 68  PHE A CE2 1 
ATOM   527  C  CZ  . PHE A 1 69  ? 3.840   -2.072  -2.949  1.00 11.36 ? 68  PHE A CZ  1 
ATOM   528  N  N   . LEU A 1 70  ? 8.716   -5.191  -1.601  1.00 8.79  ? 69  LEU A N   1 
ATOM   529  C  CA  . LEU A 1 70  ? 8.594   -5.549  -0.195  1.00 8.53  ? 69  LEU A CA  1 
ATOM   530  C  C   . LEU A 1 70  ? 9.646   -4.797  0.626   1.00 9.46  ? 69  LEU A C   1 
ATOM   531  O  O   . LEU A 1 70  ? 9.364   -4.333  1.728   1.00 11.29 ? 69  LEU A O   1 
ATOM   532  C  CB  . LEU A 1 70  ? 8.748   -7.060  -0.015  1.00 7.89  ? 69  LEU A CB  1 
ATOM   533  C  CG  . LEU A 1 70  ? 7.632   -7.903  -0.645  1.00 9.54  ? 69  LEU A CG  1 
ATOM   534  C  CD1 . LEU A 1 70  ? 7.893   -9.374  -0.370  1.00 8.19  ? 69  LEU A CD1 1 
ATOM   535  C  CD2 . LEU A 1 70  ? 6.274   -7.489  -0.078  1.00 5.44  ? 69  LEU A CD2 1 
ATOM   536  N  N   . THR A 1 71  ? 10.849  -4.658  0.072   1.00 8.08  ? 70  THR A N   1 
ATOM   537  C  CA  . THR A 1 71  ? 11.927  -3.945  0.754   1.00 9.45  ? 70  THR A CA  1 
ATOM   538  C  C   . THR A 1 71  ? 11.538  -2.474  0.907   1.00 8.49  ? 70  THR A C   1 
ATOM   539  O  O   . THR A 1 71  ? 11.788  -1.856  1.946   1.00 8.59  ? 70  THR A O   1 
ATOM   540  C  CB  . THR A 1 71  ? 13.247  -4.019  -0.043  1.00 9.66  ? 70  THR A CB  1 
ATOM   541  O  OG1 . THR A 1 71  ? 13.569  -5.389  -0.312  1.00 11.76 ? 70  THR A OG1 1 
ATOM   542  C  CG2 . THR A 1 71  ? 14.383  -3.392  0.749   1.00 9.74  ? 70  THR A CG2 1 
ATOM   543  N  N   . MET A 1 72  ? 10.925  -1.918  -0.133  1.00 10.62 ? 71  MET A N   1 
ATOM   544  C  CA  . MET A 1 72  ? 10.503  -0.522  -0.103  1.00 10.06 ? 71  MET A CA  1 
ATOM   545  C  C   . MET A 1 72  ? 9.438   -0.310  0.970   1.00 12.61 ? 71  MET A C   1 
ATOM   546  O  O   . MET A 1 72  ? 9.473   0.681   1.691   1.00 13.13 ? 71  MET A O   1 
ATOM   547  C  CB  . MET A 1 72  ? 9.942   -0.090  -1.462  1.00 12.99 ? 71  MET A CB  1 
ATOM   548  C  CG  . MET A 1 72  ? 9.512   1.372   -1.506  1.00 13.43 ? 71  MET A CG  1 
ATOM   549  S  SD  . MET A 1 72  ? 8.681   1.836   -3.055  1.00 20.01 ? 71  MET A SD  1 
ATOM   550  C  CE  . MET A 1 72  ? 10.049  1.797   -4.201  1.00 20.93 ? 71  MET A CE  1 
ATOM   551  N  N   . MET A 1 73  ? 8.489   -1.238  1.068   1.00 11.11 ? 72  MET A N   1 
ATOM   552  C  CA  . MET A 1 73  ? 7.425   -1.125  2.062   1.00 12.49 ? 72  MET A CA  1 
ATOM   553  C  C   . MET A 1 73  ? 7.976   -1.250  3.478   1.00 11.88 ? 72  MET A C   1 
ATOM   554  O  O   . MET A 1 73  ? 7.559   -0.524  4.386   1.00 10.28 ? 72  MET A O   1 
ATOM   555  C  CB  . MET A 1 73  ? 6.353   -2.196  1.833   1.00 12.11 ? 72  MET A CB  1 
ATOM   556  C  CG  . MET A 1 73  ? 5.536   -1.998  0.561   1.00 12.62 ? 72  MET A CG  1 
ATOM   557  S  SD  . MET A 1 73  ? 4.712   -0.383  0.512   1.00 15.97 ? 72  MET A SD  1 
ATOM   558  C  CE  . MET A 1 73  ? 3.453   -0.620  1.795   1.00 19.07 ? 72  MET A CE  1 
ATOM   559  N  N   . ALA A 1 74  ? 8.913   -2.171  3.665   1.00 12.32 ? 73  ALA A N   1 
ATOM   560  C  CA  . ALA A 1 74  ? 9.514   -2.378  4.977   1.00 12.69 ? 73  ALA A CA  1 
ATOM   561  C  C   . ALA A 1 74  ? 10.219  -1.098  5.424   1.00 14.47 ? 73  ALA A C   1 
ATOM   562  O  O   . ALA A 1 74  ? 10.037  -0.643  6.553   1.00 13.74 ? 73  ALA A O   1 
ATOM   563  C  CB  . ALA A 1 74  ? 10.502  -3.537  4.927   1.00 12.81 ? 73  ALA A CB  1 
ATOM   564  N  N   . ARG A 1 75  ? 11.008  -0.510  4.529   1.00 14.52 ? 74  ARG A N   1 
ATOM   565  C  CA  . ARG A 1 75  ? 11.729  0.718   4.851   1.00 17.79 ? 74  ARG A CA  1 
ATOM   566  C  C   . ARG A 1 75  ? 10.775  1.886   5.060   1.00 17.81 ? 74  ARG A C   1 
ATOM   567  O  O   . ARG A 1 75  ? 11.013  2.744   5.910   1.00 17.61 ? 74  ARG A O   1 
ATOM   568  C  CB  . ARG A 1 75  ? 12.731  1.062   3.746   1.00 18.07 ? 74  ARG A CB  1 
ATOM   569  C  CG  . ARG A 1 75  ? 13.866  0.063   3.619   1.00 21.84 ? 74  ARG A CG  1 
ATOM   570  C  CD  . ARG A 1 75  ? 14.982  0.594   2.731   1.00 24.08 ? 74  ARG A CD  1 
ATOM   571  N  NE  . ARG A 1 75  ? 16.105  -0.337  2.667   1.00 25.83 ? 74  ARG A NE  1 
ATOM   572  C  CZ  . ARG A 1 75  ? 17.262  -0.081  2.066   1.00 27.16 ? 74  ARG A CZ  1 
ATOM   573  N  NH1 . ARG A 1 75  ? 18.224  -0.995  2.061   1.00 29.51 ? 74  ARG A NH1 1 
ATOM   574  N  NH2 . ARG A 1 75  ? 17.465  1.088   1.474   1.00 28.57 ? 74  ARG A NH2 1 
ATOM   575  N  N   . LYS A 1 76  ? 9.696   1.918   4.282   1.00 16.15 ? 75  LYS A N   1 
ATOM   576  C  CA  . LYS A 1 76  ? 8.710   2.988   4.396   1.00 17.97 ? 75  LYS A CA  1 
ATOM   577  C  C   . LYS A 1 76  ? 8.145   3.037   5.812   1.00 15.75 ? 75  LYS A C   1 
ATOM   578  O  O   . LYS A 1 76  ? 7.945   4.112   6.380   1.00 15.43 ? 75  LYS A O   1 
ATOM   579  C  CB  . LYS A 1 76  ? 7.574   2.755   3.397   1.00 21.72 ? 75  LYS A CB  1 
ATOM   580  C  CG  . LYS A 1 76  ? 7.523   3.751   2.248   1.00 26.08 ? 75  LYS A CG  1 
ATOM   581  C  CD  . LYS A 1 76  ? 6.973   5.092   2.711   1.00 28.99 ? 75  LYS A CD  1 
ATOM   582  C  CE  . LYS A 1 76  ? 6.861   6.079   1.561   1.00 30.09 ? 75  LYS A CE  1 
ATOM   583  N  NZ  . LYS A 1 76  ? 6.383   7.406   2.031   1.00 34.59 ? 75  LYS A NZ  1 
ATOM   584  N  N   . MET A 1 77  ? 7.893   1.861   6.378   1.00 14.71 ? 76  MET A N   1 
ATOM   585  C  CA  . MET A 1 77  ? 7.343   1.759   7.723   1.00 14.70 ? 76  MET A CA  1 
ATOM   586  C  C   . MET A 1 77  ? 8.259   2.391   8.761   1.00 15.62 ? 76  MET A C   1 
ATOM   587  O  O   . MET A 1 77  ? 7.837   2.670   9.884   1.00 14.26 ? 76  MET A O   1 
ATOM   588  C  CB  . MET A 1 77  ? 7.091   0.293   8.078   1.00 16.31 ? 76  MET A CB  1 
ATOM   589  C  CG  . MET A 1 77  ? 5.928   -0.330  7.325   1.00 18.77 ? 76  MET A CG  1 
ATOM   590  S  SD  . MET A 1 77  ? 5.699   -2.074  7.727   1.00 23.49 ? 76  MET A SD  1 
ATOM   591  C  CE  . MET A 1 77  ? 5.619   -2.750  6.091   1.00 21.51 ? 76  MET A CE  1 
ATOM   592  N  N   . LYS A 1 78  ? 9.509   2.625   8.382   1.00 15.72 ? 77  LYS A N   1 
ATOM   593  C  CA  . LYS A 1 78  ? 10.471  3.227   9.295   1.00 18.94 ? 77  LYS A CA  1 
ATOM   594  C  C   . LYS A 1 78  ? 10.798  4.685   8.972   1.00 19.89 ? 77  LYS A C   1 
ATOM   595  O  O   . LYS A 1 78  ? 11.658  5.282   9.617   1.00 21.50 ? 77  LYS A O   1 
ATOM   596  C  CB  . LYS A 1 78  ? 11.759  2.401   9.319   1.00 18.98 ? 77  LYS A CB  1 
ATOM   597  C  CG  . LYS A 1 78  ? 11.552  0.969   9.778   1.00 20.03 ? 77  LYS A CG  1 
ATOM   598  C  CD  . LYS A 1 78  ? 12.881  0.257   9.921   1.00 19.97 ? 77  LYS A CD  1 
ATOM   599  C  CE  . LYS A 1 78  ? 12.705  -1.190  10.343  1.00 21.71 ? 77  LYS A CE  1 
ATOM   600  N  NZ  . LYS A 1 78  ? 14.028  -1.863  10.477  1.00 17.80 ? 77  LYS A NZ  1 
ATOM   601  N  N   . ASP A 1 79  ? 10.124  5.258   7.977   1.00 19.09 ? 78  ASP A N   1 
ATOM   602  C  CA  . ASP A 1 79  ? 10.363  6.657   7.626   1.00 20.87 ? 78  ASP A CA  1 
ATOM   603  C  C   . ASP A 1 79  ? 10.188  7.518   8.867   1.00 19.93 ? 78  ASP A C   1 
ATOM   604  O  O   . ASP A 1 79  ? 9.384   7.197   9.740   1.00 18.24 ? 78  ASP A O   1 
ATOM   605  C  CB  . ASP A 1 79  ? 9.375   7.149   6.565   1.00 22.94 ? 78  ASP A CB  1 
ATOM   606  C  CG  . ASP A 1 79  ? 9.663   6.598   5.192   1.00 25.96 ? 78  ASP A CG  1 
ATOM   607  O  OD1 . ASP A 1 79  ? 10.843  6.322   4.894   1.00 29.54 ? 78  ASP A OD1 1 
ATOM   608  O  OD2 . ASP A 1 79  ? 8.705   6.461   4.404   1.00 25.81 ? 78  ASP A OD2 1 
ATOM   609  N  N   . THR A 1 80  ? 10.925  8.619   8.933   1.00 21.30 ? 79  THR A N   1 
ATOM   610  C  CA  . THR A 1 80  ? 10.830  9.512   10.081  1.00 23.26 ? 79  THR A CA  1 
ATOM   611  C  C   . THR A 1 80  ? 9.412   10.066  10.186  1.00 21.53 ? 79  THR A C   1 
ATOM   612  O  O   . THR A 1 80  ? 8.913   10.315  11.281  1.00 22.50 ? 79  THR A O   1 
ATOM   613  C  CB  . THR A 1 80  ? 11.823  10.688  9.959   1.00 24.88 ? 79  THR A CB  1 
ATOM   614  O  OG1 . THR A 1 80  ? 11.282  11.695  9.097   1.00 28.74 ? 79  THR A OG1 1 
ATOM   615  C  CG2 . THR A 1 80  ? 13.140  10.203  9.377   1.00 26.38 ? 79  THR A CG2 1 
ATOM   616  N  N   . ASP A 1 81  ? 8.762   10.243  9.039   1.00 19.91 ? 80  ASP A N   1 
ATOM   617  C  CA  . ASP A 1 81  ? 7.401   10.769  9.013   1.00 19.38 ? 80  ASP A CA  1 
ATOM   618  C  C   . ASP A 1 81  ? 6.377   9.675   8.727   1.00 16.81 ? 80  ASP A C   1 
ATOM   619  O  O   . ASP A 1 81  ? 5.296   9.960   8.212   1.00 14.42 ? 80  ASP A O   1 
ATOM   620  C  CB  . ASP A 1 81  ? 7.269   11.850  7.937   1.00 22.82 ? 80  ASP A CB  1 
ATOM   621  C  CG  . ASP A 1 81  ? 8.350   12.909  8.033   1.00 26.15 ? 80  ASP A CG  1 
ATOM   622  O  OD1 . ASP A 1 81  ? 8.566   13.450  9.138   1.00 28.99 ? 80  ASP A OD1 1 
ATOM   623  O  OD2 . ASP A 1 81  ? 8.978   13.203  6.992   1.00 29.93 ? 80  ASP A OD2 1 
ATOM   624  N  N   . SER A 1 82  ? 6.705   8.431   9.061   1.00 15.37 ? 81  SER A N   1 
ATOM   625  C  CA  . SER A 1 82  ? 5.788   7.326   8.796   1.00 13.02 ? 81  SER A CA  1 
ATOM   626  C  C   . SER A 1 82  ? 4.394   7.496   9.405   1.00 13.38 ? 81  SER A C   1 
ATOM   627  O  O   . SER A 1 82  ? 3.394   7.213   8.744   1.00 10.90 ? 81  SER A O   1 
ATOM   628  C  CB  . SER A 1 82  ? 6.403   5.996   9.255   1.00 14.06 ? 81  SER A CB  1 
ATOM   629  O  OG  . SER A 1 82  ? 6.728   6.014   10.632  1.00 12.78 ? 81  SER A OG  1 
ATOM   630  N  N   . GLU A 1 83  ? 4.318   7.963   10.650  1.00 12.95 ? 82  GLU A N   1 
ATOM   631  C  CA  . GLU A 1 83  ? 3.020   8.135   11.299  1.00 13.78 ? 82  GLU A CA  1 
ATOM   632  C  C   . GLU A 1 83  ? 2.110   9.023   10.454  1.00 12.58 ? 82  GLU A C   1 
ATOM   633  O  O   . GLU A 1 83  ? 0.950   8.692   10.199  1.00 9.55  ? 82  GLU A O   1 
ATOM   634  C  CB  . GLU A 1 83  ? 3.188   8.756   12.688  1.00 17.22 ? 82  GLU A CB  1 
ATOM   635  C  CG  . GLU A 1 83  ? 1.925   8.679   13.537  1.00 23.91 ? 82  GLU A CG  1 
ATOM   636  C  CD  . GLU A 1 83  ? 2.048   9.436   14.846  1.00 29.30 ? 82  GLU A CD  1 
ATOM   637  O  OE1 . GLU A 1 83  ? 3.152   9.443   15.433  1.00 32.75 ? 82  GLU A OE1 1 
ATOM   638  O  OE2 . GLU A 1 83  ? 1.035   10.011  15.297  1.00 32.83 ? 82  GLU A OE2 1 
ATOM   639  N  N   . GLU A 1 84  ? 2.649   10.156  10.021  1.00 10.78 ? 83  GLU A N   1 
ATOM   640  C  CA  . GLU A 1 84  ? 1.895   11.095  9.205   1.00 13.26 ? 83  GLU A CA  1 
ATOM   641  C  C   . GLU A 1 84  ? 1.491   10.477  7.867   1.00 10.82 ? 83  GLU A C   1 
ATOM   642  O  O   . GLU A 1 84  ? 0.338   10.583  7.454   1.00 10.42 ? 83  GLU A O   1 
ATOM   643  C  CB  . GLU A 1 84  ? 2.729   12.354  8.974   1.00 14.13 ? 83  GLU A CB  1 
ATOM   644  C  CG  . GLU A 1 84  ? 2.082   13.389  8.075   1.00 19.10 ? 83  GLU A CG  1 
ATOM   645  C  CD  . GLU A 1 84  ? 2.959   14.614  7.896   1.00 23.15 ? 83  GLU A CD  1 
ATOM   646  O  OE1 . GLU A 1 84  ? 3.202   15.326  8.894   1.00 24.91 ? 83  GLU A OE1 1 
ATOM   647  O  OE2 . GLU A 1 84  ? 3.413   14.864  6.762   1.00 26.10 ? 83  GLU A OE2 1 
ATOM   648  N  N   . GLU A 1 85  ? 2.439   9.825   7.200   1.00 10.85 ? 84  GLU A N   1 
ATOM   649  C  CA  . GLU A 1 85  ? 2.170   9.194   5.910   1.00 11.54 ? 84  GLU A CA  1 
ATOM   650  C  C   . GLU A 1 85  ? 1.071   8.146   6.024   1.00 10.12 ? 84  GLU A C   1 
ATOM   651  O  O   . GLU A 1 85  ? 0.195   8.065   5.167   1.00 8.48  ? 84  GLU A O   1 
ATOM   652  C  CB  . GLU A 1 85  ? 3.447   8.554   5.366   1.00 12.35 ? 84  GLU A CB  1 
ATOM   653  C  CG  . GLU A 1 85  ? 4.620   9.514   5.356   1.00 17.24 ? 84  GLU A CG  1 
ATOM   654  C  CD  . GLU A 1 85  ? 5.898   8.884   4.848   1.00 19.61 ? 84  GLU A CD  1 
ATOM   655  O  OE1 . GLU A 1 85  ? 6.158   7.707   5.176   1.00 21.30 ? 84  GLU A OE1 1 
ATOM   656  O  OE2 . GLU A 1 85  ? 6.651   9.575   4.132   1.00 22.99 ? 84  GLU A OE2 1 
ATOM   657  N  N   . ILE A 1 86  ? 1.115   7.352   7.088   1.00 8.71  ? 85  ILE A N   1 
ATOM   658  C  CA  . ILE A 1 86  ? 0.103   6.322   7.304   1.00 10.67 ? 85  ILE A CA  1 
ATOM   659  C  C   . ILE A 1 86  ? -1.264  6.958   7.575   1.00 10.37 ? 85  ILE A C   1 
ATOM   660  O  O   . ILE A 1 86  ? -2.287  6.454   7.109   1.00 10.71 ? 85  ILE A O   1 
ATOM   661  C  CB  . ILE A 1 86  ? 0.507   5.386   8.471   1.00 12.02 ? 85  ILE A CB  1 
ATOM   662  C  CG1 . ILE A 1 86  ? 1.737   4.569   8.061   1.00 13.13 ? 85  ILE A CG1 1 
ATOM   663  C  CG2 . ILE A 1 86  ? -0.650  4.460   8.839   1.00 11.72 ? 85  ILE A CG2 1 
ATOM   664  C  CD1 . ILE A 1 86  ? 2.341   3.750   9.183   1.00 13.20 ? 85  ILE A CD1 1 
ATOM   665  N  N   . ARG A 1 87  ? -1.284  8.071   8.306   1.00 9.30  ? 86  ARG A N   1 
ATOM   666  C  CA  . ARG A 1 87  ? -2.546  8.754   8.595   1.00 9.41  ? 86  ARG A CA  1 
ATOM   667  C  C   . ARG A 1 87  ? -3.169  9.261   7.302   1.00 11.44 ? 86  ARG A C   1 
ATOM   668  O  O   . ARG A 1 87  ? -4.376  9.136   7.080   1.00 9.73  ? 86  ARG A O   1 
ATOM   669  C  CB  . ARG A 1 87  ? -2.337  9.958   9.519   1.00 12.82 ? 86  ARG A CB  1 
ATOM   670  C  CG  . ARG A 1 87  ? -2.243  9.644   10.999  1.00 17.38 ? 86  ARG A CG  1 
ATOM   671  C  CD  . ARG A 1 87  ? -2.801  10.811  11.807  1.00 17.07 ? 86  ARG A CD  1 
ATOM   672  N  NE  . ARG A 1 87  ? -2.266  12.089  11.345  1.00 16.49 ? 86  ARG A NE  1 
ATOM   673  C  CZ  . ARG A 1 87  ? -1.020  12.498  11.563  1.00 17.68 ? 86  ARG A CZ  1 
ATOM   674  N  NH1 . ARG A 1 87  ? -0.614  13.674  11.098  1.00 19.94 ? 86  ARG A NH1 1 
ATOM   675  N  NH2 . ARG A 1 87  ? -0.188  11.742  12.262  1.00 17.49 ? 86  ARG A NH2 1 
ATOM   676  N  N   . GLU A 1 88  ? -2.337  9.856   6.456   1.00 9.05  ? 87  GLU A N   1 
ATOM   677  C  CA  . GLU A 1 88  ? -2.812  10.394  5.191   1.00 12.06 ? 87  GLU A CA  1 
ATOM   678  C  C   . GLU A 1 88  ? -3.353  9.290   4.289   1.00 10.97 ? 87  GLU A C   1 
ATOM   679  O  O   . GLU A 1 88  ? -4.311  9.508   3.555   1.00 10.52 ? 87  GLU A O   1 
ATOM   680  C  CB  . GLU A 1 88  ? -1.681  11.172  4.512   1.00 13.52 ? 87  GLU A CB  1 
ATOM   681  C  CG  . GLU A 1 88  ? -1.177  12.306  5.397   1.00 18.59 ? 87  GLU A CG  1 
ATOM   682  C  CD  . GLU A 1 88  ? 0.024   13.029  4.825   1.00 21.05 ? 87  GLU A CD  1 
ATOM   683  O  OE1 . GLU A 1 88  ? 0.966   12.350  4.370   1.00 22.32 ? 87  GLU A OE1 1 
ATOM   684  O  OE2 . GLU A 1 88  ? 0.030   14.277  4.852   1.00 23.36 ? 87  GLU A OE2 1 
ATOM   685  N  N   . ALA A 1 89  ? -2.749  8.107   4.349   1.00 7.89  ? 88  ALA A N   1 
ATOM   686  C  CA  . ALA A 1 89  ? -3.224  6.991   3.538   1.00 10.33 ? 88  ALA A CA  1 
ATOM   687  C  C   . ALA A 1 89  ? -4.583  6.539   4.071   1.00 9.69  ? 88  ALA A C   1 
ATOM   688  O  O   . ALA A 1 89  ? -5.524  6.335   3.303   1.00 7.68  ? 88  ALA A O   1 
ATOM   689  C  CB  . ALA A 1 89  ? -2.227  5.834   3.582   1.00 9.37  ? 88  ALA A CB  1 
ATOM   690  N  N   . PHE A 1 90  ? -4.688  6.381   5.389   1.00 9.81  ? 89  PHE A N   1 
ATOM   691  C  CA  . PHE A 1 90  ? -5.953  5.961   5.988   1.00 8.40  ? 89  PHE A CA  1 
ATOM   692  C  C   . PHE A 1 90  ? -7.073  6.918   5.557   1.00 8.44  ? 89  PHE A C   1 
ATOM   693  O  O   . PHE A 1 90  ? -8.173  6.489   5.215   1.00 7.77  ? 89  PHE A O   1 
ATOM   694  C  CB  . PHE A 1 90  ? -5.852  5.955   7.520   1.00 8.54  ? 89  PHE A CB  1 
ATOM   695  C  CG  . PHE A 1 90  ? -7.076  5.396   8.206   1.00 9.36  ? 89  PHE A CG  1 
ATOM   696  C  CD1 . PHE A 1 90  ? -7.312  4.024   8.233   1.00 7.56  ? 89  PHE A CD1 1 
ATOM   697  C  CD2 . PHE A 1 90  ? -8.004  6.246   8.805   1.00 7.79  ? 89  PHE A CD2 1 
ATOM   698  C  CE1 . PHE A 1 90  ? -8.469  3.503   8.852   1.00 6.74  ? 89  PHE A CE1 1 
ATOM   699  C  CE2 . PHE A 1 90  ? -9.155  5.741   9.421   1.00 8.25  ? 89  PHE A CE2 1 
ATOM   700  C  CZ  . PHE A 1 90  ? -9.385  4.363   9.443   1.00 10.70 ? 89  PHE A CZ  1 
ATOM   701  N  N   . ARG A 1 91  ? -6.779  8.214   5.569   1.00 6.12  ? 90  ARG A N   1 
ATOM   702  C  CA  . ARG A 1 91  ? -7.754  9.228   5.183   1.00 8.15  ? 90  ARG A CA  1 
ATOM   703  C  C   . ARG A 1 91  ? -8.346  8.950   3.804   1.00 7.66  ? 90  ARG A C   1 
ATOM   704  O  O   . ARG A 1 91  ? -9.555  9.076   3.603   1.00 7.62  ? 90  ARG A O   1 
ATOM   705  C  CB  . ARG A 1 91  ? -7.101  10.612  5.206   1.00 9.34  ? 90  ARG A CB  1 
ATOM   706  C  CG  . ARG A 1 91  ? -7.946  11.721  4.614   1.00 8.53  ? 90  ARG A CG  1 
ATOM   707  C  CD  . ARG A 1 91  ? -7.278  13.072  4.833   1.00 11.82 ? 90  ARG A CD  1 
ATOM   708  N  NE  . ARG A 1 91  ? -8.042  14.163  4.236   1.00 9.51  ? 90  ARG A NE  1 
ATOM   709  C  CZ  . ARG A 1 91  ? -8.061  14.437  2.934   1.00 13.86 ? 90  ARG A CZ  1 
ATOM   710  N  NH1 . ARG A 1 91  ? -8.789  15.447  2.478   1.00 12.74 ? 90  ARG A NH1 1 
ATOM   711  N  NH2 . ARG A 1 91  ? -7.344  13.709  2.088   1.00 12.97 ? 90  ARG A NH2 1 
ATOM   712  N  N   . VAL A 1 92  ? -7.497  8.564   2.856   1.00 8.80  ? 91  VAL A N   1 
ATOM   713  C  CA  . VAL A 1 92  ? -7.966  8.272   1.508   1.00 8.24  ? 91  VAL A CA  1 
ATOM   714  C  C   . VAL A 1 92  ? -9.004  7.152   1.501   1.00 10.83 ? 91  VAL A C   1 
ATOM   715  O  O   . VAL A 1 92  ? -10.005 7.238   0.787   1.00 10.45 ? 91  VAL A O   1 
ATOM   716  C  CB  . VAL A 1 92  ? -6.797  7.882   0.567   1.00 10.46 ? 91  VAL A CB  1 
ATOM   717  C  CG1 . VAL A 1 92  ? -7.341  7.378   -0.772  1.00 11.99 ? 91  VAL A CG1 1 
ATOM   718  C  CG2 . VAL A 1 92  ? -5.899  9.084   0.339   1.00 11.86 ? 91  VAL A CG2 1 
ATOM   719  N  N   . PHE A 1 93  ? -8.781  6.112   2.305   1.00 8.20  ? 92  PHE A N   1 
ATOM   720  C  CA  . PHE A 1 93  ? -9.729  4.997   2.355   1.00 9.12  ? 92  PHE A CA  1 
ATOM   721  C  C   . PHE A 1 93  ? -11.008 5.308   3.135   1.00 9.11  ? 92  PHE A C   1 
ATOM   722  O  O   . PHE A 1 93  ? -12.107 4.960   2.703   1.00 10.15 ? 92  PHE A O   1 
ATOM   723  C  CB  . PHE A 1 93  ? -9.078  3.749   2.969   1.00 9.42  ? 92  PHE A CB  1 
ATOM   724  C  CG  . PHE A 1 93  ? -8.025  3.116   2.105   1.00 11.76 ? 92  PHE A CG  1 
ATOM   725  C  CD1 . PHE A 1 93  ? -6.711  3.564   2.142   1.00 12.09 ? 92  PHE A CD1 1 
ATOM   726  C  CD2 . PHE A 1 93  ? -8.352  2.067   1.246   1.00 11.30 ? 92  PHE A CD2 1 
ATOM   727  C  CE1 . PHE A 1 93  ? -5.731  2.979   1.343   1.00 13.18 ? 92  PHE A CE1 1 
ATOM   728  C  CE2 . PHE A 1 93  ? -7.379  1.474   0.439   1.00 13.46 ? 92  PHE A CE2 1 
ATOM   729  C  CZ  . PHE A 1 93  ? -6.066  1.932   0.489   1.00 11.99 ? 92  PHE A CZ  1 
ATOM   730  N  N   . ASP A 1 94  ? -10.868 5.955   4.287   1.00 7.78  ? 93  ASP A N   1 
ATOM   731  C  CA  . ASP A 1 94  ? -12.029 6.267   5.118   1.00 7.60  ? 93  ASP A CA  1 
ATOM   732  C  C   . ASP A 1 94  ? -12.792 7.481   4.579   1.00 7.98  ? 93  ASP A C   1 
ATOM   733  O  O   . ASP A 1 94  ? -12.787 8.558   5.172   1.00 9.18  ? 93  ASP A O   1 
ATOM   734  C  CB  . ASP A 1 94  ? -11.578 6.500   6.560   1.00 6.94  ? 93  ASP A CB  1 
ATOM   735  C  CG  . ASP A 1 94  ? -12.743 6.666   7.513   1.00 8.39  ? 93  ASP A CG  1 
ATOM   736  O  OD1 . ASP A 1 94  ? -13.859 6.213   7.182   1.00 7.49  ? 93  ASP A OD1 1 
ATOM   737  O  OD2 . ASP A 1 94  ? -12.534 7.237   8.598   1.00 8.72  ? 93  ASP A OD2 1 
ATOM   738  N  N   . LYS A 1 95  ? -13.458 7.277   3.445   1.00 8.21  ? 94  LYS A N   1 
ATOM   739  C  CA  . LYS A 1 95  ? -14.224 8.318   2.765   1.00 11.71 ? 94  LYS A CA  1 
ATOM   740  C  C   . LYS A 1 95  ? -15.256 9.061   3.612   1.00 11.84 ? 94  LYS A C   1 
ATOM   741  O  O   . LYS A 1 95  ? -15.377 10.281  3.499   1.00 10.79 ? 94  LYS A O   1 
ATOM   742  C  CB  . LYS A 1 95  ? -14.939 7.727   1.543   1.00 14.34 ? 94  LYS A CB  1 
ATOM   743  C  CG  . LYS A 1 95  ? -14.045 6.998   0.560   1.00 19.84 ? 94  LYS A CG  1 
ATOM   744  C  CD  . LYS A 1 95  ? -12.995 7.903   -0.047  1.00 21.79 ? 94  LYS A CD  1 
ATOM   745  C  CE  . LYS A 1 95  ? -12.224 7.178   -1.146  1.00 21.72 ? 94  LYS A CE  1 
ATOM   746  N  NZ  . LYS A 1 95  ? -11.087 7.987   -1.650  1.00 20.97 ? 94  LYS A NZ  1 
ATOM   747  N  N   . ASP A 1 96  ? -16.013 8.337   4.436   1.00 9.91  ? 95  ASP A N   1 
ATOM   748  C  CA  . ASP A 1 96  ? -17.029 8.988   5.252   1.00 10.24 ? 95  ASP A CA  1 
ATOM   749  C  C   . ASP A 1 96  ? -16.542 9.437   6.622   1.00 9.32  ? 95  ASP A C   1 
ATOM   750  O  O   . ASP A 1 96  ? -17.329 9.915   7.443   1.00 10.79 ? 95  ASP A O   1 
ATOM   751  C  CB  . ASP A 1 96  ? -18.290 8.101   5.381   1.00 9.41  ? 95  ASP A CB  1 
ATOM   752  C  CG  . ASP A 1 96  ? -18.091 6.882   6.278   1.00 11.24 ? 95  ASP A CG  1 
ATOM   753  O  OD1 . ASP A 1 96  ? -16.988 6.685   6.827   1.00 8.82  ? 95  ASP A OD1 1 
ATOM   754  O  OD2 . ASP A 1 96  ? -19.070 6.112   6.438   1.00 10.08 ? 95  ASP A OD2 1 
ATOM   755  N  N   . GLY A 1 97  ? -15.240 9.288   6.859   1.00 8.37  ? 96  GLY A N   1 
ATOM   756  C  CA  . GLY A 1 97  ? -14.639 9.712   8.111   1.00 8.09  ? 96  GLY A CA  1 
ATOM   757  C  C   . GLY A 1 97  ? -15.189 9.171   9.416   1.00 8.78  ? 96  GLY A C   1 
ATOM   758  O  O   . GLY A 1 97  ? -15.100 9.846   10.438  1.00 9.51  ? 96  GLY A O   1 
ATOM   759  N  N   . ASN A 1 98  ? -15.738 7.961   9.413   1.00 8.18  ? 97  ASN A N   1 
ATOM   760  C  CA  . ASN A 1 98  ? -16.276 7.419   10.652  1.00 9.59  ? 97  ASN A CA  1 
ATOM   761  C  C   . ASN A 1 98  ? -15.234 6.620   11.437  1.00 9.70  ? 97  ASN A C   1 
ATOM   762  O  O   . ASN A 1 98  ? -15.534 6.069   12.494  1.00 10.64 ? 97  ASN A O   1 
ATOM   763  C  CB  . ASN A 1 98  ? -17.525 6.571   10.368  1.00 11.43 ? 97  ASN A CB  1 
ATOM   764  C  CG  . ASN A 1 98  ? -17.205 5.261   9.678   1.00 11.55 ? 97  ASN A CG  1 
ATOM   765  O  OD1 . ASN A 1 98  ? -16.129 5.095   9.094   1.00 10.20 ? 97  ASN A OD1 1 
ATOM   766  N  ND2 . ASN A 1 98  ? -18.151 4.321   9.727   1.00 9.92  ? 97  ASN A ND2 1 
ATOM   767  N  N   . GLY A 1 99  ? -14.005 6.571   10.925  1.00 9.16  ? 98  GLY A N   1 
ATOM   768  C  CA  . GLY A 1 99  ? -12.949 5.854   11.618  1.00 9.30  ? 98  GLY A CA  1 
ATOM   769  C  C   . GLY A 1 99  ? -12.777 4.398   11.223  1.00 9.64  ? 98  GLY A C   1 
ATOM   770  O  O   . GLY A 1 99  ? -11.939 3.695   11.798  1.00 7.41  ? 98  GLY A O   1 
ATOM   771  N  N   . TYR A 1 100 ? -13.560 3.940   10.251  1.00 8.26  ? 99  TYR A N   1 
ATOM   772  C  CA  . TYR A 1 100 ? -13.483 2.556   9.786   1.00 8.35  ? 99  TYR A CA  1 
ATOM   773  C  C   . TYR A 1 100 ? -13.465 2.486   8.269   1.00 8.90  ? 99  TYR A C   1 
ATOM   774  O  O   . TYR A 1 100 ? -14.174 3.233   7.605   1.00 11.32 ? 99  TYR A O   1 
ATOM   775  C  CB  . TYR A 1 100 ? -14.695 1.744   10.260  1.00 8.32  ? 99  TYR A CB  1 
ATOM   776  C  CG  . TYR A 1 100 ? -14.860 1.660   11.755  1.00 7.26  ? 99  TYR A CG  1 
ATOM   777  C  CD1 . TYR A 1 100 ? -15.508 2.668   12.466  1.00 9.52  ? 99  TYR A CD1 1 
ATOM   778  C  CD2 . TYR A 1 100 ? -14.334 0.581   12.466  1.00 6.81  ? 99  TYR A CD2 1 
ATOM   779  C  CE1 . TYR A 1 100 ? -15.625 2.600   13.855  1.00 6.85  ? 99  TYR A CE1 1 
ATOM   780  C  CE2 . TYR A 1 100 ? -14.440 0.506   13.844  1.00 4.94  ? 99  TYR A CE2 1 
ATOM   781  C  CZ  . TYR A 1 100 ? -15.083 1.517   14.530  1.00 7.22  ? 99  TYR A CZ  1 
ATOM   782  O  OH  . TYR A 1 100 ? -15.174 1.439   15.891  1.00 7.79  ? 99  TYR A OH  1 
ATOM   783  N  N   . ILE A 1 101 ? -12.663 1.581   7.717   1.00 6.81  ? 100 ILE A N   1 
ATOM   784  C  CA  . ILE A 1 101 ? -12.639 1.406   6.277   1.00 5.20  ? 100 ILE A CA  1 
ATOM   785  C  C   . ILE A 1 101 ? -13.557 0.216   6.002   1.00 5.33  ? 100 ILE A C   1 
ATOM   786  O  O   . ILE A 1 101 ? -13.303 -0.896  6.466   1.00 4.33  ? 100 ILE A O   1 
ATOM   787  C  CB  . ILE A 1 101 ? -11.230 1.089   5.765   1.00 5.43  ? 100 ILE A CB  1 
ATOM   788  C  CG1 . ILE A 1 101 ? -10.303 2.276   6.049   1.00 5.87  ? 100 ILE A CG1 1 
ATOM   789  C  CG2 . ILE A 1 101 ? -11.281 0.761   4.270   1.00 4.97  ? 100 ILE A CG2 1 
ATOM   790  C  CD1 . ILE A 1 101 ? -8.823  1.968   5.850   1.00 7.68  ? 100 ILE A CD1 1 
ATOM   791  N  N   . SER A 1 102 ? -14.636 0.471   5.274   1.00 6.77  ? 101 SER A N   1 
ATOM   792  C  CA  . SER A 1 102 ? -15.612 -0.553  4.925   1.00 6.62  ? 101 SER A CA  1 
ATOM   793  C  C   . SER A 1 102 ? -15.248 -1.212  3.603   1.00 5.81  ? 101 SER A C   1 
ATOM   794  O  O   . SER A 1 102 ? -14.398 -0.712  2.866   1.00 6.42  ? 101 SER A O   1 
ATOM   795  C  CB  . SER A 1 102 ? -16.998 0.077   4.784   1.00 8.62  ? 101 SER A CB  1 
ATOM   796  O  OG  . SER A 1 102 ? -17.032 0.958   3.672   1.00 8.44  ? 101 SER A OG  1 
ATOM   797  N  N   . ALA A 1 103 ? -15.902 -2.332  3.306   1.00 5.64  ? 102 ALA A N   1 
ATOM   798  C  CA  . ALA A 1 103 ? -15.659 -3.033  2.051   1.00 6.21  ? 102 ALA A CA  1 
ATOM   799  C  C   . ALA A 1 103 ? -16.024 -2.098  0.895   1.00 9.18  ? 102 ALA A C   1 
ATOM   800  O  O   . ALA A 1 103 ? -15.357 -2.091  -0.142  1.00 7.59  ? 102 ALA A O   1 
ATOM   801  C  CB  . ALA A 1 103 ? -16.500 -4.321  1.986   1.00 6.08  ? 102 ALA A CB  1 
ATOM   802  N  N   . ALA A 1 104 ? -17.075 -1.301  1.080   1.00 8.41  ? 103 ALA A N   1 
ATOM   803  C  CA  . ALA A 1 104 ? -17.501 -0.358  0.048   1.00 9.06  ? 103 ALA A CA  1 
ATOM   804  C  C   . ALA A 1 104 ? -16.403 0.672   -0.224  1.00 8.52  ? 103 ALA A C   1 
ATOM   805  O  O   . ALA A 1 104 ? -16.097 0.977   -1.381  1.00 7.25  ? 103 ALA A O   1 
ATOM   806  C  CB  . ALA A 1 104 ? -18.786 0.350   0.475   1.00 11.63 ? 103 ALA A CB  1 
ATOM   807  N  N   . GLU A 1 105 ? -15.807 1.200   0.844   1.00 7.73  ? 104 GLU A N   1 
ATOM   808  C  CA  . GLU A 1 105 ? -14.746 2.191   0.711   1.00 8.76  ? 104 GLU A CA  1 
ATOM   809  C  C   . GLU A 1 105 ? -13.499 1.576   0.091   1.00 7.85  ? 104 GLU A C   1 
ATOM   810  O  O   . GLU A 1 105 ? -12.816 2.214   -0.712  1.00 8.15  ? 104 GLU A O   1 
ATOM   811  C  CB  . GLU A 1 105 ? -14.425 2.814   2.081   1.00 8.74  ? 104 GLU A CB  1 
ATOM   812  C  CG  . GLU A 1 105 ? -15.610 3.609   2.648   1.00 9.89  ? 104 GLU A CG  1 
ATOM   813  C  CD  . GLU A 1 105 ? -15.376 4.142   4.054   1.00 10.55 ? 104 GLU A CD  1 
ATOM   814  O  OE1 . GLU A 1 105 ? -14.759 3.430   4.872   1.00 9.17  ? 104 GLU A OE1 1 
ATOM   815  O  OE2 . GLU A 1 105 ? -15.832 5.267   4.350   1.00 8.36  ? 104 GLU A OE2 1 
ATOM   816  N  N   . LEU A 1 106 ? -13.192 0.337   0.458   1.00 9.27  ? 105 LEU A N   1 
ATOM   817  C  CA  . LEU A 1 106 ? -12.025 -0.318  -0.117  1.00 8.65  ? 105 LEU A CA  1 
ATOM   818  C  C   . LEU A 1 106 ? -12.277 -0.510  -1.618  1.00 8.71  ? 105 LEU A C   1 
ATOM   819  O  O   . LEU A 1 106 ? -11.392 -0.271  -2.442  1.00 7.99  ? 105 LEU A O   1 
ATOM   820  C  CB  . LEU A 1 106 ? -11.767 -1.665  0.562   1.00 11.23 ? 105 LEU A CB  1 
ATOM   821  C  CG  . LEU A 1 106 ? -10.574 -2.441  -0.002  1.00 13.57 ? 105 LEU A CG  1 
ATOM   822  C  CD1 . LEU A 1 106 ? -9.314  -1.577  0.062   1.00 13.77 ? 105 LEU A CD1 1 
ATOM   823  C  CD2 . LEU A 1 106 ? -10.385 -3.738  0.789   1.00 12.26 ? 105 LEU A CD2 1 
ATOM   824  N  N   . ARG A 1 107 ? -13.487 -0.937  -1.975  1.00 8.67  ? 106 ARG A N   1 
ATOM   825  C  CA  . ARG A 1 107 ? -13.815 -1.127  -3.388  1.00 8.81  ? 106 ARG A CA  1 
ATOM   826  C  C   . ARG A 1 107 ? -13.704 0.200   -4.140  1.00 9.26  ? 106 ARG A C   1 
ATOM   827  O  O   . ARG A 1 107 ? -13.288 0.238   -5.295  1.00 9.21  ? 106 ARG A O   1 
ATOM   828  C  CB  . ARG A 1 107 ? -15.236 -1.672  -3.562  1.00 8.59  ? 106 ARG A CB  1 
ATOM   829  C  CG  . ARG A 1 107 ? -15.441 -3.127  -3.151  1.00 7.31  ? 106 ARG A CG  1 
ATOM   830  C  CD  . ARG A 1 107 ? -16.766 -3.647  -3.710  1.00 7.22  ? 106 ARG A CD  1 
ATOM   831  N  NE  . ARG A 1 107 ? -17.931 -2.897  -3.249  1.00 6.71  ? 106 ARG A NE  1 
ATOM   832  C  CZ  . ARG A 1 107 ? -18.607 -3.159  -2.130  1.00 8.53  ? 106 ARG A CZ  1 
ATOM   833  N  NH1 . ARG A 1 107 ? -19.654 -2.421  -1.797  1.00 9.27  ? 106 ARG A NH1 1 
ATOM   834  N  NH2 . ARG A 1 107 ? -18.244 -4.164  -1.340  1.00 8.17  ? 106 ARG A NH2 1 
ATOM   835  N  N   . HIS A 1 108 ? -14.069 1.294   -3.478  1.00 6.65  ? 107 HIS A N   1 
ATOM   836  C  CA  . HIS A 1 108 ? -14.018 2.596   -4.125  1.00 8.78  ? 107 HIS A CA  1 
ATOM   837  C  C   . HIS A 1 108 ? -12.580 3.005   -4.449  1.00 9.17  ? 107 HIS A C   1 
ATOM   838  O  O   . HIS A 1 108 ? -12.303 3.514   -5.537  1.00 8.43  ? 107 HIS A O   1 
ATOM   839  C  CB  . HIS A 1 108 ? -14.701 3.650   -3.243  1.00 10.65 ? 107 HIS A CB  1 
ATOM   840  C  CG  . HIS A 1 108 ? -15.182 4.851   -3.999  1.00 11.86 ? 107 HIS A CG  1 
ATOM   841  N  ND1 . HIS A 1 108 ? -15.965 5.827   -3.422  1.00 13.26 ? 107 HIS A ND1 1 
ATOM   842  C  CD2 . HIS A 1 108 ? -14.989 5.233   -5.284  1.00 13.54 ? 107 HIS A CD2 1 
ATOM   843  C  CE1 . HIS A 1 108 ? -16.238 6.758   -4.321  1.00 14.19 ? 107 HIS A CE1 1 
ATOM   844  N  NE2 . HIS A 1 108 ? -15.657 6.422   -5.459  1.00 12.50 ? 107 HIS A NE2 1 
ATOM   845  N  N   . VAL A 1 109 ? -11.656 2.776   -3.520  1.00 8.84  ? 108 VAL A N   1 
ATOM   846  C  CA  . VAL A 1 109 ? -10.265 3.134   -3.779  1.00 10.99 ? 108 VAL A CA  1 
ATOM   847  C  C   . VAL A 1 109 ? -9.715  2.271   -4.912  1.00 12.23 ? 108 VAL A C   1 
ATOM   848  O  O   . VAL A 1 109 ? -9.066  2.776   -5.826  1.00 11.99 ? 108 VAL A O   1 
ATOM   849  C  CB  . VAL A 1 109 ? -9.384  2.938   -2.524  1.00 10.89 ? 108 VAL A CB  1 
ATOM   850  C  CG1 . VAL A 1 109 ? -7.914  3.173   -2.875  1.00 11.84 ? 108 VAL A CG1 1 
ATOM   851  C  CG2 . VAL A 1 109 ? -9.819  3.909   -1.433  1.00 11.50 ? 108 VAL A CG2 1 
ATOM   852  N  N   . MET A 1 110 ? -9.984  0.969   -4.853  1.00 12.24 ? 109 MET A N   1 
ATOM   853  C  CA  . MET A 1 110 ? -9.514  0.048   -5.879  1.00 15.22 ? 109 MET A CA  1 
ATOM   854  C  C   . MET A 1 110 ? -10.024 0.406   -7.267  1.00 15.66 ? 109 MET A C   1 
ATOM   855  O  O   . MET A 1 110 ? -9.259  0.403   -8.233  1.00 15.17 ? 109 MET A O   1 
ATOM   856  C  CB  . MET A 1 110 ? -9.946  -1.380  -5.555  1.00 17.38 ? 109 MET A CB  1 
ATOM   857  C  CG  . MET A 1 110 ? -9.284  -1.968  -4.331  1.00 18.42 ? 109 MET A CG  1 
ATOM   858  S  SD  . MET A 1 110 ? -9.918  -3.607  -4.005  1.00 22.26 ? 109 MET A SD  1 
ATOM   859  C  CE  . MET A 1 110 ? -8.977  -4.582  -5.182  1.00 22.82 ? 109 MET A CE  1 
ATOM   860  N  N   . THR A 1 111 ? -11.314 0.714   -7.366  1.00 16.54 ? 110 THR A N   1 
ATOM   861  C  CA  . THR A 1 111 ? -11.907 1.051   -8.652  1.00 17.31 ? 110 THR A CA  1 
ATOM   862  C  C   . THR A 1 111 ? -11.380 2.392   -9.163  1.00 17.72 ? 110 THR A C   1 
ATOM   863  O  O   . THR A 1 111 ? -11.209 2.572   -10.368 1.00 19.22 ? 110 THR A O   1 
ATOM   864  C  CB  . THR A 1 111 ? -13.454 1.069   -8.564  1.00 19.14 ? 110 THR A CB  1 
ATOM   865  O  OG1 . THR A 1 111 ? -14.010 0.954   -9.879  1.00 24.49 ? 110 THR A OG1 1 
ATOM   866  C  CG2 . THR A 1 111 ? -13.945 2.351   -7.929  1.00 19.56 ? 110 THR A CG2 1 
ATOM   867  N  N   . ASN A 1 112 ? -11.110 3.330   -8.258  1.00 17.42 ? 111 ASN A N   1 
ATOM   868  C  CA  . ASN A 1 112 ? -10.570 4.622   -8.679  1.00 20.27 ? 111 ASN A CA  1 
ATOM   869  C  C   . ASN A 1 112 ? -9.163  4.415   -9.236  1.00 21.48 ? 111 ASN A C   1 
ATOM   870  O  O   . ASN A 1 112 ? -8.719  5.147   -10.121 1.00 23.78 ? 111 ASN A O   1 
ATOM   871  C  CB  . ASN A 1 112 ? -10.497 5.616   -7.510  1.00 20.22 ? 111 ASN A CB  1 
ATOM   872  C  CG  . ASN A 1 112 ? -11.857 6.146   -7.100  1.00 22.14 ? 111 ASN A CG  1 
ATOM   873  O  OD1 . ASN A 1 112 ? -12.819 6.097   -7.870  1.00 20.91 ? 111 ASN A OD1 1 
ATOM   874  N  ND2 . ASN A 1 112 ? -11.940 6.677   -5.884  1.00 20.90 ? 111 ASN A ND2 1 
ATOM   875  N  N   . LEU A 1 113 ? -8.466  3.411   -8.713  1.00 21.70 ? 112 LEU A N   1 
ATOM   876  C  CA  . LEU A 1 113 ? -7.107  3.119   -9.158  1.00 22.36 ? 112 LEU A CA  1 
ATOM   877  C  C   . LEU A 1 113 ? -7.089  2.163   -10.353 1.00 23.36 ? 112 LEU A C   1 
ATOM   878  O  O   . LEU A 1 113 ? -6.051  1.590   -10.683 1.00 23.30 ? 112 LEU A O   1 
ATOM   879  C  CB  . LEU A 1 113 ? -6.287  2.535   -7.999  1.00 22.15 ? 112 LEU A CB  1 
ATOM   880  C  CG  . LEU A 1 113 ? -6.089  3.435   -6.772  1.00 24.00 ? 112 LEU A CG  1 
ATOM   881  C  CD1 . LEU A 1 113 ? -5.222  2.728   -5.736  1.00 23.08 ? 112 LEU A CD1 1 
ATOM   882  C  CD2 . LEU A 1 113 ? -5.436  4.740   -7.194  1.00 25.01 ? 112 LEU A CD2 1 
ATOM   883  N  N   . GLY A 1 114 ? -8.245  1.994   -10.991 1.00 23.87 ? 113 GLY A N   1 
ATOM   884  C  CA  . GLY A 1 114 ? -8.349  1.122   -12.151 1.00 24.60 ? 113 GLY A CA  1 
ATOM   885  C  C   . GLY A 1 114 ? -8.154  -0.354  -11.870 1.00 26.08 ? 113 GLY A C   1 
ATOM   886  O  O   . GLY A 1 114 ? -8.029  -1.161  -12.791 1.00 25.97 ? 113 GLY A O   1 
ATOM   887  N  N   . GLU A 1 115 ? -8.142  -0.715  -10.594 1.00 26.33 ? 114 GLU A N   1 
ATOM   888  C  CA  . GLU A 1 115 ? -7.950  -2.098  -10.197 1.00 28.03 ? 114 GLU A CA  1 
ATOM   889  C  C   . GLU A 1 115 ? -9.261  -2.871  -10.203 1.00 27.63 ? 114 GLU A C   1 
ATOM   890  O  O   . GLU A 1 115 ? -10.181 -2.555  -9.449  1.00 28.75 ? 114 GLU A O   1 
ATOM   891  C  CB  . GLU A 1 115 ? -7.332  -2.145  -8.797  1.00 31.21 ? 114 GLU A CB  1 
ATOM   892  C  CG  . GLU A 1 115 ? -6.922  -3.528  -8.313  1.00 35.40 ? 114 GLU A CG  1 
ATOM   893  C  CD  . GLU A 1 115 ? -5.838  -4.150  -9.170  1.00 36.93 ? 114 GLU A CD  1 
ATOM   894  O  OE1 . GLU A 1 115 ? -5.022  -3.398  -9.744  1.00 39.02 ? 114 GLU A OE1 1 
ATOM   895  O  OE2 . GLU A 1 115 ? -5.794  -5.394  -9.261  1.00 39.47 ? 114 GLU A OE2 1 
HETATM 896  N  N   . M3L A 1 116 ? -9.354  -3.877  -11.067 1.00 27.02 ? 115 M3L A N   1 
HETATM 897  C  CA  . M3L A 1 116 ? -10.556 -4.694  -11.117 1.00 24.93 ? 115 M3L A CA  1 
HETATM 898  C  CB  . M3L A 1 116 ? -10.522 -5.626  -12.329 1.00 25.56 ? 115 M3L A CB  1 
HETATM 899  C  CG  . M3L A 1 116 ? -10.637 -4.863  -13.640 1.00 25.40 ? 115 M3L A CG  1 
HETATM 900  C  CD  . M3L A 1 116 ? -10.588 -5.766  -14.854 1.00 26.44 ? 115 M3L A CD  1 
HETATM 901  C  CE  . M3L A 1 116 ? -10.704 -4.927  -16.118 1.00 26.89 ? 115 M3L A CE  1 
HETATM 902  N  NZ  . M3L A 1 116 ? -10.567 -5.696  -17.386 1.00 27.60 ? 115 M3L A NZ  1 
HETATM 903  C  C   . M3L A 1 116 ? -10.563 -5.476  -9.813  1.00 24.24 ? 115 M3L A C   1 
HETATM 904  O  O   . M3L A 1 116 ? -9.502  -5.796  -9.271  1.00 24.73 ? 115 M3L A O   1 
HETATM 905  C  CM1 . M3L A 1 116 ? -10.711 -4.759  -18.534 1.00 28.17 ? 115 M3L A CM1 1 
HETATM 906  C  CM2 . M3L A 1 116 ? -9.224  -6.343  -17.444 1.00 26.64 ? 115 M3L A CM2 1 
HETATM 907  C  CM3 . M3L A 1 116 ? -11.631 -6.738  -17.463 1.00 26.12 ? 115 M3L A CM3 1 
ATOM   908  N  N   . LEU A 1 117 ? -11.750 -5.775  -9.299  1.00 19.79 ? 116 LEU A N   1 
ATOM   909  C  CA  . LEU A 1 117 ? -11.850 -6.476  -8.027  1.00 17.20 ? 116 LEU A CA  1 
ATOM   910  C  C   . LEU A 1 117 ? -12.931 -7.546  -7.975  1.00 16.29 ? 116 LEU A C   1 
ATOM   911  O  O   . LEU A 1 117 ? -13.757 -7.664  -8.876  1.00 14.34 ? 116 LEU A O   1 
ATOM   912  C  CB  . LEU A 1 117 ? -12.107 -5.450  -6.918  1.00 19.13 ? 116 LEU A CB  1 
ATOM   913  C  CG  . LEU A 1 117 ? -13.365 -4.585  -7.096  1.00 18.85 ? 116 LEU A CG  1 
ATOM   914  C  CD1 . LEU A 1 117 ? -14.607 -5.339  -6.612  1.00 15.57 ? 116 LEU A CD1 1 
ATOM   915  C  CD2 . LEU A 1 117 ? -13.209 -3.302  -6.305  1.00 20.98 ? 116 LEU A CD2 1 
ATOM   916  N  N   . THR A 1 118 ? -12.902 -8.335  -6.907  1.00 13.73 ? 117 THR A N   1 
ATOM   917  C  CA  . THR A 1 118 ? -13.895 -9.375  -6.667  1.00 13.16 ? 117 THR A CA  1 
ATOM   918  C  C   . THR A 1 118 ? -14.202 -9.274  -5.180  1.00 12.57 ? 117 THR A C   1 
ATOM   919  O  O   . THR A 1 118 ? -13.345 -8.834  -4.411  1.00 11.98 ? 117 THR A O   1 
ATOM   920  C  CB  . THR A 1 118 ? -13.348 -10.789 -6.957  1.00 16.88 ? 117 THR A CB  1 
ATOM   921  O  OG1 . THR A 1 118 ? -12.252 -11.070 -6.075  1.00 16.83 ? 117 THR A OG1 1 
ATOM   922  C  CG2 . THR A 1 118 ? -12.876 -10.897 -8.399  1.00 17.65 ? 117 THR A CG2 1 
ATOM   923  N  N   . ASP A 1 119 ? -15.410 -9.660  -4.771  1.00 10.52 ? 118 ASP A N   1 
ATOM   924  C  CA  . ASP A 1 119 ? -15.762 -9.603  -3.354  1.00 11.67 ? 118 ASP A CA  1 
ATOM   925  C  C   . ASP A 1 119 ? -14.819 -10.474 -2.533  1.00 13.01 ? 118 ASP A C   1 
ATOM   926  O  O   . ASP A 1 119 ? -14.378 -10.074 -1.461  1.00 11.61 ? 118 ASP A O   1 
ATOM   927  C  CB  . ASP A 1 119 ? -17.199 -10.073 -3.115  1.00 12.10 ? 118 ASP A CB  1 
ATOM   928  C  CG  . ASP A 1 119 ? -18.222 -9.111  -3.661  1.00 11.07 ? 118 ASP A CG  1 
ATOM   929  O  OD1 . ASP A 1 119 ? -18.038 -7.895  -3.477  1.00 10.12 ? 118 ASP A OD1 1 
ATOM   930  O  OD2 . ASP A 1 119 ? -19.220 -9.571  -4.257  1.00 12.97 ? 118 ASP A OD2 1 
ATOM   931  N  N   . GLU A 1 120 ? -14.513 -11.667 -3.034  1.00 14.16 ? 119 GLU A N   1 
ATOM   932  C  CA  . GLU A 1 120 ? -13.609 -12.563 -2.315  1.00 17.04 ? 119 GLU A CA  1 
ATOM   933  C  C   . GLU A 1 120 ? -12.282 -11.871 -2.015  1.00 15.26 ? 119 GLU A C   1 
ATOM   934  O  O   . GLU A 1 120 ? -11.721 -12.020 -0.925  1.00 13.55 ? 119 GLU A O   1 
ATOM   935  C  CB  . GLU A 1 120 ? -13.350 -13.830 -3.134  1.00 19.32 ? 119 GLU A CB  1 
ATOM   936  C  CG  . GLU A 1 120 ? -14.575 -14.718 -3.331  1.00 23.76 ? 119 GLU A CG  1 
ATOM   937  C  CD  . GLU A 1 120 ? -15.709 -14.017 -4.062  1.00 28.37 ? 119 GLU A CD  1 
ATOM   938  O  OE1 . GLU A 1 120 ? -15.465 -13.445 -5.149  1.00 26.36 ? 119 GLU A OE1 1 
ATOM   939  O  OE2 . GLU A 1 120 ? -16.850 -14.047 -3.547  1.00 32.37 ? 119 GLU A OE2 1 
ATOM   940  N  N   . GLU A 1 121 ? -11.787 -11.116 -2.990  1.00 14.88 ? 120 GLU A N   1 
ATOM   941  C  CA  . GLU A 1 121 ? -10.529 -10.393 -2.848  1.00 14.86 ? 120 GLU A CA  1 
ATOM   942  C  C   . GLU A 1 121 ? -10.629 -9.299  -1.783  1.00 13.78 ? 120 GLU A C   1 
ATOM   943  O  O   . GLU A 1 121 ? -9.725  -9.128  -0.957  1.00 12.40 ? 120 GLU A O   1 
ATOM   944  C  CB  . GLU A 1 121 ? -10.132 -9.778  -4.192  1.00 18.36 ? 120 GLU A CB  1 
ATOM   945  C  CG  . GLU A 1 121 ? -8.931  -8.861  -4.126  1.00 23.11 ? 120 GLU A CG  1 
ATOM   946  C  CD  . GLU A 1 121 ? -8.533  -8.337  -5.489  1.00 26.97 ? 120 GLU A CD  1 
ATOM   947  O  OE1 . GLU A 1 121 ? -9.395  -7.761  -6.186  1.00 27.75 ? 120 GLU A OE1 1 
ATOM   948  O  OE2 . GLU A 1 121 ? -7.354  -8.499  -5.863  1.00 29.38 ? 120 GLU A OE2 1 
ATOM   949  N  N   . VAL A 1 122 ? -11.731 -8.559  -1.805  1.00 11.16 ? 121 VAL A N   1 
ATOM   950  C  CA  . VAL A 1 122 ? -11.935 -7.496  -0.832  1.00 9.65  ? 121 VAL A CA  1 
ATOM   951  C  C   . VAL A 1 122 ? -12.044 -8.105  0.568   1.00 9.75  ? 121 VAL A C   1 
ATOM   952  O  O   . VAL A 1 122 ? -11.447 -7.597  1.524   1.00 8.85  ? 121 VAL A O   1 
ATOM   953  C  CB  . VAL A 1 122 ? -13.205 -6.687  -1.157  1.00 8.56  ? 121 VAL A CB  1 
ATOM   954  C  CG1 . VAL A 1 122 ? -13.501 -5.695  -0.046  1.00 10.55 ? 121 VAL A CG1 1 
ATOM   955  C  CG2 . VAL A 1 122 ? -13.016 -5.955  -2.471  1.00 10.25 ? 121 VAL A CG2 1 
ATOM   956  N  N   . ASP A 1 123 ? -12.796 -9.198  0.683   1.00 8.59  ? 122 ASP A N   1 
ATOM   957  C  CA  . ASP A 1 123 ? -12.958 -9.866  1.968   1.00 9.37  ? 122 ASP A CA  1 
ATOM   958  C  C   . ASP A 1 123 ? -11.621 -10.313 2.559   1.00 9.53  ? 122 ASP A C   1 
ATOM   959  O  O   . ASP A 1 123 ? -11.402 -10.184 3.762   1.00 8.78  ? 122 ASP A O   1 
ATOM   960  C  CB  . ASP A 1 123 ? -13.874 -11.088 1.846   1.00 11.63 ? 122 ASP A CB  1 
ATOM   961  C  CG  . ASP A 1 123 ? -15.321 -10.720 1.571   1.00 15.70 ? 122 ASP A CG  1 
ATOM   962  O  OD1 . ASP A 1 123 ? -15.755 -9.625  1.981   1.00 17.23 ? 122 ASP A OD1 1 
ATOM   963  O  OD2 . ASP A 1 123 ? -16.033 -11.544 0.959   1.00 19.38 ? 122 ASP A OD2 1 
ATOM   964  N  N   . GLU A 1 124 ? -10.739 -10.848 1.714   1.00 8.94  ? 123 GLU A N   1 
ATOM   965  C  CA  . GLU A 1 124 ? -9.435  -11.321 2.170   1.00 9.11  ? 123 GLU A CA  1 
ATOM   966  C  C   . GLU A 1 124 ? -8.538  -10.171 2.619   1.00 8.66  ? 123 GLU A C   1 
ATOM   967  O  O   . GLU A 1 124 ? -7.826  -10.291 3.613   1.00 10.51 ? 123 GLU A O   1 
ATOM   968  C  CB  . GLU A 1 124 ? -8.753  -12.133 1.056   1.00 8.36  ? 123 GLU A CB  1 
ATOM   969  C  CG  . GLU A 1 124 ? -7.366  -12.692 1.389   1.00 10.15 ? 123 GLU A CG  1 
ATOM   970  C  CD  . GLU A 1 124 ? -7.364  -13.617 2.599   1.00 9.24  ? 123 GLU A CD  1 
ATOM   971  O  OE1 . GLU A 1 124 ? -8.414  -14.227 2.903   1.00 10.33 ? 123 GLU A OE1 1 
ATOM   972  O  OE2 . GLU A 1 124 ? -6.301  -13.741 3.237   1.00 9.98  ? 123 GLU A OE2 1 
ATOM   973  N  N   . MET A 1 125 ? -8.573  -9.055  1.894   1.00 8.96  ? 124 MET A N   1 
ATOM   974  C  CA  . MET A 1 125 ? -7.761  -7.907  2.266   1.00 8.96  ? 124 MET A CA  1 
ATOM   975  C  C   . MET A 1 125 ? -8.169  -7.410  3.652   1.00 8.61  ? 124 MET A C   1 
ATOM   976  O  O   . MET A 1 125 ? -7.317  -7.134  4.494   1.00 9.88  ? 124 MET A O   1 
ATOM   977  C  CB  . MET A 1 125 ? -7.917  -6.792  1.230   1.00 10.02 ? 124 MET A CB  1 
ATOM   978  C  CG  . MET A 1 125 ? -7.316  -7.152  -0.116  1.00 14.44 ? 124 MET A CG  1 
ATOM   979  S  SD  . MET A 1 125 ? -7.629  -5.900  -1.373  1.00 21.22 ? 124 MET A SD  1 
ATOM   980  C  CE  . MET A 1 125 ? -6.396  -4.680  -0.921  1.00 16.41 ? 124 MET A CE  1 
ATOM   981  N  N   . ILE A 1 126 ? -9.471  -7.304  3.889   1.00 7.36  ? 125 ILE A N   1 
ATOM   982  C  CA  . ILE A 1 126 ? -9.962  -6.855  5.190   1.00 6.73  ? 125 ILE A CA  1 
ATOM   983  C  C   . ILE A 1 126 ? -9.663  -7.897  6.269   1.00 8.50  ? 125 ILE A C   1 
ATOM   984  O  O   . ILE A 1 126 ? -9.242  -7.557  7.373   1.00 7.93  ? 125 ILE A O   1 
ATOM   985  C  CB  . ILE A 1 126 ? -11.490 -6.604  5.152   1.00 6.92  ? 125 ILE A CB  1 
ATOM   986  C  CG1 . ILE A 1 126 ? -11.796 -5.394  4.264   1.00 8.82  ? 125 ILE A CG1 1 
ATOM   987  C  CG2 . ILE A 1 126 ? -12.023 -6.416  6.574   1.00 6.16  ? 125 ILE A CG2 1 
ATOM   988  C  CD1 . ILE A 1 126 ? -13.282 -5.129  4.052   1.00 9.79  ? 125 ILE A CD1 1 
ATOM   989  N  N   . ARG A 1 127 ? -9.885  -9.165  5.935   1.00 6.68  ? 126 ARG A N   1 
ATOM   990  C  CA  . ARG A 1 127 ? -9.666  -10.272 6.862   1.00 9.35  ? 126 ARG A CA  1 
ATOM   991  C  C   . ARG A 1 127 ? -8.242  -10.286 7.423   1.00 8.71  ? 126 ARG A C   1 
ATOM   992  O  O   . ARG A 1 127 ? -8.031  -10.502 8.619   1.00 8.65  ? 126 ARG A O   1 
ATOM   993  C  CB  . ARG A 1 127 ? -9.965  -11.594 6.136   1.00 10.20 ? 126 ARG A CB  1 
ATOM   994  C  CG  . ARG A 1 127 ? -9.796  -12.860 6.949   1.00 13.53 ? 126 ARG A CG  1 
ATOM   995  C  CD  . ARG A 1 127 ? -10.213 -14.069 6.115   1.00 12.69 ? 126 ARG A CD  1 
ATOM   996  N  NE  . ARG A 1 127 ? -11.630 -14.016 5.744   1.00 12.55 ? 126 ARG A NE  1 
ATOM   997  C  CZ  . ARG A 1 127 ? -12.086 -14.065 4.494   1.00 13.44 ? 126 ARG A CZ  1 
ATOM   998  N  NH1 . ARG A 1 127 ? -13.391 -14.010 4.258   1.00 12.10 ? 126 ARG A NH1 1 
ATOM   999  N  NH2 . ARG A 1 127 ? -11.242 -14.168 3.478   1.00 12.42 ? 126 ARG A NH2 1 
ATOM   1000 N  N   . GLU A 1 128 ? -7.268  -10.044 6.558   1.00 9.38  ? 127 GLU A N   1 
ATOM   1001 C  CA  . GLU A 1 128 ? -5.873  -10.055 6.970   1.00 9.10  ? 127 GLU A CA  1 
ATOM   1002 C  C   . GLU A 1 128 ? -5.501  -8.975  7.990   1.00 8.30  ? 127 GLU A C   1 
ATOM   1003 O  O   . GLU A 1 128 ? -4.540  -9.136  8.735   1.00 11.36 ? 127 GLU A O   1 
ATOM   1004 C  CB  . GLU A 1 128 ? -4.981  -9.969  5.725   1.00 11.68 ? 127 GLU A CB  1 
ATOM   1005 C  CG  . GLU A 1 128 ? -5.214  -11.146 4.784   1.00 14.05 ? 127 GLU A CG  1 
ATOM   1006 C  CD  . GLU A 1 128 ? -4.474  -11.036 3.468   1.00 15.47 ? 127 GLU A CD  1 
ATOM   1007 O  OE1 . GLU A 1 128 ? -3.989  -9.932  3.137   1.00 15.12 ? 127 GLU A OE1 1 
ATOM   1008 O  OE2 . GLU A 1 128 ? -4.394  -12.061 2.753   1.00 13.34 ? 127 GLU A OE2 1 
ATOM   1009 N  N   . ALA A 1 129 ? -6.264  -7.889  8.045   1.00 9.57  ? 128 ALA A N   1 
ATOM   1010 C  CA  . ALA A 1 129 ? -5.965  -6.816  8.989   1.00 8.10  ? 128 ALA A CA  1 
ATOM   1011 C  C   . ALA A 1 129 ? -7.039  -6.647  10.061  1.00 8.83  ? 128 ALA A C   1 
ATOM   1012 O  O   . ALA A 1 129 ? -6.851  -5.898  11.025  1.00 7.99  ? 128 ALA A O   1 
ATOM   1013 C  CB  . ALA A 1 129 ? -5.799  -5.505  8.236   1.00 8.39  ? 128 ALA A CB  1 
ATOM   1014 N  N   . ASP A 1 130 ? -8.153  -7.352  9.899   1.00 9.29  ? 129 ASP A N   1 
ATOM   1015 C  CA  . ASP A 1 130 ? -9.285  -7.231  10.815  1.00 9.48  ? 129 ASP A CA  1 
ATOM   1016 C  C   . ASP A 1 130 ? -9.149  -7.968  12.152  1.00 10.07 ? 129 ASP A C   1 
ATOM   1017 O  O   . ASP A 1 130 ? -9.744  -9.025  12.363  1.00 11.92 ? 129 ASP A O   1 
ATOM   1018 C  CB  . ASP A 1 130 ? -10.556 -7.669  10.071  1.00 8.56  ? 129 ASP A CB  1 
ATOM   1019 C  CG  . ASP A 1 130 ? -11.817 -7.432  10.865  1.00 8.53  ? 129 ASP A CG  1 
ATOM   1020 O  OD1 . ASP A 1 130 ? -11.805 -6.571  11.772  1.00 7.54  ? 129 ASP A OD1 1 
ATOM   1021 O  OD2 . ASP A 1 130 ? -12.826 -8.098  10.560  1.00 9.30  ? 129 ASP A OD2 1 
ATOM   1022 N  N   . ILE A 1 131 ? -8.382  -7.376  13.061  1.00 8.80  ? 130 ILE A N   1 
ATOM   1023 C  CA  . ILE A 1 131 ? -8.143  -7.961  14.375  1.00 11.79 ? 130 ILE A CA  1 
ATOM   1024 C  C   . ILE A 1 131 ? -9.395  -8.118  15.240  1.00 11.80 ? 130 ILE A C   1 
ATOM   1025 O  O   . ILE A 1 131 ? -9.597  -9.189  15.821  1.00 12.01 ? 130 ILE A O   1 
ATOM   1026 C  CB  . ILE A 1 131 ? -7.088  -7.148  15.159  1.00 13.34 ? 130 ILE A CB  1 
ATOM   1027 C  CG1 . ILE A 1 131 ? -5.797  -7.065  14.342  1.00 15.25 ? 130 ILE A CG1 1 
ATOM   1028 C  CG2 . ILE A 1 131 ? -6.798  -7.815  16.505  1.00 12.93 ? 130 ILE A CG2 1 
ATOM   1029 C  CD1 . ILE A 1 131 ? -4.742  -6.182  14.956  1.00 15.68 ? 130 ILE A CD1 1 
ATOM   1030 N  N   . ASP A 1 132 ? -10.241 -7.091  15.328  1.00 10.86 ? 131 ASP A N   1 
ATOM   1031 C  CA  . ASP A 1 132 ? -11.440 -7.223  16.165  1.00 11.08 ? 131 ASP A CA  1 
ATOM   1032 C  C   . ASP A 1 132 ? -12.578 -7.960  15.468  1.00 10.85 ? 131 ASP A C   1 
ATOM   1033 O  O   . ASP A 1 132 ? -13.611 -8.240  16.073  1.00 12.19 ? 131 ASP A O   1 
ATOM   1034 C  CB  . ASP A 1 132 ? -11.928 -5.861  16.704  1.00 11.06 ? 131 ASP A CB  1 
ATOM   1035 C  CG  . ASP A 1 132 ? -12.347 -4.892  15.611  1.00 8.84  ? 131 ASP A CG  1 
ATOM   1036 O  OD1 . ASP A 1 132 ? -12.666 -5.333  14.494  1.00 7.94  ? 131 ASP A OD1 1 
ATOM   1037 O  OD2 . ASP A 1 132 ? -12.374 -3.670  15.890  1.00 11.32 ? 131 ASP A OD2 1 
ATOM   1038 N  N   . GLY A 1 133 ? -12.374 -8.276  14.193  1.00 10.04 ? 132 GLY A N   1 
ATOM   1039 C  CA  . GLY A 1 133 ? -13.365 -9.016  13.427  1.00 11.43 ? 132 GLY A CA  1 
ATOM   1040 C  C   . GLY A 1 133 ? -14.709 -8.376  13.135  1.00 11.64 ? 132 GLY A C   1 
ATOM   1041 O  O   . GLY A 1 133 ? -15.692 -9.091  12.918  1.00 13.34 ? 132 GLY A O   1 
ATOM   1042 N  N   . ASP A 1 134 ? -14.770 -7.048  13.106  1.00 10.21 ? 133 ASP A N   1 
ATOM   1043 C  CA  . ASP A 1 134 ? -16.034 -6.370  12.835  1.00 9.62  ? 133 ASP A CA  1 
ATOM   1044 C  C   . ASP A 1 134 ? -16.325 -6.197  11.338  1.00 9.66  ? 133 ASP A C   1 
ATOM   1045 O  O   . ASP A 1 134 ? -17.285 -5.523  10.964  1.00 10.93 ? 133 ASP A O   1 
ATOM   1046 C  CB  . ASP A 1 134 ? -16.069 -5.008  13.544  1.00 9.19  ? 133 ASP A CB  1 
ATOM   1047 C  CG  . ASP A 1 134 ? -15.073 -4.017  12.976  1.00 9.10  ? 133 ASP A CG  1 
ATOM   1048 O  OD1 . ASP A 1 134 ? -14.266 -4.403  12.098  1.00 8.41  ? 133 ASP A OD1 1 
ATOM   1049 O  OD2 . ASP A 1 134 ? -15.099 -2.842  13.417  1.00 8.19  ? 133 ASP A OD2 1 
ATOM   1050 N  N   . GLY A 1 135 ? -15.501 -6.809  10.493  1.00 8.81  ? 134 GLY A N   1 
ATOM   1051 C  CA  . GLY A 1 135 ? -15.701 -6.714  9.055   1.00 7.68  ? 134 GLY A CA  1 
ATOM   1052 C  C   . GLY A 1 135 ? -15.170 -5.442  8.414   1.00 6.75  ? 134 GLY A C   1 
ATOM   1053 O  O   . GLY A 1 135 ? -15.368 -5.216  7.222   1.00 6.75  ? 134 GLY A O   1 
ATOM   1054 N  N   . GLN A 1 136 ? -14.518 -4.598  9.207   1.00 6.33  ? 135 GLN A N   1 
ATOM   1055 C  CA  . GLN A 1 136 ? -13.949 -3.351  8.695   1.00 6.25  ? 135 GLN A CA  1 
ATOM   1056 C  C   . GLN A 1 136 ? -12.547 -3.163  9.266   1.00 6.41  ? 135 GLN A C   1 
ATOM   1057 O  O   . GLN A 1 136 ? -12.155 -3.863  10.194  1.00 8.18  ? 135 GLN A O   1 
ATOM   1058 C  CB  . GLN A 1 136 ? -14.823 -2.157  9.084   1.00 9.04  ? 135 GLN A CB  1 
ATOM   1059 C  CG  . GLN A 1 136 ? -16.220 -2.184  8.492   1.00 13.55 ? 135 GLN A CG  1 
ATOM   1060 C  CD  . GLN A 1 136 ? -16.904 -0.831  8.573   1.00 16.64 ? 135 GLN A CD  1 
ATOM   1061 O  OE1 . GLN A 1 136 ? -16.488 0.128   7.920   1.00 13.74 ? 135 GLN A OE1 1 
ATOM   1062 N  NE2 . GLN A 1 136 ? -17.949 -0.744  9.383   1.00 17.57 ? 135 GLN A NE2 1 
ATOM   1063 N  N   . VAL A 1 137 ? -11.796 -2.215  8.715   1.00 6.25  ? 136 VAL A N   1 
ATOM   1064 C  CA  . VAL A 1 137 ? -10.434 -1.955  9.186   1.00 6.07  ? 136 VAL A CA  1 
ATOM   1065 C  C   . VAL A 1 137 ? -10.376 -0.585  9.852   1.00 7.71  ? 136 VAL A C   1 
ATOM   1066 O  O   . VAL A 1 137 ? -10.505 0.434   9.172   1.00 7.83  ? 136 VAL A O   1 
ATOM   1067 C  CB  . VAL A 1 137 ? -9.427  -1.969  8.009   1.00 4.46  ? 136 VAL A CB  1 
ATOM   1068 C  CG1 . VAL A 1 137 ? -8.022  -1.657  8.515   1.00 5.01  ? 136 VAL A CG1 1 
ATOM   1069 C  CG2 . VAL A 1 137 ? -9.458  -3.328  7.310   1.00 7.09  ? 136 VAL A CG2 1 
ATOM   1070 N  N   . ASN A 1 138 ? -10.193 -0.542  11.170  1.00 6.01  ? 137 ASN A N   1 
ATOM   1071 C  CA  . ASN A 1 138 ? -10.124 0.759   11.819  1.00 7.92  ? 137 ASN A CA  1 
ATOM   1072 C  C   . ASN A 1 138 ? -8.704  1.306   11.787  1.00 8.52  ? 137 ASN A C   1 
ATOM   1073 O  O   . ASN A 1 138 ? -7.785  0.650   11.294  1.00 9.51  ? 137 ASN A O   1 
ATOM   1074 C  CB  . ASN A 1 138 ? -10.671 0.718   13.261  1.00 7.02  ? 137 ASN A CB  1 
ATOM   1075 C  CG  . ASN A 1 138 ? -9.854  -0.162  14.198  1.00 8.11  ? 137 ASN A CG  1 
ATOM   1076 O  OD1 . ASN A 1 138 ? -8.734  -0.550  13.891  1.00 9.86  ? 137 ASN A OD1 1 
ATOM   1077 N  ND2 . ASN A 1 138 ? -10.424 -0.466  15.367  1.00 9.66  ? 137 ASN A ND2 1 
ATOM   1078 N  N   . TYR A 1 139 ? -8.535  2.526   12.278  1.00 8.27  ? 138 TYR A N   1 
ATOM   1079 C  CA  . TYR A 1 139 ? -7.230  3.153   12.269  1.00 9.44  ? 138 TYR A CA  1 
ATOM   1080 C  C   . TYR A 1 139 ? -6.153  2.313   12.951  1.00 9.65  ? 138 TYR A C   1 
ATOM   1081 O  O   . TYR A 1 139 ? -5.079  2.105   12.393  1.00 9.72  ? 138 TYR A O   1 
ATOM   1082 C  CB  . TYR A 1 139 ? -7.312  4.533   12.921  1.00 10.89 ? 138 TYR A CB  1 
ATOM   1083 C  CG  . TYR A 1 139 ? -5.997  5.271   12.918  1.00 10.00 ? 138 TYR A CG  1 
ATOM   1084 C  CD1 . TYR A 1 139 ? -5.329  5.534   11.723  1.00 9.18  ? 138 TYR A CD1 1 
ATOM   1085 C  CD2 . TYR A 1 139 ? -5.414  5.698   14.111  1.00 10.56 ? 138 TYR A CD2 1 
ATOM   1086 C  CE1 . TYR A 1 139 ? -4.104  6.206   11.715  1.00 10.71 ? 138 TYR A CE1 1 
ATOM   1087 C  CE2 . TYR A 1 139 ? -4.190  6.374   14.114  1.00 13.54 ? 138 TYR A CE2 1 
ATOM   1088 C  CZ  . TYR A 1 139 ? -3.544  6.622   12.913  1.00 10.97 ? 138 TYR A CZ  1 
ATOM   1089 O  OH  . TYR A 1 139 ? -2.336  7.280   12.916  1.00 15.67 ? 138 TYR A OH  1 
ATOM   1090 N  N   . GLU A 1 140 ? -6.444  1.830   14.154  1.00 10.39 ? 139 GLU A N   1 
ATOM   1091 C  CA  . GLU A 1 140 ? -5.488  1.024   14.902  1.00 11.82 ? 139 GLU A CA  1 
ATOM   1092 C  C   . GLU A 1 140 ? -5.034  -0.209  14.120  1.00 10.61 ? 139 GLU A C   1 
ATOM   1093 O  O   . GLU A 1 140 ? -3.843  -0.530  14.095  1.00 11.22 ? 139 GLU A O   1 
ATOM   1094 C  CB  . GLU A 1 140 ? -6.095  0.603   16.246  1.00 15.53 ? 139 GLU A CB  1 
ATOM   1095 C  CG  . GLU A 1 140 ? -6.620  1.773   17.072  1.00 22.11 ? 139 GLU A CG  1 
ATOM   1096 C  CD  . GLU A 1 140 ? -8.124  1.985   16.935  1.00 26.65 ? 139 GLU A CD  1 
ATOM   1097 O  OE1 . GLU A 1 140 ? -8.884  1.367   17.720  1.00 28.10 ? 139 GLU A OE1 1 
ATOM   1098 O  OE2 . GLU A 1 140 ? -8.543  2.760   16.042  1.00 24.93 ? 139 GLU A OE2 1 
ATOM   1099 N  N   . GLU A 1 141 ? -5.984  -0.893  13.482  1.00 9.17  ? 140 GLU A N   1 
ATOM   1100 C  CA  . GLU A 1 141 ? -5.685  -2.093  12.695  1.00 8.36  ? 140 GLU A CA  1 
ATOM   1101 C  C   . GLU A 1 141 ? -4.873  -1.724  11.455  1.00 6.78  ? 140 GLU A C   1 
ATOM   1102 O  O   . GLU A 1 141 ? -3.999  -2.478  11.023  1.00 8.13  ? 140 GLU A O   1 
ATOM   1103 C  CB  . GLU A 1 141 ? -6.984  -2.798  12.273  1.00 8.73  ? 140 GLU A CB  1 
ATOM   1104 C  CG  . GLU A 1 141 ? -7.845  -3.232  13.451  1.00 11.50 ? 140 GLU A CG  1 
ATOM   1105 C  CD  . GLU A 1 141 ? -9.184  -3.825  13.046  1.00 11.01 ? 140 GLU A CD  1 
ATOM   1106 O  OE1 . GLU A 1 141 ? -9.738  -3.419  12.004  1.00 8.00  ? 140 GLU A OE1 1 
ATOM   1107 O  OE2 . GLU A 1 141 ? -9.698  -4.690  13.790  1.00 10.46 ? 140 GLU A OE2 1 
ATOM   1108 N  N   . PHE A 1 142 ? -5.166  -0.560  10.883  1.00 6.44  ? 141 PHE A N   1 
ATOM   1109 C  CA  . PHE A 1 142 ? -4.458  -0.088  9.699   1.00 5.94  ? 141 PHE A CA  1 
ATOM   1110 C  C   . PHE A 1 142 ? -3.004  0.198   10.085  1.00 6.32  ? 141 PHE A C   1 
ATOM   1111 O  O   . PHE A 1 142 ? -2.080  -0.167  9.363   1.00 7.32  ? 141 PHE A O   1 
ATOM   1112 C  CB  . PHE A 1 142 ? -5.123  1.187   9.173   1.00 6.48  ? 141 PHE A CB  1 
ATOM   1113 C  CG  . PHE A 1 142 ? -4.630  1.631   7.817   1.00 9.21  ? 141 PHE A CG  1 
ATOM   1114 C  CD1 . PHE A 1 142 ? -5.111  1.033   6.654   1.00 9.07  ? 141 PHE A CD1 1 
ATOM   1115 C  CD2 . PHE A 1 142 ? -3.735  2.694   7.702   1.00 9.88  ? 141 PHE A CD2 1 
ATOM   1116 C  CE1 . PHE A 1 142 ? -4.715  1.495   5.393   1.00 12.84 ? 141 PHE A CE1 1 
ATOM   1117 C  CE2 . PHE A 1 142 ? -3.333  3.161   6.449   1.00 11.76 ? 141 PHE A CE2 1 
ATOM   1118 C  CZ  . PHE A 1 142 ? -3.825  2.561   5.292   1.00 10.81 ? 141 PHE A CZ  1 
ATOM   1119 N  N   . VAL A 1 143 ? -2.810  0.841   11.235  1.00 7.23  ? 142 VAL A N   1 
ATOM   1120 C  CA  . VAL A 1 143 ? -1.467  1.169   11.706  1.00 9.26  ? 142 VAL A CA  1 
ATOM   1121 C  C   . VAL A 1 143 ? -0.665  -0.094  11.998  1.00 10.07 ? 142 VAL A C   1 
ATOM   1122 O  O   . VAL A 1 143 ? 0.517   -0.185  11.653  1.00 10.16 ? 142 VAL A O   1 
ATOM   1123 C  CB  . VAL A 1 143 ? -1.517  2.054   12.980  1.00 8.86  ? 142 VAL A CB  1 
ATOM   1124 C  CG1 . VAL A 1 143 ? -0.116  2.208   13.574  1.00 12.13 ? 142 VAL A CG1 1 
ATOM   1125 C  CG2 . VAL A 1 143 ? -2.084  3.420   12.629  1.00 11.17 ? 142 VAL A CG2 1 
ATOM   1126 N  N   . GLN A 1 144 ? -1.313  -1.072  12.620  1.00 11.26 ? 143 GLN A N   1 
ATOM   1127 C  CA  . GLN A 1 144 ? -0.652  -2.329  12.947  1.00 14.49 ? 143 GLN A CA  1 
ATOM   1128 C  C   . GLN A 1 144 ? -0.133  -3.019  11.689  1.00 13.73 ? 143 GLN A C   1 
ATOM   1129 O  O   . GLN A 1 144 ? 0.985   -3.543  11.670  1.00 13.49 ? 143 GLN A O   1 
ATOM   1130 C  CB  . GLN A 1 144 ? -1.614  -3.257  13.691  1.00 17.10 ? 143 GLN A CB  1 
ATOM   1131 C  CG  . GLN A 1 144 ? -0.933  -4.499  14.227  1.00 25.35 ? 143 GLN A CG  1 
ATOM   1132 C  CD  . GLN A 1 144 ? 0.182   -4.164  15.204  1.00 28.67 ? 143 GLN A CD  1 
ATOM   1133 O  OE1 . GLN A 1 144 ? 1.117   -4.941  15.382  1.00 32.38 ? 143 GLN A OE1 1 
ATOM   1134 N  NE2 . GLN A 1 144 ? 0.079   -3.004  15.847  1.00 30.08 ? 143 GLN A NE2 1 
ATOM   1135 N  N   . MET A 1 145 ? -0.942  -3.018  10.634  1.00 12.84 ? 144 MET A N   1 
ATOM   1136 C  CA  . MET A 1 145 ? -0.534  -3.641  9.382   1.00 12.08 ? 144 MET A CA  1 
ATOM   1137 C  C   . MET A 1 145 ? 0.686   -2.925  8.801   1.00 14.17 ? 144 MET A C   1 
ATOM   1138 O  O   . MET A 1 145 ? 1.525   -3.543  8.146   1.00 14.04 ? 144 MET A O   1 
ATOM   1139 C  CB  . MET A 1 145 ? -1.687  -3.606  8.371   1.00 15.56 ? 144 MET A CB  1 
ATOM   1140 C  CG  . MET A 1 145 ? -1.391  -4.310  7.057   1.00 16.63 ? 144 MET A CG  1 
ATOM   1141 S  SD  . MET A 1 145 ? -0.960  -6.057  7.275   1.00 18.25 ? 144 MET A SD  1 
ATOM   1142 C  CE  . MET A 1 145 ? -2.592  -6.807  7.481   1.00 19.03 ? 144 MET A CE  1 
ATOM   1143 N  N   . MET A 1 146 ? 0.788   -1.623  9.051   1.00 12.62 ? 145 MET A N   1 
ATOM   1144 C  CA  . MET A 1 146 ? 1.899   -0.837  8.530   1.00 14.54 ? 145 MET A CA  1 
ATOM   1145 C  C   . MET A 1 146 ? 2.999   -0.614  9.566   1.00 14.84 ? 145 MET A C   1 
ATOM   1146 O  O   . MET A 1 146 ? 3.764   0.349   9.472   1.00 15.50 ? 145 MET A O   1 
ATOM   1147 C  CB  . MET A 1 146 ? 1.389   0.513   8.023   1.00 15.21 ? 145 MET A CB  1 
ATOM   1148 C  CG  . MET A 1 146 ? 0.276   0.420   6.983   1.00 17.73 ? 145 MET A CG  1 
ATOM   1149 S  SD  . MET A 1 146 ? 0.675   -0.656  5.581   1.00 23.84 ? 145 MET A SD  1 
ATOM   1150 C  CE  . MET A 1 146 ? 2.249   0.032   5.056   1.00 19.24 ? 145 MET A CE  1 
ATOM   1151 N  N   . THR A 1 147 ? 3.078   -1.507  10.548  1.00 14.43 ? 146 THR A N   1 
ATOM   1152 C  CA  . THR A 1 147 ? 4.092   -1.398  11.592  1.00 15.44 ? 146 THR A CA  1 
ATOM   1153 C  C   . THR A 1 147 ? 5.138   -2.488  11.425  1.00 16.80 ? 146 THR A C   1 
ATOM   1154 O  O   . THR A 1 147 ? 4.805   -3.666  11.298  1.00 15.58 ? 146 THR A O   1 
ATOM   1155 C  CB  . THR A 1 147 ? 3.492   -1.549  13.005  1.00 17.06 ? 146 THR A CB  1 
ATOM   1156 O  OG1 . THR A 1 147 ? 2.519   -0.522  13.237  1.00 15.20 ? 146 THR A OG1 1 
ATOM   1157 C  CG2 . THR A 1 147 ? 4.593   -1.443  14.054  1.00 15.06 ? 146 THR A CG2 1 
ATOM   1158 N  N   . ALA A 1 148 ? 6.404   -2.091  11.435  1.00 19.08 ? 147 ALA A N   1 
ATOM   1159 C  CA  . ALA A 1 148 ? 7.497   -3.042  11.301  1.00 22.08 ? 147 ALA A CA  1 
ATOM   1160 C  C   . ALA A 1 148 ? 7.600   -3.886  12.568  1.00 24.49 ? 147 ALA A C   1 
ATOM   1161 O  O   . ALA A 1 148 ? 7.678   -3.353  13.675  1.00 24.56 ? 147 ALA A O   1 
ATOM   1162 C  CB  . ALA A 1 148 ? 8.809   -2.303  11.058  1.00 23.10 ? 147 ALA A CB  1 
ATOM   1163 N  N   . LYS A 1 149 ? 7.583   -5.201  12.404  1.00 26.84 ? 148 LYS A N   1 
ATOM   1164 C  CA  . LYS A 1 149 ? 7.695   -6.105  13.537  1.00 31.43 ? 148 LYS A CA  1 
ATOM   1165 C  C   . LYS A 1 149 ? 9.077   -6.739  13.521  1.00 33.90 ? 148 LYS A C   1 
ATOM   1166 O  O   . LYS A 1 149 ? 9.163   -7.983  13.444  1.00 36.53 ? 148 LYS A O   1 
ATOM   1167 C  CB  . LYS A 1 149 ? 6.614   -7.185  13.466  1.00 33.80 ? 148 LYS A CB  1 
ATOM   1168 C  CG  . LYS A 1 149 ? 5.212   -6.639  13.656  1.00 36.17 ? 148 LYS A CG  1 
ATOM   1169 C  CD  . LYS A 1 149 ? 5.075   -6.002  15.029  1.00 38.97 ? 148 LYS A CD  1 
ATOM   1170 C  CE  . LYS A 1 149 ? 3.862   -5.101  15.103  1.00 39.54 ? 148 LYS A CE  1 
ATOM   1171 N  NZ  . LYS A 1 149 ? 3.722   -4.474  16.448  1.00 40.29 ? 148 LYS A NZ  1 
ATOM   1172 O  OXT . LYS A 1 149 ? 10.059  -5.970  13.575  1.00 34.62 ? 148 LYS A OXT 1 
HETATM 1173 CA CA  . CA  B 2 .   ? 4.208   -1.356  -14.656 1.00 20.80 ? 377 CA  A CA  1 
HETATM 1174 CA CA  . CA  C 2 .   ? 14.881  -3.730  -10.110 1.00 14.46 ? 378 CA  A CA  1 
HETATM 1175 CA CA  . CA  D 2 .   ? -11.888 -4.366  12.417  1.00 7.90  ? 379 CA  A CA  1 
HETATM 1176 CA CA  . CA  E 2 .   ? -15.616 4.772   6.760   1.00 6.86  ? 380 CA  A CA  1 
HETATM 1177 O  O   . HOH F 3 .   ? -4.171  -5.176  11.265  1.00 10.72 ? 150 HOH A O   1 
HETATM 1178 O  O   . HOH F 3 .   ? -19.196 2.805   3.611   1.00 13.64 ? 151 HOH A O   1 
HETATM 1179 O  O   . HOH F 3 .   ? -2.927  -14.223 4.056   1.00 13.11 ? 152 HOH A O   1 
HETATM 1180 O  O   . HOH F 3 .   ? -19.575 -1.878  2.971   1.00 11.93 ? 153 HOH A O   1 
HETATM 1181 O  O   . HOH F 3 .   ? 12.880  3.090   -0.845  1.00 18.18 ? 154 HOH A O   1 
HETATM 1182 O  O   . HOH F 3 .   ? 18.746  8.440   -6.180  1.00 25.56 ? 155 HOH A O   1 
HETATM 1183 O  O   . HOH F 3 .   ? -16.037 -9.216  16.500  1.00 32.35 ? 156 HOH A O   1 
HETATM 1184 O  O   . HOH F 3 .   ? -5.056  11.901  2.370   1.00 13.91 ? 157 HOH A O   1 
HETATM 1185 O  O   . HOH F 3 .   ? -10.866 4.290   14.122  1.00 18.66 ? 158 HOH A O   1 
HETATM 1186 O  O   . HOH F 3 .   ? -16.501 -6.468  -1.767  1.00 13.79 ? 159 HOH A O   1 
HETATM 1187 O  O   . HOH F 3 .   ? 15.814  -4.372  -2.484  1.00 17.50 ? 160 HOH A O   1 
HETATM 1188 O  O   . HOH F 3 .   ? -9.692  7.066   -3.968  1.00 20.11 ? 161 HOH A O   1 
HETATM 1189 O  O   . HOH F 3 .   ? -12.960 -10.132 8.459   1.00 12.72 ? 162 HOH A O   1 
HETATM 1190 O  O   . HOH F 3 .   ? -6.427  9.642   8.844   1.00 16.99 ? 164 HOH A O   1 
HETATM 1191 O  O   . HOH F 3 .   ? 2.961   1.421   15.173  1.00 32.34 ? 165 HOH A O   1 
HETATM 1192 O  O   . HOH F 3 .   ? -16.965 -10.319 -7.161  1.00 19.34 ? 166 HOH A O   1 
HETATM 1193 O  O   . HOH F 3 .   ? 4.359   4.804   11.940  1.00 27.19 ? 167 HOH A O   1 
HETATM 1194 O  O   . HOH F 3 .   ? 19.481  7.787   -2.633  1.00 45.24 ? 168 HOH A O   1 
HETATM 1195 O  O   . HOH F 3 .   ? -13.461 -9.843  5.731   1.00 11.58 ? 169 HOH A O   1 
HETATM 1196 O  O   . HOH F 3 .   ? 15.884  2.070   -18.530 1.00 49.91 ? 170 HOH A O   1 
HETATM 1197 O  O   . HOH F 3 .   ? -14.797 -14.332 1.787   1.00 24.99 ? 172 HOH A O   1 
HETATM 1198 O  O   . HOH F 3 .   ? -2.050  0.409   16.301  1.00 23.02 ? 173 HOH A O   1 
HETATM 1199 O  O   . HOH F 3 .   ? -0.992  14.668  1.641   1.00 46.52 ? 174 HOH A O   1 
HETATM 1200 O  O   . HOH F 3 .   ? 14.455  -1.332  13.368  1.00 28.43 ? 175 HOH A O   1 
HETATM 1201 O  O   . HOH F 3 .   ? 5.973   12.642  -10.141 1.00 28.10 ? 176 HOH A O   1 
HETATM 1202 O  O   . HOH F 3 .   ? 14.072  -5.886  -10.886 1.00 18.50 ? 178 HOH A O   1 
HETATM 1203 O  O   . HOH F 3 .   ? 14.879  -9.023  -7.567  1.00 32.57 ? 179 HOH A O   1 
HETATM 1204 O  O   . HOH F 3 .   ? 14.050  1.350   -16.491 1.00 34.50 ? 180 HOH A O   1 
HETATM 1205 O  O   . HOH F 3 .   ? 12.888  9.409   -0.870  1.00 21.80 ? 181 HOH A O   1 
HETATM 1206 O  O   . HOH F 3 .   ? -11.139 10.323  6.612   1.00 20.23 ? 182 HOH A O   1 
HETATM 1207 O  O   . HOH F 3 .   ? 5.129   2.306   10.865  1.00 21.14 ? 183 HOH A O   1 
HETATM 1208 O  O   . HOH F 3 .   ? 11.342  3.665   -13.481 1.00 19.44 ? 184 HOH A O   1 
HETATM 1209 O  O   . HOH F 3 .   ? -14.071 5.446   14.852  1.00 29.44 ? 185 HOH A O   1 
HETATM 1210 O  O   . HOH F 3 .   ? -4.504  -9.458  0.535   1.00 17.10 ? 186 HOH A O   1 
HETATM 1211 O  O   . HOH F 3 .   ? -13.382 -8.102  18.958  1.00 15.43 ? 187 HOH A O   1 
HETATM 1212 O  O   . HOH F 3 .   ? -12.053 -14.350 0.589   1.00 14.81 ? 188 HOH A O   1 
HETATM 1213 O  O   . HOH F 3 .   ? -16.049 11.961  1.203   1.00 32.98 ? 189 HOH A O   1 
HETATM 1214 O  O   . HOH F 3 .   ? 22.386  -3.655  -13.519 1.00 21.36 ? 190 HOH A O   1 
HETATM 1215 O  O   . HOH F 3 .   ? -12.768 4.593   -0.098  1.00 33.24 ? 191 HOH A O   1 
HETATM 1216 O  O   . HOH F 3 .   ? 15.020  -1.760  7.994   1.00 28.93 ? 192 HOH A O   1 
HETATM 1217 O  O   . HOH F 3 .   ? -10.947 8.981   9.788   1.00 16.38 ? 193 HOH A O   1 
HETATM 1218 O  O   . HOH F 3 .   ? 1.981   11.581  -10.502 1.00 35.30 ? 194 HOH A O   1 
HETATM 1219 O  O   . HOH F 3 .   ? 0.656   -8.946  10.485  1.00 19.87 ? 195 HOH A O   1 
HETATM 1220 O  O   . HOH F 3 .   ? 1.935   -14.365 2.663   1.00 17.67 ? 196 HOH A O   1 
HETATM 1221 O  O   . HOH F 3 .   ? 13.040  -4.463  10.082  1.00 25.84 ? 197 HOH A O   1 
HETATM 1222 O  O   . HOH F 3 .   ? 6.259   -3.879  16.539  1.00 25.63 ? 198 HOH A O   1 
HETATM 1223 O  O   . HOH F 3 .   ? 9.115   6.119   -15.117 1.00 16.53 ? 199 HOH A O   1 
HETATM 1224 O  O   . HOH F 3 .   ? 5.791   -0.260  -16.313 1.00 29.04 ? 200 HOH A O   1 
HETATM 1225 O  O   . HOH F 3 .   ? -17.249 -13.180 -8.131  1.00 40.96 ? 202 HOH A O   1 
HETATM 1226 O  O   . HOH F 3 .   ? -16.941 3.036   7.203   1.00 20.25 ? 203 HOH A O   1 
HETATM 1227 O  O   . HOH F 3 .   ? -4.134  -12.953 0.040   1.00 33.09 ? 205 HOH A O   1 
HETATM 1228 O  O   . HOH F 3 .   ? -0.353  6.514   11.605  1.00 13.73 ? 207 HOH A O   1 
HETATM 1229 O  O   . HOH F 3 .   ? -12.784 0.798   16.841  1.00 22.41 ? 208 HOH A O   1 
HETATM 1230 O  O   . HOH F 3 .   ? 4.760   4.915   5.142   1.00 42.22 ? 209 HOH A O   1 
HETATM 1231 O  O   . HOH F 3 .   ? -8.898  -4.063  16.601  1.00 21.82 ? 210 HOH A O   1 
HETATM 1232 O  O   . HOH F 3 .   ? 14.482  4.508   -12.533 1.00 33.00 ? 211 HOH A O   1 
HETATM 1233 O  O   . HOH F 3 .   ? 15.455  -6.984  3.791   1.00 34.48 ? 214 HOH A O   1 
HETATM 1234 O  O   . HOH F 3 .   ? 5.433   14.945  -11.550 1.00 44.03 ? 218 HOH A O   1 
HETATM 1235 O  O   . HOH F 3 .   ? -8.799  8.195   12.197  1.00 37.33 ? 219 HOH A O   1 
HETATM 1236 O  O   . HOH F 3 .   ? -16.671 5.569   -0.749  1.00 19.67 ? 220 HOH A O   1 
HETATM 1237 O  O   . HOH F 3 .   ? 5.028   11.501  11.481  1.00 22.59 ? 221 HOH A O   1 
HETATM 1238 O  O   . HOH F 3 .   ? -11.841 -0.018  19.159  1.00 33.36 ? 223 HOH A O   1 
HETATM 1239 O  O   . HOH F 3 .   ? -0.934  -15.453 1.805   1.00 24.65 ? 224 HOH A O   1 
HETATM 1240 O  O   . HOH F 3 .   ? -2.215  -7.023  11.975  1.00 21.44 ? 225 HOH A O   1 
HETATM 1241 O  O   . HOH F 3 .   ? 14.201  -6.376  11.559  1.00 36.82 ? 226 HOH A O   1 
HETATM 1242 O  O   . HOH F 3 .   ? 1.753   4.858   12.698  1.00 23.73 ? 227 HOH A O   1 
HETATM 1243 O  O   . HOH F 3 .   ? -16.756 -11.582 18.104  1.00 17.61 ? 228 HOH A O   1 
HETATM 1244 O  O   . HOH F 3 .   ? 2.857   11.313  17.473  1.00 37.65 ? 229 HOH A O   1 
HETATM 1245 O  O   . HOH F 3 .   ? -5.844  -15.456 -0.910  1.00 35.72 ? 230 HOH A O   1 
HETATM 1246 O  O   . HOH F 3 .   ? -10.140 6.835   14.387  1.00 28.90 ? 232 HOH A O   1 
HETATM 1247 O  O   . HOH F 3 .   ? -6.684  -3.888  17.771  1.00 40.58 ? 233 HOH A O   1 
HETATM 1248 O  O   . HOH F 3 .   ? 17.594  -12.373 6.233   1.00 31.36 ? 234 HOH A O   1 
HETATM 1249 O  O   . HOH F 3 .   ? 6.559   10.159  -11.039 1.00 28.80 ? 235 HOH A O   1 
HETATM 1250 O  O   . HOH F 3 .   ? -11.412 12.778  8.425   1.00 34.17 ? 236 HOH A O   1 
HETATM 1251 O  O   . HOH F 3 .   ? -1.941  13.350  -2.636  1.00 42.92 ? 237 HOH A O   1 
HETATM 1252 O  O   . HOH F 3 .   ? 11.097  -11.606 -1.567  1.00 40.98 ? 239 HOH A O   1 
HETATM 1253 O  O   . HOH F 3 .   ? -9.159  -5.615  18.968  1.00 29.32 ? 240 HOH A O   1 
HETATM 1254 O  O   . HOH F 3 .   ? 6.991   -6.543  10.140  1.00 18.57 ? 241 HOH A O   1 
HETATM 1255 O  O   . HOH F 3 .   ? 8.528   15.710  0.673   1.00 26.65 ? 242 HOH A O   1 
HETATM 1256 O  O   . HOH F 3 .   ? -14.524 9.725   13.605  1.00 43.60 ? 243 HOH A O   1 
HETATM 1257 O  O   . HOH F 3 .   ? -0.915  6.107   15.946  1.00 28.83 ? 244 HOH A O   1 
HETATM 1258 O  O   . HOH F 3 .   ? -6.952  -7.376  -8.224  1.00 39.81 ? 246 HOH A O   1 
HETATM 1259 O  O   . HOH F 3 .   ? 1.592   5.352   15.432  1.00 33.23 ? 247 HOH A O   1 
HETATM 1260 O  O   . HOH F 3 .   ? -15.296 -11.331 9.201   1.00 43.16 ? 248 HOH A O   1 
HETATM 1261 O  O   . HOH F 3 .   ? 1.213   -13.231 9.834   1.00 22.82 ? 249 HOH A O   1 
HETATM 1262 O  O   . HOH F 3 .   ? -10.271 -11.399 10.793  1.00 25.54 ? 250 HOH A O   1 
HETATM 1263 O  O   . HOH F 3 .   ? 6.498   8.974   12.187  1.00 21.53 ? 251 HOH A O   1 
HETATM 1264 O  O   . HOH F 3 .   ? -17.251 -7.974  0.152   1.00 49.68 ? 252 HOH A O   1 
HETATM 1265 O  O   . HOH F 3 .   ? -15.795 7.593   -7.884  1.00 33.38 ? 253 HOH A O   1 
HETATM 1266 O  O   . HOH F 3 .   ? -4.783  4.120   17.796  1.00 43.67 ? 254 HOH A O   1 
HETATM 1267 O  O   . HOH F 3 .   ? 10.649  3.193   0.938   1.00 22.68 ? 256 HOH A O   1 
HETATM 1268 O  O   . HOH F 3 .   ? 17.232  -2.085  6.769   1.00 17.56 ? 257 HOH A O   1 
HETATM 1269 O  O   . HOH F 3 .   ? 2.480   12.336  12.764  1.00 26.48 ? 258 HOH A O   1 
HETATM 1270 O  O   . HOH F 3 .   ? -15.515 -8.260  4.316   1.00 36.65 ? 259 HOH A O   1 
HETATM 1271 O  O   . HOH F 3 .   ? -20.650 -3.673  0.892   1.00 27.07 ? 260 HOH A O   1 
HETATM 1272 O  O   . HOH F 3 .   ? -6.343  9.898   11.448  1.00 29.29 ? 262 HOH A O   1 
HETATM 1273 O  O   . HOH F 3 .   ? 6.973   0.570   12.270  1.00 26.70 ? 263 HOH A O   1 
HETATM 1274 O  O   . HOH F 3 .   ? -2.230  -15.049 -0.419  1.00 28.23 ? 264 HOH A O   1 
HETATM 1275 O  O   . HOH F 3 .   ? -20.141 1.705   8.200   1.00 33.62 ? 267 HOH A O   1 
HETATM 1276 O  O   . HOH F 3 .   ? -2.605  -4.874  -19.366 1.00 49.02 ? 268 HOH A O   1 
HETATM 1277 O  O   . HOH F 3 .   ? -12.615 7.928   15.062  1.00 42.91 ? 270 HOH A O   1 
HETATM 1278 O  O   . HOH F 3 .   ? -19.647 -8.651  -0.151  1.00 41.80 ? 272 HOH A O   1 
HETATM 1279 O  O   . HOH F 3 .   ? -5.778  -4.575  -18.575 1.00 28.23 ? 273 HOH A O   1 
HETATM 1280 O  O   . HOH F 3 .   ? -10.275 10.660  -1.383  1.00 40.78 ? 274 HOH A O   1 
HETATM 1281 O  O   . HOH F 3 .   ? -1.309  9.760   14.202  1.00 30.36 ? 275 HOH A O   1 
HETATM 1282 O  O   . HOH F 3 .   ? -2.495  -4.301  17.197  1.00 40.66 ? 276 HOH A O   1 
HETATM 1283 O  O   . HOH F 3 .   ? -17.148 -3.717  5.360   1.00 17.56 ? 277 HOH A O   1 
HETATM 1284 O  O   . HOH F 3 .   ? -8.120  -2.060  3.911   1.00 40.12 ? 279 HOH A O   1 
HETATM 1285 O  O   . HOH F 3 .   ? 8.321   -11.818 -7.742  1.00 37.13 ? 280 HOH A O   1 
HETATM 1286 O  O   . HOH F 3 .   ? 14.980  11.348  -0.702  1.00 30.67 ? 281 HOH A O   1 
HETATM 1287 O  O   . HOH F 3 .   ? 16.682  -7.241  -7.181  1.00 21.94 ? 282 HOH A O   1 
HETATM 1288 O  O   . HOH F 3 .   ? 3.861   10.205  -11.634 1.00 26.38 ? 283 HOH A O   1 
HETATM 1289 O  O   . HOH F 3 .   ? 6.058   16.917  -0.249  1.00 40.24 ? 284 HOH A O   1 
HETATM 1290 O  O   . HOH F 3 .   ? 11.937  -9.192  -0.360  1.00 22.75 ? 285 HOH A O   1 
HETATM 1291 O  O   . HOH F 3 .   ? -2.397  -11.567 -1.389  1.00 27.04 ? 286 HOH A O   1 
HETATM 1292 O  O   . HOH F 3 .   ? 6.470   15.503  6.512   1.00 34.83 ? 287 HOH A O   1 
HETATM 1293 O  O   . HOH F 3 .   ? -17.251 -6.938  5.607   1.00 35.97 ? 288 HOH A O   1 
HETATM 1294 O  O   . HOH F 3 .   ? 16.410  6.939   3.135   1.00 42.91 ? 289 HOH A O   1 
HETATM 1295 O  O   . HOH F 3 .   ? -12.510 -2.314  13.475  1.00 5.78  ? 291 HOH A O   1 
HETATM 1296 O  O   . HOH F 3 .   ? -3.866  -9.064  11.332  1.00 45.11 ? 293 HOH A O   1 
HETATM 1297 O  O   . HOH F 3 .   ? 12.079  -5.018  -12.465 1.00 43.21 ? 295 HOH A O   1 
HETATM 1298 O  O   . HOH F 3 .   ? 4.292   -14.374 10.038  1.00 27.27 ? 296 HOH A O   1 
HETATM 1299 O  O   . HOH F 3 .   ? -19.073 3.537   6.205   1.00 27.95 ? 297 HOH A O   1 
HETATM 1300 O  O   . HOH F 3 .   ? 0.777   -0.482  16.195  1.00 25.34 ? 298 HOH A O   1 
HETATM 1301 O  O   . HOH F 3 .   ? -10.139 -11.728 13.515  1.00 38.36 ? 300 HOH A O   1 
HETATM 1302 O  O   . HOH F 3 .   ? -2.921  10.244  -8.892  1.00 31.23 ? 302 HOH A O   1 
HETATM 1303 O  O   . HOH F 3 .   ? 8.764   6.003   12.535  1.00 39.46 ? 303 HOH A O   1 
HETATM 1304 O  O   . HOH F 3 .   ? 1.921   2.635   -16.382 1.00 18.74 ? 305 HOH A O   1 
HETATM 1305 O  O   . HOH F 3 .   ? -8.584  -1.419  17.673  1.00 33.14 ? 306 HOH A O   1 
HETATM 1306 O  O   . HOH F 3 .   ? 8.576   -1.443  -16.794 1.00 41.47 ? 307 HOH A O   1 
HETATM 1307 O  O   . HOH F 3 .   ? -6.714  -5.262  20.179  1.00 43.60 ? 310 HOH A O   1 
HETATM 1308 O  O   . HOH F 3 .   ? -4.884  -10.497 -2.821  1.00 39.56 ? 311 HOH A O   1 
HETATM 1309 O  O   . HOH F 3 .   ? 7.903   5.399   -17.381 1.00 25.83 ? 312 HOH A O   1 
HETATM 1310 O  O   . HOH F 3 .   ? -11.555 -2.731  18.274  1.00 33.81 ? 313 HOH A O   1 
HETATM 1311 O  O   . HOH F 3 .   ? 18.208  -3.184  -1.113  1.00 35.51 ? 314 HOH A O   1 
HETATM 1312 O  O   . HOH F 3 .   ? -15.111 -11.742 12.277  1.00 28.50 ? 316 HOH A O   1 
HETATM 1313 O  O   . HOH F 3 .   ? 3.832   10.183  20.612  1.00 39.39 ? 317 HOH A O   1 
HETATM 1314 O  O   . HOH F 3 .   ? -1.461  16.586  4.487   1.00 33.12 ? 320 HOH A O   1 
HETATM 1315 O  O   . HOH F 3 .   ? 15.965  3.196   1.484   1.00 47.98 ? 321 HOH A O   1 
HETATM 1316 O  O   . HOH F 3 .   ? 22.509  -4.219  -4.934  1.00 42.67 ? 323 HOH A O   1 
HETATM 1317 O  O   . HOH F 3 .   ? -17.547 -2.672  11.183  1.00 31.44 ? 325 HOH A O   1 
HETATM 1318 O  O   . HOH F 3 .   ? 1.881   6.186   -14.528 1.00 52.06 ? 327 HOH A O   1 
HETATM 1319 O  O   . HOH F 3 .   ? -7.498  4.916   17.208  1.00 38.12 ? 328 HOH A O   1 
HETATM 1320 O  O   . HOH F 3 .   ? 8.788   11.172  0.565   1.00 36.12 ? 329 HOH A O   1 
HETATM 1321 O  O   . HOH F 3 .   ? 3.634   13.356  4.757   1.00 38.51 ? 330 HOH A O   1 
HETATM 1322 O  O   . HOH F 3 .   ? 9.389   8.850   -14.581 1.00 44.79 ? 333 HOH A O   1 
HETATM 1323 O  O   . HOH F 3 .   ? -2.669  3.443   16.450  1.00 33.42 ? 334 HOH A O   1 
HETATM 1324 O  O   . HOH F 3 .   ? 7.183   13.591  1.477   1.00 50.31 ? 336 HOH A O   1 
HETATM 1325 O  O   . HOH F 3 .   ? 10.550  -5.118  10.476  1.00 28.96 ? 337 HOH A O   1 
HETATM 1326 O  O   . HOH F 3 .   ? -12.643 4.137   16.691  1.00 35.97 ? 339 HOH A O   1 
HETATM 1327 O  O   . HOH F 3 .   ? -3.295  -2.929  -11.668 1.00 28.85 ? 340 HOH A O   1 
HETATM 1328 O  O   . HOH F 3 .   ? -2.514  -11.032 -4.664  1.00 41.49 ? 342 HOH A O   1 
HETATM 1329 O  O   . HOH F 3 .   ? 5.167   1.263   16.444  1.00 35.86 ? 343 HOH A O   1 
HETATM 1330 O  O   . HOH F 3 .   ? 1.308   3.619   -0.261  1.00 46.79 ? 344 HOH A O   1 
HETATM 1331 O  O   . HOH F 3 .   ? 5.186   -16.944 9.562   1.00 47.99 ? 348 HOH A O   1 
HETATM 1332 O  O   . HOH F 3 .   ? 8.139   -9.608  -9.395  1.00 29.37 ? 350 HOH A O   1 
HETATM 1333 O  O   . HOH F 3 .   ? 8.038   -5.749  17.381  1.00 41.46 ? 357 HOH A O   1 
HETATM 1334 O  O   . HOH F 3 .   ? 10.613  16.322  1.787   1.00 19.33 ? 359 HOH A O   1 
HETATM 1335 O  O   . HOH F 3 .   ? -4.307  -3.265  15.747  1.00 26.82 ? 361 HOH A O   1 
HETATM 1336 O  O   . HOH F 3 .   ? 7.011   -13.642 6.866   1.00 37.61 ? 362 HOH A O   1 
HETATM 1337 O  O   . HOH F 3 .   ? 8.753   -13.141 -5.094  1.00 36.40 ? 364 HOH A O   1 
HETATM 1338 O  O   . HOH F 3 .   ? 2.594   -17.062 -2.170  1.00 42.42 ? 366 HOH A O   1 
HETATM 1339 O  O   . HOH F 3 .   ? -4.844  -1.464  -0.063  1.00 35.63 ? 367 HOH A O   1 
HETATM 1340 O  O   . HOH F 3 .   ? -2.492  -1.265  0.973   1.00 34.43 ? 368 HOH A O   1 
HETATM 1341 O  O   . HOH F 3 .   ? 0.074   2.060   1.581   1.00 35.79 ? 369 HOH A O   1 
HETATM 1342 O  O   . HOH F 3 .   ? 3.295   3.380   1.196   1.00 34.95 ? 370 HOH A O   1 
HETATM 1343 O  O   . HOH F 3 .   ? 5.418   8.339   -0.823  1.00 31.70 ? 371 HOH A O   1 
HETATM 1344 O  O   . HOH F 3 .   ? -2.617  -1.671  5.084   1.00 28.47 ? 372 HOH A O   1 
HETATM 1345 O  O   . HOH F 3 .   ? -5.390  -2.166  3.214   1.00 29.66 ? 373 HOH A O   1 
HETATM 1346 O  O   . HOH F 3 .   ? -6.430  -12.558 11.844  1.00 27.47 ? 374 HOH A O   1 
HETATM 1347 O  O   . HOH F 3 .   ? -4.537  -13.465 10.791  1.00 28.49 ? 375 HOH A O   1 
HETATM 1348 O  O   . HOH F 3 .   ? 2.607   -5.773  12.443  1.00 27.84 ? 376 HOH A O   1 
# 
